data_8YRA
#
_entry.id   8YRA
#
_cell.length_a   1.00
_cell.length_b   1.00
_cell.length_c   1.00
_cell.angle_alpha   90.00
_cell.angle_beta   90.00
_cell.angle_gamma   90.00
#
_symmetry.space_group_name_H-M   'P 1'
#
loop_
_entity.id
_entity.type
_entity.pdbx_description
1 polymer 'Chloride anion exchanger'
2 non-polymer 'CHOLESTEROL HEMISUCCINATE'
3 non-polymer '2-[7-[(3-bromophenyl)methoxy]-4,8-dimethyl-2-oxidanylidene-chromen-3-yl]ethanoic acid'
#
_entity_poly.entity_id   1
_entity_poly.type   'polypeptide(L)'
_entity_poly.pdbx_seq_one_letter_code
;MIEPFGNQYIVARPVYSTNAFEENHKKTGRHHKTFLDHLKVCCSCSPQKAKRIVLSLFPIASWLPAYRLKEWLLSDIVSG
ISTGIVAVLQGLAFALLVDIPPVYGLYASFFPAIIYLFFGTSRHISVGPFPILSMMVGLAVSGAVSKAVPDRNATTLGLP
NNSNNSSLLDDERVRVAAAASVTVLSGIIQLAFGILRIGFVVIYLSESLISGFTTAAAVHVLVSQLKFIFQLTVPSHTDP
VSIFKVLYSVFSQIEKTNIADLVTALIVLLVVSIVKEINQRFKDKLPVPIPIEFIMTVIAAGVSYGCDFKNRFKVAVVGD
MNPGFQPPITPDVETFQNTVGDCFGIAMVAFAVAFSVASVYSLKYDYPLDGNQELIALGLGNIVCGVFRGFAGSTALSRS
AVQESTGGKTQIAGLIGAIIVLIVVLAIGFLLAPLQKSVLAALALGNLKGMLMQFAEIGRLWRKDKYDCLIWIMTFIFTI
VLGLGLGLAASVAFQLLTIVFRTQFPKCSTLANIGRTNIYKNKKDYYDMYEPEGVKIFRCPSPIYFANIGFFRRKLIDAV
GFSPLRILRKRNKALRKIRKLQKQGLLQVTPKGFICTVDTIKDSDEELDNNQIEVLDQPINTTDLPFHIDWNDDLPLNIE
VPKISLHSLILDFSAVSFLDVSSVRGLKSILQEFIRIKVDVYIVGTDDDFIEKLNRYEFFDGEVKSSIFFLTIHDAVLHI
LMKKDYSTSKFNPSQEKDGKIDFTINTNGGLRNRVYEVPVETKF
;
_entity_poly.pdbx_strand_id   A,B
#
# COMPACT_ATOMS: atom_id res chain seq x y z
N GLN A 8 34.75 -20.98 22.61
CA GLN A 8 33.61 -21.79 22.18
C GLN A 8 32.31 -21.27 22.77
N TYR A 9 31.20 -21.58 22.10
CA TYR A 9 29.87 -21.15 22.54
C TYR A 9 29.45 -22.03 23.72
N ILE A 10 29.51 -21.48 24.92
CA ILE A 10 29.18 -22.20 26.15
C ILE A 10 28.04 -21.46 26.84
N VAL A 11 27.01 -22.20 27.23
CA VAL A 11 25.84 -21.63 27.88
C VAL A 11 25.23 -22.67 28.81
N ALA A 12 24.82 -22.23 30.00
CA ALA A 12 24.17 -23.11 30.96
C ALA A 12 23.17 -22.27 31.75
N ARG A 13 21.90 -22.38 31.38
CA ARG A 13 20.83 -21.59 31.96
C ARG A 13 19.58 -22.46 32.06
N PRO A 14 18.65 -22.10 32.94
CA PRO A 14 17.37 -22.81 32.99
C PRO A 14 16.52 -22.52 31.76
N VAL A 15 15.61 -23.44 31.46
CA VAL A 15 14.70 -23.27 30.34
C VAL A 15 13.66 -22.21 30.68
N TYR A 16 13.55 -21.20 29.83
CA TYR A 16 12.68 -20.06 30.08
C TYR A 16 11.50 -20.07 29.11
N SER A 17 10.41 -19.42 29.54
CA SER A 17 9.20 -19.37 28.75
C SER A 17 8.53 -18.00 28.84
N THR A 18 9.34 -16.93 28.96
CA THR A 18 8.91 -15.53 28.96
C THR A 18 7.85 -15.25 30.02
N ASN A 19 7.55 -16.24 30.85
CA ASN A 19 6.70 -16.08 32.02
C ASN A 19 7.47 -16.35 33.30
N ALA A 20 8.14 -17.50 33.39
CA ALA A 20 9.13 -17.69 34.44
C ALA A 20 10.27 -16.69 34.30
N PHE A 21 10.62 -16.33 33.08
CA PHE A 21 11.67 -15.34 32.85
C PHE A 21 11.27 -13.98 33.40
N GLU A 22 10.01 -13.59 33.20
CA GLU A 22 9.55 -12.31 33.72
C GLU A 22 9.60 -12.30 35.25
N GLU A 23 9.20 -13.40 35.88
CA GLU A 23 9.25 -13.48 37.34
C GLU A 23 10.69 -13.44 37.85
N ASN A 24 11.59 -14.17 37.18
CA ASN A 24 12.97 -14.23 37.65
C ASN A 24 13.68 -12.89 37.49
N HIS A 25 13.43 -12.20 36.39
CA HIS A 25 14.09 -10.93 36.08
C HIS A 25 13.04 -9.82 36.09
N LYS A 26 13.08 -8.99 37.13
CA LYS A 26 12.11 -7.91 37.27
C LYS A 26 12.34 -6.84 36.21
N LYS A 27 11.27 -6.14 35.87
CA LYS A 27 11.30 -5.12 34.83
C LYS A 27 11.37 -3.73 35.45
N THR A 28 11.84 -2.77 34.64
CA THR A 28 11.98 -1.40 35.12
C THR A 28 10.64 -0.71 35.32
N GLY A 29 9.56 -1.24 34.74
CA GLY A 29 8.25 -0.65 34.90
C GLY A 29 8.12 0.75 34.36
N ARG A 30 8.65 0.97 33.16
CA ARG A 30 8.57 2.28 32.53
C ARG A 30 7.13 2.64 32.21
N HIS A 31 6.78 3.91 32.41
CA HIS A 31 5.43 4.39 32.14
C HIS A 31 5.34 4.89 30.71
N HIS A 32 4.50 4.24 29.90
CA HIS A 32 4.30 4.67 28.52
C HIS A 32 3.61 6.03 28.49
N LYS A 33 4.00 6.86 27.54
CA LYS A 33 3.44 8.20 27.43
C LYS A 33 1.96 8.12 27.09
N THR A 34 1.16 8.92 27.79
CA THR A 34 -0.29 8.95 27.59
C THR A 34 -0.64 10.03 26.56
N PHE A 35 -1.91 10.37 26.48
CA PHE A 35 -2.35 11.45 25.60
C PHE A 35 -2.37 12.80 26.30
N LEU A 36 -2.58 12.81 27.61
CA LEU A 36 -2.64 14.07 28.34
C LEU A 36 -1.25 14.70 28.47
N ASP A 37 -0.23 13.90 28.80
CA ASP A 37 1.11 14.44 29.01
C ASP A 37 1.70 14.98 27.72
N HIS A 38 1.41 14.34 26.58
CA HIS A 38 1.90 14.86 25.30
C HIS A 38 1.39 16.27 25.05
N LEU A 39 0.07 16.47 25.20
CA LEU A 39 -0.50 17.80 25.03
C LEU A 39 0.04 18.78 26.05
N LYS A 40 0.20 18.33 27.29
CA LYS A 40 0.75 19.19 28.34
C LYS A 40 2.14 19.68 27.96
N VAL A 41 2.99 18.80 27.43
CA VAL A 41 4.36 19.20 27.17
C VAL A 41 4.48 20.01 25.88
N CYS A 42 3.62 19.77 24.87
CA CYS A 42 3.72 20.64 23.70
C CYS A 42 3.11 22.00 23.96
N CYS A 43 2.10 22.08 24.83
CA CYS A 43 1.46 23.35 25.15
C CYS A 43 2.15 24.11 26.26
N SER A 44 3.13 23.52 26.93
CA SER A 44 3.85 24.18 28.02
C SER A 44 4.87 25.13 27.40
N CYS A 45 4.44 26.34 27.12
CA CYS A 45 5.32 27.34 26.52
C CYS A 45 6.41 27.75 27.50
N SER A 46 7.60 28.01 26.97
CA SER A 46 8.74 28.44 27.75
C SER A 46 9.53 29.47 26.94
N PRO A 47 10.18 30.42 27.60
CA PRO A 47 10.95 31.43 26.86
C PRO A 47 12.03 30.82 25.97
N GLN A 48 12.74 29.80 26.45
CA GLN A 48 13.72 29.14 25.59
C GLN A 48 13.05 28.40 24.44
N LYS A 49 11.92 27.74 24.72
CA LYS A 49 11.18 27.06 23.65
C LYS A 49 10.65 28.07 22.64
N ALA A 50 10.14 29.22 23.13
CA ALA A 50 9.66 30.25 22.20
C ALA A 50 10.79 30.79 21.34
N LYS A 51 11.96 31.03 21.95
CA LYS A 51 13.10 31.50 21.18
C LYS A 51 13.53 30.49 20.13
N ARG A 52 13.57 29.21 20.50
CA ARG A 52 13.95 28.18 19.55
C ARG A 52 12.95 28.08 18.40
N ILE A 53 11.66 28.13 18.71
CA ILE A 53 10.65 28.02 17.66
C ILE A 53 10.69 29.25 16.75
N VAL A 54 10.99 30.43 17.30
CA VAL A 54 11.07 31.62 16.48
C VAL A 54 12.30 31.56 15.58
N LEU A 55 13.43 31.13 16.11
CA LEU A 55 14.63 30.97 15.29
C LEU A 55 14.41 29.93 14.20
N SER A 56 13.66 28.88 14.51
CA SER A 56 13.31 27.90 13.48
C SER A 56 12.42 28.51 12.41
N LEU A 57 11.46 29.34 12.82
CA LEU A 57 10.57 29.99 11.86
C LEU A 57 11.29 31.07 11.05
N PHE A 58 12.40 31.59 11.56
CA PHE A 58 13.22 32.57 10.84
C PHE A 58 14.66 32.07 10.83
N PRO A 59 14.96 31.07 9.99
CA PRO A 59 16.32 30.51 9.98
C PRO A 59 17.38 31.50 9.57
N ILE A 60 17.01 32.60 8.90
CA ILE A 60 17.99 33.57 8.42
C ILE A 60 18.81 34.11 9.59
N ALA A 61 18.14 34.53 10.66
CA ALA A 61 18.83 35.07 11.81
C ALA A 61 19.76 34.05 12.45
N SER A 62 19.56 32.77 12.15
CA SER A 62 20.47 31.74 12.66
C SER A 62 21.87 31.90 12.08
N TRP A 63 21.98 32.25 10.79
CA TRP A 63 23.27 32.17 10.13
C TRP A 63 23.81 33.51 9.62
N LEU A 64 22.99 34.56 9.53
CA LEU A 64 23.54 35.86 9.13
C LEU A 64 24.59 36.38 10.10
N PRO A 65 24.37 36.41 11.42
CA PRO A 65 25.45 36.86 12.32
C PRO A 65 26.68 35.96 12.28
N ALA A 66 26.53 34.71 11.87
CA ALA A 66 27.65 33.78 11.80
C ALA A 66 28.40 33.85 10.48
N TYR A 67 27.99 34.73 9.58
CA TYR A 67 28.68 34.88 8.29
C TYR A 67 30.12 35.31 8.52
N ARG A 68 31.05 34.67 7.83
CA ARG A 68 32.47 35.00 7.89
C ARG A 68 32.83 35.76 6.62
N LEU A 69 33.06 37.06 6.76
CA LEU A 69 33.28 37.93 5.60
C LEU A 69 34.77 38.03 5.25
N LYS A 70 35.43 36.89 5.17
CA LYS A 70 36.82 36.85 4.73
C LYS A 70 37.05 35.83 3.62
N GLU A 71 36.36 34.69 3.67
CA GLU A 71 36.56 33.63 2.70
C GLU A 71 35.30 33.30 1.91
N TRP A 72 34.18 33.96 2.20
CA TRP A 72 32.91 33.66 1.54
C TRP A 72 32.48 34.72 0.55
N LEU A 73 32.75 36.00 0.81
CA LEU A 73 32.12 37.07 0.05
C LEU A 73 32.49 37.01 -1.43
N LEU A 74 33.77 36.78 -1.75
CA LEU A 74 34.18 36.74 -3.15
C LEU A 74 33.56 35.54 -3.86
N SER A 75 33.68 34.36 -3.27
CA SER A 75 33.06 33.18 -3.87
C SER A 75 31.56 33.33 -3.94
N ASP A 76 30.95 33.89 -2.90
CA ASP A 76 29.50 34.05 -2.88
C ASP A 76 29.04 35.00 -3.98
N ILE A 77 29.76 36.11 -4.18
CA ILE A 77 29.33 37.07 -5.20
C ILE A 77 29.53 36.50 -6.59
N VAL A 78 30.63 35.76 -6.81
CA VAL A 78 30.85 35.15 -8.11
C VAL A 78 29.74 34.14 -8.41
N SER A 79 29.43 33.29 -7.42
CA SER A 79 28.36 32.31 -7.61
C SER A 79 27.02 32.99 -7.82
N GLY A 80 26.76 34.07 -7.10
CA GLY A 80 25.52 34.78 -7.28
C GLY A 80 25.37 35.36 -8.67
N ILE A 81 26.44 35.95 -9.20
CA ILE A 81 26.38 36.51 -10.55
C ILE A 81 26.13 35.40 -11.57
N SER A 82 26.88 34.30 -11.46
CA SER A 82 26.72 33.22 -12.43
C SER A 82 25.33 32.61 -12.34
N THR A 83 24.85 32.35 -11.12
CA THR A 83 23.53 31.76 -10.98
C THR A 83 22.43 32.72 -11.38
N GLY A 84 22.64 34.03 -11.24
CA GLY A 84 21.66 34.98 -11.72
C GLY A 84 21.55 34.98 -13.23
N ILE A 85 22.69 34.94 -13.92
CA ILE A 85 22.65 34.88 -15.38
C ILE A 85 21.97 33.59 -15.84
N VAL A 86 22.37 32.46 -15.24
CA VAL A 86 21.75 31.20 -15.64
C VAL A 86 20.28 31.19 -15.25
N ALA A 87 19.91 31.92 -14.20
CA ALA A 87 18.52 31.92 -13.75
C ALA A 87 17.64 32.74 -14.68
N VAL A 88 18.12 33.88 -15.15
CA VAL A 88 17.32 34.66 -16.09
C VAL A 88 17.18 33.89 -17.41
N LEU A 89 18.26 33.26 -17.86
CA LEU A 89 18.16 32.45 -19.09
C LEU A 89 17.16 31.31 -18.90
N GLN A 90 17.24 30.60 -17.77
CA GLN A 90 16.35 29.48 -17.52
C GLN A 90 14.90 29.94 -17.37
N GLY A 91 14.69 31.09 -16.74
CA GLY A 91 13.33 31.62 -16.62
C GLY A 91 12.74 31.97 -17.97
N LEU A 92 13.53 32.62 -18.82
CA LEU A 92 13.07 32.88 -20.18
C LEU A 92 12.70 31.59 -20.90
N ALA A 93 13.53 30.56 -20.74
CA ALA A 93 13.26 29.29 -21.40
C ALA A 93 11.98 28.64 -20.85
N PHE A 94 11.83 28.63 -19.53
CA PHE A 94 10.76 27.84 -18.90
C PHE A 94 9.41 28.52 -18.99
N ALA A 95 9.38 29.86 -19.00
CA ALA A 95 8.09 30.55 -19.11
C ALA A 95 7.38 30.20 -20.40
N LEU A 96 8.12 29.81 -21.43
CA LEU A 96 7.52 29.41 -22.69
C LEU A 96 6.79 28.09 -22.59
N LEU A 97 7.15 27.24 -21.64
CA LEU A 97 6.47 25.96 -21.48
C LEU A 97 5.03 26.13 -21.03
N VAL A 98 4.65 27.30 -20.51
CA VAL A 98 3.31 27.54 -20.03
C VAL A 98 2.46 28.30 -21.06
N ASP A 99 3.03 28.60 -22.22
CA ASP A 99 2.34 29.36 -23.28
C ASP A 99 1.90 30.73 -22.77
N ILE A 100 2.75 31.35 -21.96
CA ILE A 100 2.52 32.69 -21.44
C ILE A 100 3.70 33.55 -21.88
N PRO A 101 3.52 34.87 -21.91
CA PRO A 101 4.63 35.74 -22.30
C PRO A 101 5.82 35.53 -21.39
N PRO A 102 7.04 35.57 -21.94
CA PRO A 102 8.23 35.23 -21.13
C PRO A 102 8.47 36.19 -19.98
N VAL A 103 7.83 37.36 -19.96
CA VAL A 103 8.09 38.35 -18.92
C VAL A 103 7.87 37.73 -17.55
N TYR A 104 6.74 37.07 -17.37
CA TYR A 104 6.38 36.51 -16.07
C TYR A 104 7.41 35.49 -15.60
N GLY A 105 8.16 34.90 -16.54
CA GLY A 105 9.20 33.98 -16.15
C GLY A 105 10.19 34.61 -15.19
N LEU A 106 10.58 35.85 -15.45
CA LEU A 106 11.48 36.55 -14.54
C LEU A 106 10.94 36.55 -13.13
N TYR A 107 9.63 36.77 -12.99
CA TYR A 107 9.01 36.77 -11.67
C TYR A 107 9.21 35.43 -10.98
N ALA A 108 9.01 34.33 -11.72
CA ALA A 108 9.19 33.02 -11.11
C ALA A 108 10.63 32.77 -10.72
N SER A 109 11.57 33.49 -11.30
CA SER A 109 12.97 33.38 -10.92
C SER A 109 13.39 34.42 -9.89
N PHE A 110 12.49 35.34 -9.52
CA PHE A 110 12.84 36.42 -8.61
C PHE A 110 12.07 36.35 -7.30
N PHE A 111 10.75 36.33 -7.34
CA PHE A 111 9.96 36.51 -6.12
C PHE A 111 10.16 35.40 -5.10
N PRO A 112 10.00 34.11 -5.43
CA PRO A 112 10.16 33.10 -4.38
C PRO A 112 11.54 33.09 -3.75
N ALA A 113 12.59 33.23 -4.57
CA ALA A 113 13.96 33.16 -4.06
C ALA A 113 14.17 34.16 -2.93
N ILE A 114 13.76 35.41 -3.14
CA ILE A 114 13.89 36.43 -2.10
C ILE A 114 13.18 35.96 -0.84
N ILE A 115 11.94 35.49 -0.97
CA ILE A 115 11.21 34.99 0.19
C ILE A 115 11.98 33.86 0.82
N TYR A 116 12.51 32.95 0.00
CA TYR A 116 13.26 31.81 0.53
C TYR A 116 14.44 32.29 1.36
N LEU A 117 15.07 33.39 0.96
CA LEU A 117 16.21 33.91 1.71
C LEU A 117 15.84 34.16 3.16
N PHE A 118 14.63 34.64 3.42
CA PHE A 118 14.19 34.94 4.77
C PHE A 118 13.45 33.79 5.42
N PHE A 119 13.26 32.68 4.72
CA PHE A 119 12.57 31.54 5.33
C PHE A 119 13.18 30.19 5.04
N GLY A 120 14.05 30.06 4.05
CA GLY A 120 14.64 28.77 3.74
C GLY A 120 15.75 28.39 4.70
N THR A 121 15.94 27.08 4.85
CA THR A 121 16.97 26.56 5.73
C THR A 121 18.17 25.97 4.99
N SER A 122 18.02 25.62 3.71
CA SER A 122 19.14 25.11 2.95
C SER A 122 20.14 26.21 2.65
N ARG A 123 21.32 25.82 2.19
CA ARG A 123 22.40 26.77 1.98
C ARG A 123 23.01 26.70 0.59
N HIS A 124 22.51 25.87 -0.31
CA HIS A 124 23.15 25.74 -1.61
C HIS A 124 22.17 25.84 -2.78
N ILE A 125 20.92 25.41 -2.57
CA ILE A 125 19.98 25.37 -3.69
C ILE A 125 19.64 26.78 -4.14
N SER A 126 19.17 26.88 -5.38
CA SER A 126 18.80 28.15 -6.01
C SER A 126 17.33 28.08 -6.40
N VAL A 127 16.48 28.81 -5.67
CA VAL A 127 15.05 28.71 -5.88
C VAL A 127 14.67 29.35 -7.21
N GLY A 128 13.61 28.81 -7.83
CA GLY A 128 13.11 29.31 -9.09
C GLY A 128 12.17 28.32 -9.74
N PRO A 129 11.97 28.45 -11.05
CA PRO A 129 11.20 27.43 -11.76
C PRO A 129 12.08 26.36 -12.35
N PHE A 130 11.56 25.14 -12.40
CA PHE A 130 12.23 24.09 -13.15
C PHE A 130 11.25 23.50 -14.16
N PRO A 131 11.73 23.05 -15.32
CA PRO A 131 10.84 22.86 -16.47
C PRO A 131 9.68 21.92 -16.22
N ILE A 132 9.86 20.91 -15.35
CA ILE A 132 8.76 20.01 -15.04
C ILE A 132 7.63 20.75 -14.35
N LEU A 133 7.97 21.60 -13.38
CA LEU A 133 6.93 22.33 -12.66
C LEU A 133 6.22 23.30 -13.59
N SER A 134 6.96 23.90 -14.51
CA SER A 134 6.33 24.75 -15.52
C SER A 134 5.39 23.96 -16.41
N MET A 135 5.79 22.74 -16.80
CA MET A 135 4.91 21.92 -17.62
C MET A 135 3.64 21.54 -16.87
N MET A 136 3.77 21.22 -15.58
CA MET A 136 2.59 20.90 -14.79
C MET A 136 1.69 22.11 -14.63
N VAL A 137 2.29 23.29 -14.44
CA VAL A 137 1.49 24.52 -14.41
C VAL A 137 0.74 24.70 -15.72
N GLY A 138 1.41 24.47 -16.84
CA GLY A 138 0.76 24.63 -18.13
C GLY A 138 -0.39 23.66 -18.32
N LEU A 139 -0.20 22.41 -17.92
CA LEU A 139 -1.28 21.43 -18.02
C LEU A 139 -2.45 21.82 -17.14
N ALA A 140 -2.18 22.25 -15.91
CA ALA A 140 -3.27 22.68 -15.02
C ALA A 140 -4.00 23.89 -15.59
N VAL A 141 -3.26 24.83 -16.18
CA VAL A 141 -3.88 26.02 -16.75
C VAL A 141 -4.74 25.65 -17.94
N SER A 142 -4.24 24.78 -18.82
CA SER A 142 -5.01 24.35 -19.98
C SER A 142 -6.26 23.60 -19.56
N GLY A 143 -6.19 22.86 -18.46
CA GLY A 143 -7.40 22.27 -17.91
C GLY A 143 -8.35 23.31 -17.35
N ALA A 144 -7.81 24.34 -16.69
CA ALA A 144 -8.65 25.34 -16.05
C ALA A 144 -9.42 26.17 -17.06
N VAL A 145 -8.72 26.71 -18.07
CA VAL A 145 -9.38 27.60 -19.02
C VAL A 145 -10.40 26.82 -19.86
N SER A 146 -10.15 25.55 -20.13
CA SER A 146 -11.07 24.75 -20.91
C SER A 146 -12.28 24.30 -20.10
N LYS A 147 -12.27 24.48 -18.78
CA LYS A 147 -13.39 24.10 -17.94
C LYS A 147 -14.15 25.28 -17.36
N ALA A 148 -13.58 26.48 -17.38
CA ALA A 148 -14.27 27.65 -16.85
C ALA A 148 -15.45 28.02 -17.74
N VAL A 149 -16.60 28.23 -17.13
CA VAL A 149 -17.80 28.58 -17.90
C VAL A 149 -17.63 29.99 -18.47
N PRO A 150 -17.88 30.19 -19.76
CA PRO A 150 -17.73 31.53 -20.34
C PRO A 150 -18.76 32.49 -19.77
N ASP A 151 -18.37 33.77 -19.73
CA ASP A 151 -19.24 34.82 -19.23
C ASP A 151 -20.43 35.05 -20.16
N SER A 167 -8.47 38.48 -31.99
CA SER A 167 -8.04 38.87 -30.65
C SER A 167 -7.34 37.71 -29.96
N LEU A 168 -6.04 37.89 -29.70
CA LEU A 168 -5.22 36.85 -29.08
C LEU A 168 -4.68 37.24 -27.72
N LEU A 169 -4.41 38.52 -27.47
CA LEU A 169 -3.82 38.93 -26.20
C LEU A 169 -4.75 38.63 -25.02
N ASP A 170 -6.06 38.61 -25.26
CA ASP A 170 -6.99 38.25 -24.18
C ASP A 170 -6.76 36.82 -23.71
N ASP A 171 -6.50 35.89 -24.64
CA ASP A 171 -6.22 34.52 -24.26
C ASP A 171 -4.94 34.44 -23.43
N GLU A 172 -3.91 35.20 -23.80
CA GLU A 172 -2.69 35.21 -23.01
C GLU A 172 -2.93 35.78 -21.62
N ARG A 173 -3.75 36.83 -21.52
CA ARG A 173 -4.02 37.41 -20.21
C ARG A 173 -4.81 36.44 -19.33
N VAL A 174 -5.78 35.72 -19.90
CA VAL A 174 -6.53 34.77 -19.08
C VAL A 174 -5.64 33.58 -18.71
N ARG A 175 -4.72 33.19 -19.59
CA ARG A 175 -3.78 32.12 -19.24
C ARG A 175 -2.87 32.54 -18.10
N VAL A 176 -2.37 33.78 -18.12
CA VAL A 176 -1.51 34.22 -17.04
C VAL A 176 -2.29 34.37 -15.75
N ALA A 177 -3.56 34.78 -15.83
CA ALA A 177 -4.39 34.83 -14.62
C ALA A 177 -4.58 33.43 -14.04
N ALA A 178 -4.83 32.44 -14.91
CA ALA A 178 -4.97 31.07 -14.43
C ALA A 178 -3.68 30.57 -13.81
N ALA A 179 -2.54 30.90 -14.41
CA ALA A 179 -1.25 30.49 -13.84
C ALA A 179 -1.05 31.10 -12.47
N ALA A 180 -1.35 32.38 -12.32
CA ALA A 180 -1.20 33.03 -11.02
C ALA A 180 -2.11 32.38 -9.99
N SER A 181 -3.36 32.09 -10.36
CA SER A 181 -4.29 31.47 -9.42
C SER A 181 -3.81 30.09 -9.00
N VAL A 182 -3.38 29.28 -9.97
CA VAL A 182 -2.97 27.91 -9.66
C VAL A 182 -1.72 27.92 -8.79
N THR A 183 -0.81 28.88 -9.03
CA THR A 183 0.39 28.94 -8.20
C THR A 183 0.08 29.41 -6.80
N VAL A 184 -0.86 30.36 -6.66
CA VAL A 184 -1.26 30.80 -5.32
C VAL A 184 -1.88 29.65 -4.55
N LEU A 185 -2.73 28.85 -5.20
CA LEU A 185 -3.35 27.72 -4.51
C LEU A 185 -2.30 26.67 -4.15
N SER A 186 -1.34 26.42 -5.04
CA SER A 186 -0.27 25.48 -4.72
C SER A 186 0.54 25.96 -3.53
N GLY A 187 0.83 27.26 -3.47
CA GLY A 187 1.54 27.80 -2.32
C GLY A 187 0.74 27.70 -1.04
N ILE A 188 -0.57 27.92 -1.13
CA ILE A 188 -1.42 27.76 0.05
C ILE A 188 -1.37 26.33 0.54
N ILE A 189 -1.44 25.36 -0.38
CA ILE A 189 -1.40 23.96 0.00
C ILE A 189 -0.06 23.63 0.65
N GLN A 190 1.04 24.12 0.08
CA GLN A 190 2.35 23.87 0.65
C GLN A 190 2.47 24.46 2.05
N LEU A 191 1.97 25.68 2.24
CA LEU A 191 2.02 26.31 3.54
C LEU A 191 1.18 25.54 4.56
N ALA A 192 0.01 25.07 4.14
CA ALA A 192 -0.82 24.28 5.04
C ALA A 192 -0.13 22.99 5.43
N PHE A 193 0.52 22.33 4.47
CA PHE A 193 1.24 21.10 4.80
C PHE A 193 2.40 21.38 5.75
N GLY A 194 3.12 22.48 5.53
CA GLY A 194 4.23 22.82 6.39
C GLY A 194 3.80 23.16 7.80
N ILE A 195 2.65 23.84 7.94
CA ILE A 195 2.15 24.17 9.26
C ILE A 195 1.79 22.91 10.04
N LEU A 196 1.15 21.96 9.37
CA LEU A 196 0.71 20.73 10.03
C LEU A 196 1.86 19.79 10.36
N ARG A 197 3.10 20.15 10.04
CA ARG A 197 4.27 19.34 10.37
C ARG A 197 4.17 17.94 9.78
N ILE A 198 3.72 17.84 8.53
CA ILE A 198 3.63 16.55 7.86
C ILE A 198 4.67 16.49 6.75
N GLY A 199 5.80 17.16 6.97
CA GLY A 199 6.89 17.13 6.01
C GLY A 199 7.54 15.77 5.82
N PHE A 200 7.05 14.73 6.50
CA PHE A 200 7.58 13.39 6.34
C PHE A 200 6.93 12.64 5.19
N VAL A 201 6.03 13.28 4.45
CA VAL A 201 5.38 12.62 3.32
C VAL A 201 6.40 12.26 2.25
N VAL A 202 7.48 13.03 2.13
CA VAL A 202 8.47 12.82 1.09
C VAL A 202 9.11 11.44 1.13
N ILE A 203 8.91 10.68 2.20
CA ILE A 203 9.49 9.34 2.28
C ILE A 203 8.63 8.28 1.61
N TYR A 204 7.43 8.62 1.15
CA TYR A 204 6.60 7.64 0.46
C TYR A 204 7.02 7.43 -0.99
N LEU A 205 7.95 8.23 -1.50
CA LEU A 205 8.43 8.10 -2.87
C LEU A 205 9.76 7.33 -2.85
N SER A 206 9.73 6.10 -3.35
CA SER A 206 10.91 5.25 -3.35
C SER A 206 11.97 5.81 -4.30
N GLU A 207 13.13 5.14 -4.32
CA GLU A 207 14.16 5.50 -5.27
C GLU A 207 13.80 5.03 -6.68
N SER A 208 13.24 3.83 -6.80
CA SER A 208 12.84 3.34 -8.12
C SER A 208 11.73 4.18 -8.72
N LEU A 209 10.74 4.58 -7.91
CA LEU A 209 9.69 5.45 -8.41
C LEU A 209 10.25 6.79 -8.86
N ILE A 210 11.21 7.33 -8.10
CA ILE A 210 11.82 8.59 -8.47
C ILE A 210 12.54 8.46 -9.80
N SER A 211 13.28 7.35 -9.98
CA SER A 211 14.00 7.16 -11.24
C SER A 211 13.04 7.03 -12.41
N GLY A 212 11.98 6.24 -12.25
CA GLY A 212 11.02 6.10 -13.32
C GLY A 212 10.33 7.40 -13.66
N PHE A 213 9.98 8.18 -12.64
CA PHE A 213 9.36 9.48 -12.87
C PHE A 213 10.30 10.40 -13.61
N THR A 214 11.57 10.42 -13.23
CA THR A 214 12.54 11.27 -13.92
C THR A 214 12.69 10.87 -15.38
N THR A 215 12.72 9.57 -15.67
CA THR A 215 12.85 9.13 -17.05
C THR A 215 11.63 9.54 -17.88
N ALA A 216 10.43 9.24 -17.37
CA ALA A 216 9.22 9.62 -18.08
C ALA A 216 9.15 11.13 -18.27
N ALA A 217 9.59 11.88 -17.27
CA ALA A 217 9.54 13.33 -17.36
C ALA A 217 10.58 13.88 -18.33
N ALA A 218 11.73 13.23 -18.44
CA ALA A 218 12.68 13.60 -19.47
C ALA A 218 12.04 13.43 -20.84
N VAL A 219 11.35 12.32 -21.06
CA VAL A 219 10.67 12.13 -22.34
C VAL A 219 9.58 13.19 -22.53
N HIS A 220 8.88 13.54 -21.45
CA HIS A 220 7.83 14.56 -21.54
C HIS A 220 8.41 15.91 -21.92
N VAL A 221 9.52 16.33 -21.30
CA VAL A 221 10.09 17.62 -21.62
C VAL A 221 10.66 17.62 -23.02
N LEU A 222 11.23 16.49 -23.45
CA LEU A 222 11.73 16.39 -24.82
C LEU A 222 10.60 16.52 -25.82
N VAL A 223 9.45 15.93 -25.53
CA VAL A 223 8.32 16.05 -26.46
C VAL A 223 7.71 17.45 -26.41
N SER A 224 7.70 18.09 -25.24
CA SER A 224 7.06 19.39 -25.12
C SER A 224 7.93 20.53 -25.62
N GLN A 225 9.23 20.31 -25.74
CA GLN A 225 10.09 21.31 -26.37
C GLN A 225 10.12 21.19 -27.90
N LEU A 226 9.40 20.23 -28.46
CA LEU A 226 9.39 20.07 -29.91
C LEU A 226 8.71 21.25 -30.60
N LYS A 227 7.60 21.74 -30.04
CA LYS A 227 6.89 22.83 -30.68
C LYS A 227 7.71 24.12 -30.71
N PHE A 228 8.77 24.20 -29.91
CA PHE A 228 9.73 25.29 -30.01
C PHE A 228 10.98 24.91 -30.80
N ILE A 229 11.28 23.61 -30.88
CA ILE A 229 12.47 23.18 -31.60
C ILE A 229 12.27 23.41 -33.10
N PHE A 230 11.02 23.49 -33.55
CA PHE A 230 10.69 23.62 -34.95
C PHE A 230 9.93 24.89 -35.29
N GLN A 231 9.47 25.64 -34.29
CA GLN A 231 8.69 26.86 -34.49
C GLN A 231 7.40 26.57 -35.25
N LEU A 232 6.53 25.79 -34.63
CA LEU A 232 5.19 25.50 -35.14
C LEU A 232 4.14 25.99 -34.16
N THR A 233 2.89 25.63 -34.43
CA THR A 233 1.76 25.97 -33.56
C THR A 233 1.04 24.69 -33.19
N VAL A 234 0.89 24.47 -31.88
CA VAL A 234 0.22 23.27 -31.38
C VAL A 234 -0.89 23.69 -30.41
N PRO A 235 -2.06 23.06 -30.47
CA PRO A 235 -3.08 23.34 -29.46
C PRO A 235 -2.66 22.83 -28.09
N SER A 236 -3.08 23.56 -27.06
CA SER A 236 -2.76 23.16 -25.70
C SER A 236 -3.56 21.91 -25.34
N HIS A 237 -2.88 20.77 -25.28
CA HIS A 237 -3.54 19.51 -24.98
C HIS A 237 -3.81 19.40 -23.49
N THR A 238 -4.45 18.31 -23.09
CA THR A 238 -4.97 18.15 -21.74
C THR A 238 -4.35 16.94 -21.04
N ASP A 239 -4.85 16.65 -19.85
CA ASP A 239 -4.28 15.60 -19.00
C ASP A 239 -4.37 14.19 -19.59
N PRO A 240 -5.55 13.69 -20.05
CA PRO A 240 -5.71 12.24 -20.28
C PRO A 240 -4.55 11.55 -20.97
N VAL A 241 -4.19 11.99 -22.18
CA VAL A 241 -3.00 11.54 -22.88
C VAL A 241 -2.41 12.75 -23.58
N SER A 242 -1.30 13.27 -23.05
CA SER A 242 -0.77 14.56 -23.50
C SER A 242 0.40 14.40 -24.45
N ILE A 243 1.39 13.60 -24.08
CA ILE A 243 2.61 13.49 -24.90
C ILE A 243 2.27 12.97 -26.29
N PHE A 244 1.43 11.94 -26.38
CA PHE A 244 1.12 11.37 -27.68
C PHE A 244 0.30 12.33 -28.53
N LYS A 245 -0.61 13.08 -27.91
CA LYS A 245 -1.36 14.08 -28.65
C LYS A 245 -0.42 15.16 -29.21
N VAL A 246 0.54 15.60 -28.40
CA VAL A 246 1.50 16.60 -28.88
C VAL A 246 2.35 16.02 -30.00
N LEU A 247 2.75 14.75 -29.86
CA LEU A 247 3.50 14.10 -30.94
C LEU A 247 2.71 14.08 -32.23
N TYR A 248 1.44 13.70 -32.17
CA TYR A 248 0.63 13.64 -33.37
C TYR A 248 0.48 15.00 -34.01
N SER A 249 0.17 16.01 -33.19
CA SER A 249 -0.06 17.35 -33.74
C SER A 249 1.22 18.03 -34.18
N VAL A 250 2.38 17.58 -33.72
CA VAL A 250 3.64 18.15 -34.18
C VAL A 250 4.20 17.38 -35.38
N PHE A 251 3.85 16.11 -35.53
CA PHE A 251 4.29 15.35 -36.69
C PHE A 251 3.36 15.47 -37.87
N SER A 252 2.13 15.95 -37.66
CA SER A 252 1.25 16.21 -38.79
C SER A 252 1.64 17.45 -39.57
N GLN A 253 2.56 18.26 -39.06
CA GLN A 253 2.93 19.53 -39.69
C GLN A 253 4.44 19.68 -39.76
N ILE A 254 5.14 18.63 -40.19
CA ILE A 254 6.58 18.76 -40.42
C ILE A 254 6.85 19.69 -41.59
N GLU A 255 5.99 19.66 -42.62
CA GLU A 255 6.23 20.48 -43.82
C GLU A 255 6.19 21.97 -43.51
N LYS A 256 5.62 22.38 -42.39
CA LYS A 256 5.54 23.78 -42.00
C LYS A 256 6.63 24.16 -41.00
N THR A 257 7.80 23.52 -41.08
CA THR A 257 8.88 23.80 -40.15
C THR A 257 9.68 25.02 -40.59
N ASN A 258 10.70 25.35 -39.81
CA ASN A 258 11.64 26.41 -40.11
C ASN A 258 13.04 25.80 -40.10
N ILE A 259 13.64 25.66 -41.29
CA ILE A 259 14.93 24.98 -41.38
C ILE A 259 16.02 25.80 -40.69
N ALA A 260 15.93 27.12 -40.75
CA ALA A 260 16.90 27.95 -40.07
C ALA A 260 16.83 27.76 -38.56
N ASP A 261 15.62 27.78 -38.00
CA ASP A 261 15.45 27.57 -36.57
C ASP A 261 15.94 26.17 -36.17
N LEU A 262 15.58 25.16 -36.97
CA LEU A 262 16.01 23.81 -36.65
C LEU A 262 17.53 23.71 -36.62
N VAL A 263 18.20 24.25 -37.63
CA VAL A 263 19.65 24.09 -37.71
C VAL A 263 20.35 24.88 -36.62
N THR A 264 19.87 26.09 -36.33
CA THR A 264 20.51 26.87 -35.27
C THR A 264 20.31 26.23 -33.90
N ALA A 265 19.12 25.68 -33.65
CA ALA A 265 18.87 24.97 -32.40
C ALA A 265 19.75 23.74 -32.28
N LEU A 266 19.93 23.02 -33.39
CA LEU A 266 20.80 21.85 -33.37
C LEU A 266 22.25 22.24 -33.06
N ILE A 267 22.74 23.33 -33.66
CA ILE A 267 24.15 23.67 -33.43
C ILE A 267 24.36 24.13 -31.99
N VAL A 268 23.44 24.94 -31.45
CA VAL A 268 23.61 25.37 -30.06
C VAL A 268 23.51 24.17 -29.13
N LEU A 269 22.58 23.24 -29.40
CA LEU A 269 22.53 22.02 -28.61
C LEU A 269 23.85 21.27 -28.67
N LEU A 270 24.43 21.14 -29.86
CA LEU A 270 25.67 20.41 -30.01
C LEU A 270 26.79 21.03 -29.19
N VAL A 271 26.95 22.36 -29.30
CA VAL A 271 28.07 23.00 -28.59
C VAL A 271 27.85 22.94 -27.09
N VAL A 272 26.60 23.11 -26.63
CA VAL A 272 26.36 23.08 -25.19
C VAL A 272 26.59 21.67 -24.63
N SER A 273 26.21 20.65 -25.39
CA SER A 273 26.47 19.29 -24.93
C SER A 273 27.97 18.99 -24.89
N ILE A 274 28.70 19.42 -25.92
CA ILE A 274 30.14 19.18 -25.97
C ILE A 274 30.83 19.88 -24.81
N VAL A 275 30.48 21.14 -24.56
CA VAL A 275 31.12 21.89 -23.50
C VAL A 275 30.73 21.35 -22.14
N LYS A 276 29.51 20.84 -21.98
CA LYS A 276 29.14 20.19 -20.72
C LYS A 276 29.97 18.93 -20.51
N GLU A 277 30.20 18.17 -21.56
CA GLU A 277 31.05 16.98 -21.47
C GLU A 277 32.46 17.35 -21.05
N ILE A 278 33.03 18.38 -21.67
CA ILE A 278 34.40 18.78 -21.31
C ILE A 278 34.44 19.41 -19.93
N ASN A 279 33.34 20.01 -19.48
CA ASN A 279 33.31 20.60 -18.15
C ASN A 279 33.27 19.51 -17.08
N GLN A 280 32.47 18.47 -17.28
CA GLN A 280 32.48 17.35 -16.36
C GLN A 280 33.82 16.63 -16.39
N ARG A 281 34.38 16.43 -17.59
CA ARG A 281 35.64 15.70 -17.70
C ARG A 281 36.79 16.48 -17.08
N PHE A 282 36.84 17.79 -17.31
CA PHE A 282 37.92 18.64 -16.82
C PHE A 282 37.38 19.52 -15.71
N LYS A 283 37.75 19.21 -14.47
CA LYS A 283 37.33 20.00 -13.31
C LYS A 283 38.49 20.58 -12.52
N ASP A 284 39.55 19.81 -12.29
CA ASP A 284 40.68 20.31 -11.54
C ASP A 284 41.41 21.42 -12.29
N LYS A 285 41.65 21.22 -13.59
CA LYS A 285 42.38 22.20 -14.38
C LYS A 285 41.54 23.42 -14.72
N LEU A 286 40.23 23.36 -14.55
CA LEU A 286 39.32 24.45 -14.93
C LEU A 286 38.40 24.78 -13.76
N PRO A 287 38.88 25.58 -12.81
CA PRO A 287 37.99 26.08 -11.75
C PRO A 287 37.02 27.11 -12.33
N VAL A 288 36.02 27.46 -11.52
CA VAL A 288 34.91 28.36 -11.88
C VAL A 288 34.45 28.03 -13.30
N PRO A 289 33.70 26.93 -13.48
CA PRO A 289 33.47 26.38 -14.82
C PRO A 289 32.94 27.42 -15.80
N ILE A 290 33.21 27.16 -17.08
CA ILE A 290 32.89 28.12 -18.14
C ILE A 290 31.38 28.35 -18.19
N PRO A 291 30.91 29.60 -18.10
CA PRO A 291 29.47 29.87 -18.23
C PRO A 291 29.08 29.90 -19.71
N ILE A 292 28.98 28.69 -20.28
CA ILE A 292 28.73 28.56 -21.71
C ILE A 292 27.36 29.12 -22.09
N GLU A 293 26.37 28.99 -21.20
CA GLU A 293 25.03 29.45 -21.53
C GLU A 293 25.01 30.95 -21.80
N PHE A 294 25.71 31.72 -20.97
CA PHE A 294 25.70 33.17 -21.11
C PHE A 294 26.35 33.61 -22.42
N ILE A 295 27.55 33.10 -22.70
CA ILE A 295 28.23 33.50 -23.93
C ILE A 295 27.46 32.98 -25.15
N MET A 296 26.86 31.81 -25.04
CA MET A 296 26.10 31.26 -26.17
C MET A 296 24.89 32.14 -26.48
N THR A 297 24.12 32.51 -25.46
CA THR A 297 22.96 33.36 -25.73
C THR A 297 23.38 34.76 -26.17
N VAL A 298 24.51 35.26 -25.67
CA VAL A 298 24.92 36.60 -26.08
C VAL A 298 25.38 36.60 -27.53
N ILE A 299 26.09 35.55 -27.97
CA ILE A 299 26.49 35.52 -29.37
C ILE A 299 25.29 35.22 -30.27
N ALA A 300 24.32 34.43 -29.79
CA ALA A 300 23.10 34.23 -30.58
C ALA A 300 22.33 35.53 -30.75
N ALA A 301 22.21 36.31 -29.67
CA ALA A 301 21.54 37.60 -29.75
C ALA A 301 22.29 38.56 -30.66
N GLY A 302 23.62 38.59 -30.57
CA GLY A 302 24.40 39.45 -31.43
C GLY A 302 24.29 39.06 -32.89
N VAL A 303 24.29 37.76 -33.18
CA VAL A 303 24.13 37.29 -34.55
C VAL A 303 22.75 37.65 -35.09
N SER A 304 21.72 37.47 -34.27
CA SER A 304 20.37 37.85 -34.70
C SER A 304 20.27 39.35 -34.95
N TYR A 305 20.86 40.16 -34.07
CA TYR A 305 20.87 41.59 -34.25
C TYR A 305 21.74 41.98 -35.43
N GLY A 306 21.37 43.06 -36.10
CA GLY A 306 22.12 43.51 -37.27
C GLY A 306 21.87 42.65 -38.49
N CYS A 307 22.14 41.35 -38.37
CA CYS A 307 21.87 40.42 -39.45
C CYS A 307 20.38 40.15 -39.63
N ASP A 308 19.55 40.53 -38.65
CA ASP A 308 18.09 40.54 -38.78
C ASP A 308 17.55 39.13 -39.08
N PHE A 309 17.71 38.25 -38.09
CA PHE A 309 17.01 36.96 -38.17
C PHE A 309 15.57 37.11 -37.73
N LYS A 310 14.89 38.13 -38.24
CA LYS A 310 13.45 38.29 -38.09
C LYS A 310 12.74 38.67 -39.37
N ASN A 311 13.45 39.10 -40.39
CA ASN A 311 12.89 39.41 -41.71
C ASN A 311 13.60 38.68 -42.83
N ARG A 312 14.92 38.49 -42.71
CA ARG A 312 15.61 37.61 -43.65
C ARG A 312 15.11 36.19 -43.53
N PHE A 313 14.84 35.75 -42.31
CA PHE A 313 14.19 34.48 -42.04
C PHE A 313 12.90 34.74 -41.26
N LYS A 314 12.13 33.67 -41.05
CA LYS A 314 10.85 33.74 -40.37
C LYS A 314 10.92 33.08 -39.00
N VAL A 315 12.04 33.25 -38.31
CA VAL A 315 12.24 32.64 -36.99
C VAL A 315 11.51 33.46 -35.95
N ALA A 316 10.68 32.79 -35.15
CA ALA A 316 9.98 33.48 -34.07
C ALA A 316 10.98 33.94 -33.01
N VAL A 317 10.75 35.13 -32.46
CA VAL A 317 11.65 35.74 -31.50
C VAL A 317 10.87 36.13 -30.25
N VAL A 318 11.61 36.38 -29.18
CA VAL A 318 10.99 36.87 -27.95
C VAL A 318 10.52 38.30 -28.17
N GLY A 319 9.27 38.57 -27.82
CA GLY A 319 8.71 39.89 -28.05
C GLY A 319 9.36 40.95 -27.19
N ASP A 320 9.00 42.20 -27.49
CA ASP A 320 9.55 43.34 -26.75
C ASP A 320 9.17 43.24 -25.28
N MET A 321 10.18 43.20 -24.42
CA MET A 321 9.92 43.07 -22.99
C MET A 321 9.32 44.37 -22.47
N ASN A 322 8.22 44.26 -21.73
CA ASN A 322 7.68 45.44 -21.07
C ASN A 322 8.38 45.64 -19.73
N PRO A 323 9.15 46.70 -19.56
CA PRO A 323 9.93 46.87 -18.34
C PRO A 323 9.04 47.17 -17.14
N GLY A 324 9.58 46.88 -15.96
CA GLY A 324 8.90 47.16 -14.72
C GLY A 324 8.09 45.97 -14.22
N PHE A 325 7.77 46.01 -12.93
CA PHE A 325 6.99 44.97 -12.29
C PHE A 325 5.52 45.13 -12.69
N GLN A 326 4.65 44.34 -12.08
CA GLN A 326 3.24 44.37 -12.38
C GLN A 326 2.43 44.41 -11.10
N PRO A 327 1.25 45.03 -11.12
CA PRO A 327 0.42 45.07 -9.92
C PRO A 327 -0.11 43.69 -9.58
N PRO A 328 -0.27 43.37 -8.30
CA PRO A 328 -0.82 42.07 -7.93
C PRO A 328 -2.28 41.96 -8.30
N ILE A 329 -2.72 40.72 -8.50
CA ILE A 329 -4.12 40.42 -8.78
C ILE A 329 -4.58 39.36 -7.79
N THR A 330 -5.80 39.52 -7.28
CA THR A 330 -6.37 38.53 -6.39
C THR A 330 -6.58 37.22 -7.14
N PRO A 331 -6.31 36.08 -6.50
CA PRO A 331 -6.53 34.80 -7.18
C PRO A 331 -8.01 34.57 -7.46
N ASP A 332 -8.27 33.83 -8.54
CA ASP A 332 -9.63 33.54 -8.97
C ASP A 332 -10.18 32.33 -8.21
N VAL A 333 -11.39 32.46 -7.70
CA VAL A 333 -12.02 31.36 -6.97
C VAL A 333 -12.41 30.23 -7.93
N GLU A 334 -12.90 30.58 -9.11
CA GLU A 334 -13.28 29.56 -10.08
C GLU A 334 -12.07 28.72 -10.50
N THR A 335 -10.95 29.38 -10.78
CA THR A 335 -9.73 28.64 -11.10
C THR A 335 -9.20 27.89 -9.88
N PHE A 336 -9.48 28.39 -8.68
CA PHE A 336 -9.13 27.65 -7.48
C PHE A 336 -9.85 26.31 -7.44
N GLN A 337 -11.18 26.35 -7.60
CA GLN A 337 -11.98 25.13 -7.46
C GLN A 337 -11.85 24.20 -8.65
N ASN A 338 -11.50 24.72 -9.83
CA ASN A 338 -11.40 23.85 -11.00
C ASN A 338 -10.13 23.01 -11.02
N THR A 339 -9.09 23.40 -10.29
CA THR A 339 -7.78 22.75 -10.36
C THR A 339 -7.25 22.41 -8.97
N VAL A 340 -8.10 21.79 -8.14
CA VAL A 340 -7.66 21.43 -6.79
C VAL A 340 -6.72 20.23 -6.83
N GLY A 341 -7.11 19.18 -7.55
CA GLY A 341 -6.30 17.98 -7.58
C GLY A 341 -4.94 18.19 -8.23
N ASP A 342 -4.92 18.90 -9.37
CA ASP A 342 -3.66 19.22 -9.99
C ASP A 342 -2.82 20.13 -9.11
N CYS A 343 -3.47 20.97 -8.28
CA CYS A 343 -2.71 21.78 -7.34
C CYS A 343 -2.06 20.92 -6.26
N PHE A 344 -2.78 19.94 -5.73
CA PHE A 344 -2.17 19.01 -4.79
C PHE A 344 -0.97 18.31 -5.43
N GLY A 345 -1.15 17.83 -6.67
CA GLY A 345 -0.07 17.13 -7.35
C GLY A 345 1.14 18.01 -7.57
N ILE A 346 0.93 19.26 -8.02
CA ILE A 346 2.06 20.13 -8.29
C ILE A 346 2.77 20.53 -7.00
N ALA A 347 2.02 20.77 -5.93
CA ALA A 347 2.65 21.09 -4.66
C ALA A 347 3.51 19.93 -4.17
N MET A 348 3.00 18.71 -4.26
CA MET A 348 3.78 17.57 -3.79
C MET A 348 5.01 17.35 -4.65
N VAL A 349 4.87 17.49 -5.97
CA VAL A 349 6.03 17.32 -6.85
C VAL A 349 7.09 18.37 -6.55
N ALA A 350 6.66 19.63 -6.37
CA ALA A 350 7.61 20.70 -6.08
C ALA A 350 8.34 20.45 -4.77
N PHE A 351 7.59 20.08 -3.72
CA PHE A 351 8.24 19.83 -2.43
C PHE A 351 9.20 18.66 -2.51
N ALA A 352 8.80 17.57 -3.18
CA ALA A 352 9.68 16.41 -3.29
C ALA A 352 10.95 16.76 -4.06
N VAL A 353 10.80 17.52 -5.15
CA VAL A 353 11.98 17.88 -5.94
C VAL A 353 12.92 18.74 -5.11
N ALA A 354 12.38 19.73 -4.40
CA ALA A 354 13.22 20.61 -3.60
C ALA A 354 13.93 19.84 -2.50
N PHE A 355 13.22 18.96 -1.81
CA PHE A 355 13.86 18.21 -0.73
C PHE A 355 14.93 17.27 -1.27
N SER A 356 14.66 16.61 -2.40
CA SER A 356 15.66 15.70 -2.96
C SER A 356 16.89 16.46 -3.42
N VAL A 357 16.71 17.66 -3.99
CA VAL A 357 17.86 18.44 -4.43
C VAL A 357 18.66 18.95 -3.24
N ALA A 358 17.97 19.41 -2.18
CA ALA A 358 18.67 19.97 -1.04
C ALA A 358 19.32 18.90 -0.17
N SER A 359 18.78 17.68 -0.17
CA SER A 359 19.31 16.64 0.69
C SER A 359 20.74 16.27 0.34
N VAL A 360 21.05 16.21 -0.96
CA VAL A 360 22.39 15.83 -1.39
C VAL A 360 23.40 16.84 -0.88
N TYR A 361 23.09 18.13 -1.03
CA TYR A 361 24.03 19.15 -0.58
C TYR A 361 24.13 19.19 0.94
N SER A 362 23.01 18.97 1.64
CA SER A 362 23.05 18.92 3.09
C SER A 362 23.94 17.78 3.57
N LEU A 363 23.83 16.63 2.92
CA LEU A 363 24.71 15.50 3.26
C LEU A 363 26.16 15.82 2.93
N LYS A 364 26.40 16.50 1.82
CA LYS A 364 27.77 16.83 1.42
C LYS A 364 28.43 17.77 2.41
N TYR A 365 27.70 18.79 2.88
CA TYR A 365 28.28 19.81 3.74
C TYR A 365 27.93 19.64 5.20
N ASP A 366 27.08 18.67 5.54
CA ASP A 366 26.81 18.28 6.93
C ASP A 366 26.28 19.45 7.76
N TYR A 367 25.10 19.91 7.39
CA TYR A 367 24.36 20.86 8.21
C TYR A 367 22.93 20.37 8.41
N PRO A 368 22.28 20.79 9.49
CA PRO A 368 20.89 20.36 9.72
C PRO A 368 19.98 20.85 8.59
N LEU A 369 19.02 20.01 8.22
CA LEU A 369 18.03 20.34 7.22
C LEU A 369 16.65 20.06 7.79
N ASP A 370 15.76 21.04 7.71
CA ASP A 370 14.42 20.94 8.26
C ASP A 370 13.44 20.82 7.10
N GLY A 371 12.79 19.66 6.98
CA GLY A 371 11.84 19.47 5.90
C GLY A 371 10.61 20.35 6.03
N ASN A 372 10.06 20.45 7.24
CA ASN A 372 8.87 21.27 7.44
C ASN A 372 9.14 22.73 7.16
N GLN A 373 10.30 23.23 7.60
CA GLN A 373 10.66 24.61 7.29
C GLN A 373 10.87 24.80 5.79
N GLU A 374 11.40 23.79 5.10
CA GLU A 374 11.49 23.85 3.66
C GLU A 374 10.12 23.99 3.03
N LEU A 375 9.15 23.23 3.52
CA LEU A 375 7.79 23.33 3.00
C LEU A 375 7.22 24.72 3.25
N ILE A 376 7.44 25.26 4.45
CA ILE A 376 6.91 26.59 4.76
C ILE A 376 7.52 27.64 3.84
N ALA A 377 8.84 27.58 3.66
CA ALA A 377 9.51 28.55 2.79
C ALA A 377 9.02 28.44 1.36
N LEU A 378 8.88 27.22 0.85
CA LEU A 378 8.39 27.04 -0.51
C LEU A 378 6.97 27.57 -0.65
N GLY A 379 6.12 27.30 0.34
CA GLY A 379 4.75 27.79 0.27
C GLY A 379 4.69 29.30 0.26
N LEU A 380 5.45 29.94 1.14
CA LEU A 380 5.46 31.40 1.17
C LEU A 380 5.98 31.98 -0.14
N GLY A 381 7.06 31.40 -0.67
CA GLY A 381 7.59 31.87 -1.94
C GLY A 381 6.60 31.71 -3.08
N ASN A 382 5.94 30.55 -3.14
CA ASN A 382 4.96 30.33 -4.19
C ASN A 382 3.80 31.29 -4.07
N ILE A 383 3.33 31.55 -2.84
CA ILE A 383 2.22 32.47 -2.65
C ILE A 383 2.60 33.87 -3.10
N VAL A 384 3.77 34.33 -2.67
CA VAL A 384 4.20 35.68 -3.03
C VAL A 384 4.37 35.80 -4.54
N CYS A 385 4.98 34.80 -5.17
CA CYS A 385 5.19 34.88 -6.61
C CYS A 385 3.89 34.83 -7.38
N GLY A 386 2.97 33.94 -6.99
CA GLY A 386 1.70 33.83 -7.69
C GLY A 386 0.85 35.08 -7.54
N VAL A 387 0.87 35.69 -6.36
CA VAL A 387 0.13 36.93 -6.16
C VAL A 387 0.64 38.02 -7.10
N PHE A 388 1.93 37.99 -7.44
CA PHE A 388 2.53 38.98 -8.33
C PHE A 388 2.72 38.45 -9.74
N ARG A 389 1.83 37.58 -10.21
CA ARG A 389 1.78 37.13 -11.60
C ARG A 389 3.06 36.40 -12.01
N GLY A 390 3.31 35.28 -11.33
CA GLY A 390 4.39 34.39 -11.70
C GLY A 390 3.88 32.98 -11.90
N PHE A 391 4.67 31.97 -11.52
CA PHE A 391 4.18 30.60 -11.50
C PHE A 391 4.99 29.81 -10.48
N ALA A 392 4.68 28.52 -10.39
CA ALA A 392 5.19 27.68 -9.31
C ALA A 392 6.71 27.61 -9.33
N GLY A 393 7.30 27.56 -8.14
CA GLY A 393 8.75 27.64 -8.02
C GLY A 393 9.30 26.58 -7.08
N SER A 394 10.55 26.21 -7.33
CA SER A 394 11.30 25.24 -6.53
C SER A 394 12.78 25.48 -6.80
N THR A 395 13.61 24.50 -6.49
CA THR A 395 15.01 24.53 -6.89
C THR A 395 15.22 23.55 -8.02
N ALA A 396 15.89 23.99 -9.07
CA ALA A 396 16.18 23.17 -10.23
C ALA A 396 17.57 22.54 -10.06
N LEU A 397 17.68 21.26 -10.45
CA LEU A 397 18.94 20.56 -10.27
C LEU A 397 20.06 21.21 -11.08
N SER A 398 19.78 21.60 -12.32
CA SER A 398 20.81 22.21 -13.15
C SER A 398 21.29 23.53 -12.56
N ARG A 399 20.35 24.41 -12.22
CA ARG A 399 20.72 25.71 -11.69
C ARG A 399 21.42 25.58 -10.35
N SER A 400 20.90 24.70 -9.47
CA SER A 400 21.53 24.52 -8.16
C SER A 400 22.93 23.95 -8.31
N ALA A 401 23.11 23.00 -9.23
CA ALA A 401 24.44 22.45 -9.47
C ALA A 401 25.39 23.51 -9.98
N VAL A 402 24.92 24.37 -10.89
CA VAL A 402 25.76 25.46 -11.39
C VAL A 402 26.17 26.38 -10.24
N GLN A 403 25.20 26.76 -9.41
CA GLN A 403 25.48 27.68 -8.31
C GLN A 403 26.47 27.07 -7.32
N GLU A 404 26.28 25.79 -6.98
CA GLU A 404 27.17 25.15 -6.01
C GLU A 404 28.57 24.96 -6.59
N SER A 405 28.66 24.41 -7.81
CA SER A 405 29.97 24.13 -8.39
C SER A 405 30.74 25.40 -8.69
N THR A 406 30.04 26.51 -8.96
CA THR A 406 30.73 27.77 -9.17
C THR A 406 31.39 28.24 -7.87
N GLY A 407 30.84 27.85 -6.72
CA GLY A 407 31.45 28.21 -5.45
C GLY A 407 30.47 28.79 -4.44
N GLY A 408 29.18 28.57 -4.65
CA GLY A 408 28.18 29.05 -3.71
C GLY A 408 28.37 28.50 -2.31
N LYS A 409 28.31 29.37 -1.31
CA LYS A 409 28.51 28.98 0.08
C LYS A 409 27.28 29.11 0.95
N THR A 410 26.41 30.08 0.68
CA THR A 410 25.17 30.22 1.43
C THR A 410 24.11 30.81 0.50
N GLN A 411 23.01 31.26 1.08
CA GLN A 411 21.90 31.77 0.29
C GLN A 411 22.13 33.18 -0.23
N ILE A 412 23.22 33.84 0.18
CA ILE A 412 23.52 35.17 -0.34
C ILE A 412 23.72 35.11 -1.85
N ALA A 413 24.22 33.98 -2.37
CA ALA A 413 24.28 33.80 -3.81
C ALA A 413 22.90 33.87 -4.42
N GLY A 414 21.90 33.33 -3.73
CA GLY A 414 20.52 33.50 -4.18
C GLY A 414 20.12 34.96 -4.22
N LEU A 415 20.56 35.74 -3.23
CA LEU A 415 20.28 37.18 -3.23
C LEU A 415 20.90 37.85 -4.44
N ILE A 416 22.15 37.51 -4.76
CA ILE A 416 22.81 38.14 -5.91
C ILE A 416 22.13 37.72 -7.21
N GLY A 417 21.70 36.46 -7.29
CA GLY A 417 20.96 36.02 -8.45
C GLY A 417 19.65 36.76 -8.62
N ALA A 418 18.92 36.95 -7.52
CA ALA A 418 17.69 37.73 -7.58
C ALA A 418 17.98 39.17 -7.97
N ILE A 419 19.10 39.71 -7.51
CA ILE A 419 19.49 41.08 -7.88
C ILE A 419 19.74 41.16 -9.38
N ILE A 420 20.44 40.18 -9.94
CA ILE A 420 20.71 40.16 -11.37
C ILE A 420 19.40 40.05 -12.16
N VAL A 421 18.50 39.19 -11.70
CA VAL A 421 17.20 39.04 -12.37
C VAL A 421 16.42 40.35 -12.31
N LEU A 422 16.46 41.03 -11.16
CA LEU A 422 15.79 42.32 -11.04
C LEU A 422 16.39 43.35 -11.98
N ILE A 423 17.72 43.35 -12.10
CA ILE A 423 18.38 44.28 -13.02
C ILE A 423 17.93 44.01 -14.45
N VAL A 424 17.82 42.73 -14.82
CA VAL A 424 17.36 42.39 -16.17
C VAL A 424 15.91 42.85 -16.37
N VAL A 425 15.05 42.59 -15.39
CA VAL A 425 13.64 42.89 -15.57
C VAL A 425 13.35 44.38 -15.51
N LEU A 426 14.22 45.17 -14.87
CA LEU A 426 13.99 46.61 -14.74
C LEU A 426 14.71 47.42 -15.81
N ALA A 427 16.04 47.34 -15.85
CA ALA A 427 16.83 48.18 -16.74
C ALA A 427 17.19 47.47 -18.05
N ILE A 428 17.91 46.37 -17.97
CA ILE A 428 18.39 45.68 -19.18
C ILE A 428 17.31 44.69 -19.58
N GLY A 429 16.28 45.21 -20.25
CA GLY A 429 15.18 44.39 -20.69
C GLY A 429 15.03 44.38 -22.19
N PHE A 430 15.52 45.45 -22.84
CA PHE A 430 15.53 45.48 -24.30
C PHE A 430 16.50 44.48 -24.89
N LEU A 431 17.46 44.00 -24.10
CA LEU A 431 18.21 42.82 -24.51
C LEU A 431 17.31 41.59 -24.42
N LEU A 432 17.79 40.49 -25.01
CA LEU A 432 17.07 39.22 -25.06
C LEU A 432 15.79 39.36 -25.89
N ALA A 433 15.60 40.53 -26.50
CA ALA A 433 14.49 40.77 -27.41
C ALA A 433 14.79 40.19 -28.79
N PRO A 434 16.00 40.38 -29.35
CA PRO A 434 16.31 39.71 -30.62
C PRO A 434 16.63 38.23 -30.42
N LEU A 435 16.35 37.71 -29.23
CA LEU A 435 16.61 36.30 -28.95
C LEU A 435 15.79 35.41 -29.86
N GLN A 436 16.29 34.21 -30.07
CA GLN A 436 15.82 33.35 -31.15
C GLN A 436 14.64 32.48 -30.75
N LYS A 437 14.27 32.48 -29.45
CA LYS A 437 13.10 31.77 -28.94
C LYS A 437 13.22 30.26 -29.14
N SER A 438 14.35 29.82 -29.68
CA SER A 438 14.70 28.41 -29.72
C SER A 438 16.05 28.12 -29.12
N VAL A 439 16.94 29.11 -29.02
CA VAL A 439 18.14 28.97 -28.21
C VAL A 439 17.77 28.69 -26.76
N LEU A 440 16.71 29.36 -26.28
CA LEU A 440 16.22 29.07 -24.94
C LEU A 440 15.74 27.64 -24.82
N ALA A 441 14.99 27.15 -25.81
CA ALA A 441 14.52 25.77 -25.78
C ALA A 441 15.69 24.79 -25.81
N ALA A 442 16.69 25.06 -26.64
CA ALA A 442 17.86 24.21 -26.69
C ALA A 442 18.61 24.21 -25.36
N LEU A 443 18.73 25.39 -24.74
CA LEU A 443 19.40 25.48 -23.45
C LEU A 443 18.65 24.68 -22.39
N ALA A 444 17.31 24.78 -22.40
CA ALA A 444 16.53 24.01 -21.44
C ALA A 444 16.67 22.52 -21.66
N LEU A 445 16.69 22.09 -22.93
CA LEU A 445 16.75 20.66 -23.22
C LEU A 445 18.16 20.09 -23.13
N GLY A 446 19.19 20.95 -23.12
CA GLY A 446 20.56 20.47 -23.04
C GLY A 446 20.95 19.90 -21.70
N ASN A 447 20.23 20.25 -20.64
CA ASN A 447 20.47 19.72 -19.31
C ASN A 447 19.73 18.42 -19.05
N LEU A 448 19.40 17.68 -20.10
CA LEU A 448 18.58 16.48 -20.01
C LEU A 448 19.39 15.19 -20.12
N LYS A 449 20.69 15.28 -20.39
CA LYS A 449 21.49 14.07 -20.53
C LYS A 449 21.57 13.31 -19.20
N GLY A 450 21.83 14.04 -18.11
CA GLY A 450 21.99 13.39 -16.82
C GLY A 450 20.73 12.74 -16.30
N MET A 451 19.57 13.12 -16.84
CA MET A 451 18.30 12.50 -16.47
C MET A 451 17.89 11.42 -17.43
N LEU A 452 18.16 11.59 -18.73
CA LEU A 452 17.81 10.56 -19.70
C LEU A 452 18.73 9.36 -19.60
N MET A 453 19.94 9.53 -19.07
CA MET A 453 20.81 8.38 -18.87
C MET A 453 20.29 7.45 -17.79
N GLN A 454 19.27 7.87 -17.03
CA GLN A 454 18.59 6.97 -16.11
C GLN A 454 17.82 5.88 -16.82
N PHE A 455 17.66 5.97 -18.14
CA PHE A 455 16.97 4.93 -18.89
C PHE A 455 17.66 3.59 -18.72
N ALA A 456 18.97 3.59 -18.52
CA ALA A 456 19.71 2.36 -18.29
C ALA A 456 19.61 1.95 -16.83
N GLU A 457 18.38 1.91 -16.31
CA GLU A 457 18.11 1.41 -14.97
C GLU A 457 17.21 0.20 -14.97
N ILE A 458 16.50 -0.09 -16.06
CA ILE A 458 15.71 -1.30 -16.13
C ILE A 458 16.60 -2.52 -16.03
N GLY A 459 17.75 -2.50 -16.73
CA GLY A 459 18.65 -3.63 -16.69
C GLY A 459 19.21 -3.86 -15.30
N ARG A 460 19.67 -2.79 -14.65
CA ARG A 460 20.26 -2.94 -13.33
C ARG A 460 19.25 -3.48 -12.33
N LEU A 461 18.04 -2.93 -12.33
CA LEU A 461 17.01 -3.40 -11.40
C LEU A 461 16.61 -4.83 -11.72
N TRP A 462 16.48 -5.16 -13.01
CA TRP A 462 16.05 -6.51 -13.39
C TRP A 462 17.08 -7.56 -12.98
N ARG A 463 18.37 -7.28 -13.22
CA ARG A 463 19.40 -8.20 -12.78
C ARG A 463 19.58 -8.17 -11.27
N LYS A 464 19.15 -7.10 -10.60
CA LYS A 464 19.38 -6.92 -9.18
C LYS A 464 18.23 -7.47 -8.33
N ASP A 465 17.03 -6.97 -8.55
CA ASP A 465 15.93 -7.16 -7.62
C ASP A 465 14.67 -7.74 -8.23
N LYS A 466 14.42 -7.50 -9.51
CA LYS A 466 13.33 -8.14 -10.26
C LYS A 466 11.95 -7.79 -9.71
N TYR A 467 11.91 -6.92 -8.71
CA TYR A 467 10.64 -6.51 -8.12
C TYR A 467 10.47 -5.00 -8.14
N ASP A 468 11.54 -4.25 -7.90
CA ASP A 468 11.51 -2.80 -8.08
C ASP A 468 11.55 -2.42 -9.55
N CYS A 469 12.10 -3.28 -10.41
CA CYS A 469 12.03 -3.03 -11.84
C CYS A 469 10.58 -2.94 -12.30
N LEU A 470 9.71 -3.73 -11.69
CA LEU A 470 8.28 -3.62 -11.98
C LEU A 470 7.77 -2.24 -11.59
N ILE A 471 8.21 -1.72 -10.44
CA ILE A 471 7.79 -0.38 -10.03
C ILE A 471 8.28 0.66 -11.02
N TRP A 472 9.52 0.53 -11.47
CA TRP A 472 10.08 1.49 -12.43
C TRP A 472 9.31 1.47 -13.74
N ILE A 473 9.08 0.28 -14.28
CA ILE A 473 8.39 0.17 -15.56
C ILE A 473 6.95 0.67 -15.43
N MET A 474 6.26 0.31 -14.35
CA MET A 474 4.89 0.76 -14.16
C MET A 474 4.84 2.27 -13.98
N THR A 475 5.81 2.86 -13.27
CA THR A 475 5.85 4.31 -13.13
C THR A 475 6.04 4.96 -14.49
N PHE A 476 6.98 4.45 -15.28
CA PHE A 476 7.22 5.02 -16.61
C PHE A 476 5.96 4.96 -17.46
N ILE A 477 5.32 3.80 -17.52
CA ILE A 477 4.14 3.64 -18.36
C ILE A 477 2.99 4.52 -17.86
N PHE A 478 2.76 4.52 -16.55
CA PHE A 478 1.66 5.30 -16.00
C PHE A 478 1.86 6.79 -16.26
N THR A 479 3.08 7.29 -16.03
CA THR A 479 3.33 8.70 -16.26
C THR A 479 3.15 9.04 -17.74
N ILE A 480 3.73 8.23 -18.63
CA ILE A 480 3.64 8.50 -20.05
C ILE A 480 2.20 8.53 -20.51
N VAL A 481 1.40 7.57 -20.07
CA VAL A 481 0.01 7.48 -20.53
C VAL A 481 -0.83 8.61 -19.92
N LEU A 482 -0.63 8.91 -18.63
CA LEU A 482 -1.60 9.70 -17.89
C LEU A 482 -1.20 11.17 -17.70
N GLY A 483 0.02 11.56 -18.04
CA GLY A 483 0.42 12.92 -17.69
C GLY A 483 0.83 12.97 -16.23
N LEU A 484 1.83 13.80 -15.91
CA LEU A 484 2.54 13.68 -14.63
C LEU A 484 1.60 13.80 -13.43
N GLY A 485 0.65 14.73 -13.50
CA GLY A 485 -0.18 15.00 -12.33
C GLY A 485 -0.94 13.80 -11.83
N LEU A 486 -1.42 12.95 -12.75
CA LEU A 486 -2.09 11.71 -12.36
C LEU A 486 -1.12 10.54 -12.30
N GLY A 487 -0.06 10.57 -13.10
CA GLY A 487 0.87 9.46 -13.12
C GLY A 487 1.60 9.30 -11.80
N LEU A 488 1.94 10.41 -11.15
CA LEU A 488 2.60 10.33 -9.86
C LEU A 488 1.71 9.61 -8.85
N ALA A 489 0.44 9.99 -8.79
CA ALA A 489 -0.48 9.36 -7.84
C ALA A 489 -0.70 7.90 -8.17
N ALA A 490 -0.89 7.57 -9.45
CA ALA A 490 -1.09 6.17 -9.82
C ALA A 490 0.13 5.34 -9.49
N SER A 491 1.33 5.88 -9.73
CA SER A 491 2.54 5.15 -9.42
C SER A 491 2.72 4.97 -7.91
N VAL A 492 2.37 5.99 -7.12
CA VAL A 492 2.46 5.84 -5.67
C VAL A 492 1.51 4.75 -5.19
N ALA A 493 0.28 4.73 -5.72
CA ALA A 493 -0.65 3.69 -5.35
C ALA A 493 -0.13 2.31 -5.73
N PHE A 494 0.45 2.19 -6.93
CA PHE A 494 0.98 0.90 -7.34
C PHE A 494 2.17 0.47 -6.48
N GLN A 495 3.00 1.41 -6.08
CA GLN A 495 4.13 1.06 -5.21
C GLN A 495 3.65 0.61 -3.83
N LEU A 496 2.66 1.30 -3.28
CA LEU A 496 2.07 0.84 -2.03
C LEU A 496 1.49 -0.56 -2.18
N LEU A 497 0.88 -0.85 -3.34
CA LEU A 497 0.39 -2.20 -3.60
C LEU A 497 1.55 -3.19 -3.67
N THR A 498 2.66 -2.78 -4.28
CA THR A 498 3.82 -3.66 -4.38
C THR A 498 4.37 -4.01 -3.01
N ILE A 499 4.24 -3.10 -2.05
CA ILE A 499 4.65 -3.40 -0.68
C ILE A 499 3.94 -4.66 -0.19
N VAL A 500 2.62 -4.74 -0.41
CA VAL A 500 1.88 -5.94 -0.06
C VAL A 500 2.29 -7.10 -0.96
N PHE A 501 2.55 -6.80 -2.24
CA PHE A 501 2.95 -7.83 -3.20
C PHE A 501 4.16 -8.61 -2.70
N ARG A 502 5.09 -7.93 -2.04
CA ARG A 502 6.33 -8.59 -1.61
C ARG A 502 6.05 -9.69 -0.60
N THR A 503 5.13 -9.43 0.35
CA THR A 503 4.83 -10.38 1.41
C THR A 503 3.47 -11.03 1.23
N GLN A 504 3.00 -11.15 -0.01
CA GLN A 504 1.72 -11.78 -0.26
C GLN A 504 1.80 -13.30 -0.14
N PHE A 505 2.92 -13.88 -0.55
CA PHE A 505 3.14 -15.33 -0.50
C PHE A 505 4.48 -15.59 0.16
N PRO A 506 4.54 -15.53 1.49
CA PRO A 506 5.81 -15.78 2.18
C PRO A 506 6.28 -17.20 1.96
N LYS A 507 7.59 -17.37 1.87
CA LYS A 507 8.21 -18.68 1.69
C LYS A 507 8.21 -19.41 3.03
N CYS A 508 7.02 -19.88 3.42
CA CYS A 508 6.87 -20.59 4.68
C CYS A 508 7.69 -21.87 4.65
N SER A 509 8.28 -22.22 5.79
CA SER A 509 9.22 -23.33 5.83
C SER A 509 9.04 -24.14 7.11
N THR A 510 9.57 -25.35 7.08
CA THR A 510 9.63 -26.23 8.24
C THR A 510 11.06 -26.26 8.75
N LEU A 511 11.23 -26.08 10.05
CA LEU A 511 12.54 -26.03 10.66
C LEU A 511 12.93 -27.39 11.23
N ALA A 512 14.23 -27.58 11.41
CA ALA A 512 14.76 -28.81 11.98
C ALA A 512 16.13 -28.53 12.58
N ASN A 513 16.53 -29.40 13.51
CA ASN A 513 17.78 -29.23 14.21
C ASN A 513 18.96 -29.53 13.31
N ILE A 514 20.10 -28.93 13.63
CA ILE A 514 21.35 -29.12 12.89
C ILE A 514 22.46 -29.38 13.89
N GLY A 515 23.17 -30.50 13.70
CA GLY A 515 24.31 -30.80 14.55
C GLY A 515 23.97 -31.15 15.98
N ARG A 516 22.72 -31.52 16.26
CA ARG A 516 22.28 -31.87 17.61
C ARG A 516 22.62 -30.76 18.60
N THR A 517 22.27 -29.53 18.22
CA THR A 517 22.61 -28.34 19.00
C THR A 517 21.39 -27.43 18.99
N ASN A 518 21.59 -26.17 19.39
CA ASN A 518 20.51 -25.19 19.44
C ASN A 518 20.40 -24.36 18.17
N ILE A 519 20.82 -24.92 17.04
CA ILE A 519 20.71 -24.25 15.74
C ILE A 519 19.64 -24.96 14.93
N TYR A 520 18.69 -24.19 14.40
CA TYR A 520 17.58 -24.74 13.64
C TYR A 520 17.53 -24.07 12.28
N LYS A 521 17.43 -24.89 11.23
CA LYS A 521 17.47 -24.40 9.85
C LYS A 521 16.36 -25.05 9.03
N ASN A 522 16.34 -24.73 7.74
CA ASN A 522 15.29 -25.21 6.86
C ASN A 522 15.36 -26.73 6.71
N LYS A 523 14.22 -27.33 6.35
CA LYS A 523 14.09 -28.77 6.30
C LYS A 523 14.51 -29.37 4.97
N LYS A 524 14.94 -28.56 4.01
CA LYS A 524 15.40 -29.05 2.72
C LYS A 524 16.72 -28.41 2.34
N ASP A 525 17.63 -28.26 3.30
CA ASP A 525 18.87 -27.55 3.06
C ASP A 525 20.11 -28.25 3.61
N TYR A 526 19.95 -29.37 4.33
CA TYR A 526 21.10 -30.03 4.93
C TYR A 526 20.86 -31.54 4.93
N TYR A 527 21.80 -32.28 5.52
CA TYR A 527 21.79 -33.74 5.45
C TYR A 527 21.70 -34.41 6.82
N ASP A 528 22.43 -33.92 7.83
CA ASP A 528 22.47 -34.56 9.13
C ASP A 528 21.38 -34.05 10.06
N MET A 529 20.26 -33.62 9.50
CA MET A 529 19.16 -33.04 10.27
C MET A 529 18.48 -34.09 11.13
N TYR A 530 17.79 -33.61 12.17
CA TYR A 530 17.04 -34.49 13.07
C TYR A 530 15.87 -33.69 13.63
N GLU A 531 14.68 -33.93 13.09
CA GLU A 531 13.50 -33.37 13.72
C GLU A 531 13.14 -34.18 14.97
N PRO A 532 12.75 -33.53 16.06
CA PRO A 532 12.30 -34.27 17.23
C PRO A 532 11.02 -35.04 16.91
N GLU A 533 10.85 -36.17 17.59
CA GLU A 533 9.71 -37.03 17.31
C GLU A 533 8.40 -36.32 17.68
N GLY A 534 7.41 -36.44 16.81
CA GLY A 534 6.11 -35.85 17.06
C GLY A 534 6.13 -34.35 17.26
N VAL A 535 7.13 -33.66 16.71
CA VAL A 535 7.26 -32.21 16.85
C VAL A 535 7.53 -31.63 15.48
N LYS A 536 6.71 -30.67 15.05
CA LYS A 536 6.90 -29.96 13.80
C LYS A 536 7.06 -28.48 14.10
N ILE A 537 8.11 -27.88 13.57
CA ILE A 537 8.43 -26.47 13.80
C ILE A 537 8.18 -25.71 12.51
N PHE A 538 7.36 -24.66 12.59
CA PHE A 538 6.96 -23.90 11.42
C PHE A 538 7.50 -22.48 11.51
N ARG A 539 7.94 -21.94 10.37
CA ARG A 539 8.47 -20.59 10.31
C ARG A 539 7.83 -19.84 9.16
N CYS A 540 7.30 -18.65 9.46
CA CYS A 540 6.68 -17.79 8.45
C CYS A 540 7.47 -16.50 8.37
N PRO A 541 8.40 -16.37 7.42
CA PRO A 541 9.35 -15.25 7.41
C PRO A 541 8.79 -13.96 6.80
N SER A 542 7.60 -13.58 7.24
CA SER A 542 6.99 -12.32 6.81
C SER A 542 5.90 -11.97 7.80
N PRO A 543 5.62 -10.68 8.00
CA PRO A 543 4.53 -10.30 8.89
C PRO A 543 3.19 -10.81 8.36
N ILE A 544 2.29 -11.12 9.27
CA ILE A 544 0.99 -11.70 8.93
C ILE A 544 -0.07 -10.62 9.12
N TYR A 545 -0.72 -10.23 8.03
CA TYR A 545 -1.81 -9.27 8.06
C TYR A 545 -2.92 -9.81 7.17
N PHE A 546 -3.87 -8.94 6.82
CA PHE A 546 -5.07 -9.37 6.12
C PHE A 546 -4.76 -10.15 4.85
N ALA A 547 -3.68 -9.80 4.16
CA ALA A 547 -3.33 -10.42 2.89
C ALA A 547 -2.53 -11.70 3.06
N ASN A 548 -2.25 -12.12 4.28
CA ASN A 548 -1.39 -13.26 4.52
C ASN A 548 -1.99 -14.36 5.38
N ILE A 549 -3.04 -14.07 6.15
CA ILE A 549 -3.49 -15.03 7.14
C ILE A 549 -4.03 -16.29 6.47
N GLY A 550 -4.74 -16.14 5.34
CA GLY A 550 -5.24 -17.31 4.64
C GLY A 550 -4.12 -18.18 4.10
N PHE A 551 -3.14 -17.55 3.45
CA PHE A 551 -2.02 -18.30 2.91
C PHE A 551 -1.20 -18.94 4.01
N PHE A 552 -0.98 -18.21 5.11
CA PHE A 552 -0.23 -18.79 6.22
C PHE A 552 -0.95 -19.99 6.81
N ARG A 553 -2.27 -19.88 7.00
CA ARG A 553 -3.03 -21.00 7.54
C ARG A 553 -2.99 -22.20 6.61
N ARG A 554 -3.16 -21.98 5.31
CA ARG A 554 -3.11 -23.09 4.36
C ARG A 554 -1.74 -23.75 4.36
N LYS A 555 -0.67 -22.95 4.34
CA LYS A 555 0.67 -23.52 4.33
C LYS A 555 0.96 -24.29 5.61
N LEU A 556 0.53 -23.75 6.76
CA LEU A 556 0.76 -24.45 8.02
C LEU A 556 0.01 -25.78 8.05
N ILE A 557 -1.24 -25.78 7.61
CA ILE A 557 -2.01 -27.02 7.62
C ILE A 557 -1.38 -28.04 6.67
N ASP A 558 -0.95 -27.59 5.49
CA ASP A 558 -0.32 -28.51 4.55
C ASP A 558 0.98 -29.07 5.11
N ALA A 559 1.78 -28.22 5.77
CA ALA A 559 3.03 -28.69 6.35
C ALA A 559 2.79 -29.69 7.47
N VAL A 560 1.79 -29.43 8.32
CA VAL A 560 1.47 -30.37 9.39
C VAL A 560 0.99 -31.68 8.82
N GLY A 561 0.10 -31.63 7.83
CA GLY A 561 -0.37 -32.82 7.14
C GLY A 561 -1.84 -33.14 7.32
N PHE A 562 -2.56 -32.40 8.15
CA PHE A 562 -3.97 -32.68 8.37
C PHE A 562 -4.65 -31.41 8.86
N SER A 563 -5.88 -31.21 8.42
CA SER A 563 -6.68 -30.09 8.91
C SER A 563 -7.17 -30.40 10.31
N PRO A 564 -6.82 -29.59 11.31
CA PRO A 564 -7.28 -29.90 12.68
C PRO A 564 -8.78 -29.93 12.84
N LEU A 565 -9.51 -29.10 12.09
CA LEU A 565 -10.96 -29.09 12.20
C LEU A 565 -11.56 -30.44 11.78
N ARG A 566 -11.01 -31.04 10.73
CA ARG A 566 -11.49 -32.35 10.31
C ARG A 566 -11.29 -33.39 11.39
N ILE A 567 -10.11 -33.38 12.02
CA ILE A 567 -9.84 -34.34 13.09
C ILE A 567 -10.78 -34.11 14.26
N LEU A 568 -10.99 -32.85 14.64
CA LEU A 568 -11.90 -32.57 15.75
C LEU A 568 -13.31 -33.01 15.44
N ARG A 569 -13.80 -32.75 14.23
CA ARG A 569 -15.15 -33.15 13.86
C ARG A 569 -15.29 -34.67 13.84
N LYS A 570 -14.30 -35.37 13.30
CA LYS A 570 -14.38 -36.82 13.27
C LYS A 570 -14.32 -37.41 14.67
N ARG A 571 -13.50 -36.83 15.55
CA ARG A 571 -13.47 -37.28 16.93
C ARG A 571 -14.82 -37.05 17.62
N ASN A 572 -15.44 -35.90 17.38
CA ASN A 572 -16.74 -35.63 17.97
C ASN A 572 -17.79 -36.61 17.44
N LYS A 573 -17.75 -36.90 16.14
CA LYS A 573 -18.70 -37.87 15.57
C LYS A 573 -18.49 -39.25 16.19
N ALA A 574 -17.23 -39.65 16.36
CA ALA A 574 -16.94 -40.94 16.97
C ALA A 574 -17.45 -40.98 18.41
N LEU A 575 -17.25 -39.89 19.16
CA LEU A 575 -17.74 -39.85 20.54
C LEU A 575 -19.27 -39.93 20.57
N ARG A 576 -19.94 -39.25 19.65
CA ARG A 576 -21.40 -39.31 19.60
C ARG A 576 -21.86 -40.73 19.29
N LYS A 577 -21.20 -41.39 18.34
CA LYS A 577 -21.56 -42.78 18.02
C LYS A 577 -21.33 -43.70 19.22
N ILE A 578 -20.22 -43.51 19.93
CA ILE A 578 -19.93 -44.33 21.09
C ILE A 578 -20.98 -44.12 22.17
N ARG A 579 -21.36 -42.86 22.40
CA ARG A 579 -22.38 -42.57 23.39
C ARG A 579 -23.72 -43.16 22.99
N LYS A 580 -24.06 -43.11 21.70
CA LYS A 580 -25.29 -43.72 21.22
C LYS A 580 -25.29 -45.23 21.47
N LEU A 581 -24.17 -45.90 21.17
CA LEU A 581 -24.08 -47.34 21.41
C LEU A 581 -24.18 -47.65 22.89
N GLN A 582 -23.54 -46.84 23.74
CA GLN A 582 -23.63 -47.05 25.17
C GLN A 582 -25.06 -46.88 25.67
N LYS A 583 -25.77 -45.87 25.14
CA LYS A 583 -27.18 -45.68 25.51
C LYS A 583 -28.01 -46.88 25.07
N GLN A 584 -27.75 -47.41 23.87
CA GLN A 584 -28.44 -48.61 23.42
C GLN A 584 -28.00 -49.85 24.17
N GLY A 585 -26.93 -49.78 24.95
CA GLY A 585 -26.47 -50.90 25.75
C GLY A 585 -25.56 -51.86 25.03
N LEU A 586 -25.31 -51.67 23.73
CA LEU A 586 -24.44 -52.57 22.99
C LEU A 586 -22.99 -52.50 23.47
N LEU A 587 -22.61 -51.41 24.14
CA LEU A 587 -21.26 -51.23 24.65
C LEU A 587 -21.33 -50.94 26.14
N GLN A 588 -20.51 -51.65 26.91
CA GLN A 588 -20.46 -51.48 28.36
C GLN A 588 -19.18 -50.75 28.73
N VAL A 589 -19.33 -49.67 29.50
CA VAL A 589 -18.20 -48.82 29.84
C VAL A 589 -17.47 -49.39 31.05
N THR A 590 -16.16 -49.59 30.91
CA THR A 590 -15.28 -50.06 31.97
C THR A 590 -14.14 -49.08 32.13
N PRO A 591 -13.50 -49.04 33.30
CA PRO A 591 -12.36 -48.11 33.47
C PRO A 591 -11.26 -48.32 32.46
N LYS A 592 -11.01 -49.56 32.06
CA LYS A 592 -10.01 -49.87 31.03
C LYS A 592 -10.74 -50.53 29.87
N GLY A 593 -10.96 -49.78 28.80
CA GLY A 593 -11.62 -50.32 27.63
C GLY A 593 -13.12 -50.50 27.84
N PHE A 594 -13.72 -51.21 26.88
CA PHE A 594 -15.14 -51.54 26.92
C PHE A 594 -15.32 -53.01 26.63
N ILE A 595 -16.44 -53.55 27.12
CA ILE A 595 -16.74 -54.96 26.91
C ILE A 595 -17.04 -55.24 25.44
N CYS A 596 -17.78 -54.35 24.79
CA CYS A 596 -18.13 -54.46 23.37
C CYS A 596 -18.86 -55.77 23.09
N THR A 597 -20.06 -55.86 23.68
CA THR A 597 -20.88 -57.07 23.57
C THR A 597 -21.59 -57.13 22.20
N VAL A 598 -20.77 -57.08 21.14
CA VAL A 598 -21.28 -57.19 19.78
C VAL A 598 -20.14 -57.64 18.86
N ASP A 599 -20.42 -58.65 18.03
CA ASP A 599 -19.42 -59.11 17.09
C ASP A 599 -19.20 -58.09 15.97
N THR A 600 -20.28 -57.58 15.39
CA THR A 600 -20.21 -56.62 14.31
C THR A 600 -21.56 -55.93 14.19
N ILE A 601 -21.52 -54.61 14.04
CA ILE A 601 -22.73 -53.81 13.90
C ILE A 601 -23.01 -53.59 12.42
N LYS A 602 -24.23 -53.15 12.12
CA LYS A 602 -24.64 -52.90 10.75
C LYS A 602 -24.11 -51.59 10.19
N ASP A 603 -23.35 -50.83 10.98
CA ASP A 603 -22.81 -49.53 10.58
C ASP A 603 -23.95 -48.60 10.18
N SER A 604 -24.79 -48.28 11.17
CA SER A 604 -25.92 -47.37 10.98
C SER A 604 -25.44 -45.94 11.22
N ASP A 605 -24.55 -45.49 10.33
CA ASP A 605 -24.01 -44.14 10.43
C ASP A 605 -25.12 -43.11 10.21
N GLU A 606 -25.14 -42.09 11.06
CA GLU A 606 -26.16 -41.05 11.01
C GLU A 606 -25.61 -39.83 10.31
N GLU A 607 -26.46 -39.20 9.49
CA GLU A 607 -26.13 -37.96 8.80
C GLU A 607 -26.76 -36.81 9.57
N LEU A 608 -25.92 -35.96 10.15
CA LEU A 608 -26.41 -34.84 10.93
C LEU A 608 -26.92 -33.75 10.01
N ASP A 609 -28.14 -33.27 10.28
CA ASP A 609 -28.76 -32.26 9.43
C ASP A 609 -28.15 -30.89 9.73
N ASN A 610 -28.63 -29.88 9.01
CA ASN A 610 -28.16 -28.52 9.22
C ASN A 610 -28.69 -27.98 10.55
N ASN A 611 -28.12 -26.87 10.98
CA ASN A 611 -28.38 -26.24 12.28
C ASN A 611 -27.99 -27.15 13.44
N GLN A 612 -27.33 -28.27 13.17
CA GLN A 612 -26.83 -29.17 14.20
C GLN A 612 -25.41 -29.62 13.96
N ILE A 613 -24.83 -29.36 12.78
CA ILE A 613 -23.45 -29.75 12.52
C ILE A 613 -22.49 -29.00 13.43
N GLU A 614 -22.84 -27.76 13.80
CA GLU A 614 -21.99 -26.97 14.68
C GLU A 614 -21.76 -27.65 16.03
N VAL A 615 -22.64 -28.57 16.43
CA VAL A 615 -22.43 -29.30 17.67
C VAL A 615 -21.15 -30.12 17.60
N LEU A 616 -20.85 -30.67 16.42
CA LEU A 616 -19.60 -31.39 16.23
C LEU A 616 -18.38 -30.48 16.37
N ASP A 617 -18.55 -29.18 16.18
CA ASP A 617 -17.45 -28.23 16.31
C ASP A 617 -17.08 -27.94 17.76
N GLN A 618 -17.93 -28.30 18.72
CA GLN A 618 -17.68 -27.98 20.11
C GLN A 618 -16.46 -28.74 20.62
N PRO A 619 -15.74 -28.18 21.58
CA PRO A 619 -14.57 -28.87 22.13
C PRO A 619 -14.96 -30.20 22.77
N ILE A 620 -14.07 -31.17 22.64
CA ILE A 620 -14.30 -32.50 23.17
C ILE A 620 -14.08 -32.51 24.68
N ASN A 621 -14.92 -33.26 25.39
CA ASN A 621 -14.77 -33.40 26.84
C ASN A 621 -15.39 -34.74 27.24
N THR A 622 -14.54 -35.75 27.40
CA THR A 622 -14.98 -37.07 27.84
C THR A 622 -14.78 -37.26 29.34
N THR A 623 -15.30 -36.31 30.14
CA THR A 623 -15.16 -36.43 31.59
C THR A 623 -16.12 -37.47 32.17
N ASP A 624 -17.30 -37.62 31.57
CA ASP A 624 -18.27 -38.59 32.09
C ASP A 624 -17.74 -40.01 31.99
N LEU A 625 -17.12 -40.37 30.87
CA LEU A 625 -16.60 -41.71 30.69
C LEU A 625 -15.30 -41.87 31.48
N PRO A 626 -15.22 -42.85 32.39
CA PRO A 626 -13.96 -43.04 33.14
C PRO A 626 -12.78 -43.38 32.25
N PHE A 627 -13.00 -44.08 31.14
CA PHE A 627 -11.91 -44.42 30.23
C PHE A 627 -11.46 -43.16 29.51
N HIS A 628 -10.18 -42.82 29.67
CA HIS A 628 -9.58 -41.73 28.91
C HIS A 628 -9.20 -42.26 27.53
N ILE A 629 -9.95 -41.86 26.51
CA ILE A 629 -9.73 -42.39 25.17
C ILE A 629 -8.45 -41.79 24.60
N ASP A 630 -7.55 -42.64 24.12
CA ASP A 630 -6.28 -42.17 23.59
C ASP A 630 -6.42 -41.53 22.21
N TRP A 631 -7.45 -41.91 21.46
CA TRP A 631 -7.72 -41.40 20.12
C TRP A 631 -6.60 -41.70 19.13
N ASN A 632 -5.67 -42.59 19.47
CA ASN A 632 -4.55 -42.87 18.57
C ASN A 632 -4.22 -44.34 18.41
N ASP A 633 -4.70 -45.24 19.28
CA ASP A 633 -4.40 -46.66 19.13
C ASP A 633 -5.48 -47.38 18.35
N ASP A 634 -6.71 -47.41 18.89
CA ASP A 634 -7.83 -48.09 18.25
C ASP A 634 -9.13 -47.84 18.99
N LEU A 635 -10.25 -48.00 18.29
CA LEU A 635 -11.59 -47.86 18.84
C LEU A 635 -12.40 -49.11 18.53
N PRO A 636 -13.29 -49.50 19.43
CA PRO A 636 -14.14 -50.66 19.16
C PRO A 636 -15.10 -50.39 18.01
N LEU A 637 -15.52 -51.48 17.37
CA LEU A 637 -16.46 -51.46 16.24
C LEU A 637 -15.90 -50.77 15.01
N ASN A 638 -14.57 -50.63 14.93
CA ASN A 638 -13.88 -50.13 13.74
C ASN A 638 -14.36 -48.73 13.36
N ILE A 639 -14.14 -47.78 14.27
CA ILE A 639 -14.45 -46.38 13.99
C ILE A 639 -13.30 -45.76 13.19
N GLU A 640 -13.63 -44.70 12.46
CA GLU A 640 -12.65 -44.03 11.59
C GLU A 640 -11.47 -43.49 12.40
N VAL A 641 -11.74 -42.52 13.27
CA VAL A 641 -10.77 -41.92 14.21
C VAL A 641 -9.38 -41.81 13.61
N PRO A 642 -9.16 -40.93 12.62
CA PRO A 642 -7.82 -40.82 12.03
C PRO A 642 -6.78 -40.48 13.08
N LYS A 643 -5.62 -41.11 12.96
CA LYS A 643 -4.54 -40.94 13.91
C LYS A 643 -3.64 -39.78 13.50
N ILE A 644 -3.00 -39.17 14.49
CA ILE A 644 -2.08 -38.06 14.27
C ILE A 644 -0.79 -38.37 15.00
N SER A 645 0.33 -38.41 14.26
CA SER A 645 1.62 -38.67 14.87
C SER A 645 2.14 -37.44 15.62
N LEU A 646 1.88 -36.25 15.08
CA LEU A 646 2.35 -35.02 15.70
C LEU A 646 1.70 -34.83 17.05
N HIS A 647 2.51 -34.43 18.04
CA HIS A 647 2.02 -34.21 19.39
C HIS A 647 2.44 -32.88 19.99
N SER A 648 3.13 -32.02 19.23
CA SER A 648 3.48 -30.69 19.68
C SER A 648 3.95 -29.88 18.48
N LEU A 649 3.56 -28.61 18.45
CA LEU A 649 3.88 -27.72 17.33
C LEU A 649 4.46 -26.42 17.87
N ILE A 650 5.56 -25.98 17.26
CA ILE A 650 6.25 -24.76 17.66
C ILE A 650 6.23 -23.81 16.47
N LEU A 651 5.67 -22.63 16.66
CA LEU A 651 5.62 -21.60 15.63
C LEU A 651 6.79 -20.66 15.82
N ASP A 652 7.67 -20.59 14.82
CA ASP A 652 8.84 -19.71 14.88
C ASP A 652 8.41 -18.31 14.45
N PHE A 653 7.87 -17.57 15.41
CA PHE A 653 7.49 -16.19 15.18
C PHE A 653 8.68 -15.25 15.40
N SER A 654 9.80 -15.55 14.75
CA SER A 654 10.98 -14.70 14.87
C SER A 654 11.02 -13.62 13.81
N ALA A 655 10.25 -13.76 12.75
CA ALA A 655 10.17 -12.76 11.70
C ALA A 655 8.85 -12.01 11.67
N VAL A 656 7.85 -12.47 12.43
CA VAL A 656 6.57 -11.78 12.48
C VAL A 656 6.76 -10.41 13.13
N SER A 657 6.32 -9.37 12.45
CA SER A 657 6.54 -8.00 12.91
C SER A 657 5.28 -7.32 13.41
N PHE A 658 4.11 -7.69 12.92
CA PHE A 658 2.88 -7.06 13.37
C PHE A 658 1.67 -7.87 12.92
N LEU A 659 0.69 -7.99 13.81
CA LEU A 659 -0.63 -8.53 13.51
C LEU A 659 -1.64 -7.51 13.99
N ASP A 660 -2.71 -7.29 13.23
CA ASP A 660 -3.64 -6.21 13.58
C ASP A 660 -5.01 -6.71 14.01
N VAL A 661 -5.81 -7.28 13.11
CA VAL A 661 -7.09 -7.84 13.52
C VAL A 661 -7.31 -9.20 12.87
N SER A 662 -7.33 -9.21 11.53
CA SER A 662 -7.72 -10.41 10.79
C SER A 662 -6.73 -11.53 11.03
N SER A 663 -5.44 -11.22 11.01
CA SER A 663 -4.44 -12.23 11.31
C SER A 663 -4.57 -12.72 12.74
N VAL A 664 -4.94 -11.83 13.66
CA VAL A 664 -5.13 -12.24 15.05
C VAL A 664 -6.31 -13.18 15.16
N ARG A 665 -7.41 -12.89 14.46
CA ARG A 665 -8.56 -13.79 14.49
C ARG A 665 -8.21 -15.15 13.90
N GLY A 666 -7.49 -15.16 12.77
CA GLY A 666 -7.08 -16.43 12.19
C GLY A 666 -6.15 -17.21 13.10
N LEU A 667 -5.21 -16.52 13.73
CA LEU A 667 -4.28 -17.18 14.65
C LEU A 667 -5.02 -17.75 15.85
N LYS A 668 -5.98 -17.00 16.38
CA LYS A 668 -6.77 -17.50 17.51
C LYS A 668 -7.56 -18.72 17.11
N SER A 669 -8.17 -18.70 15.92
CA SER A 669 -8.91 -19.87 15.46
C SER A 669 -8.00 -21.08 15.28
N ILE A 670 -6.82 -20.88 14.70
CA ILE A 670 -5.88 -21.98 14.50
C ILE A 670 -5.42 -22.54 15.83
N LEU A 671 -5.08 -21.66 16.77
CA LEU A 671 -4.61 -22.13 18.07
C LEU A 671 -5.70 -22.87 18.83
N GLN A 672 -6.94 -22.36 18.77
CA GLN A 672 -8.04 -23.08 19.41
C GLN A 672 -8.25 -24.44 18.78
N GLU A 673 -8.19 -24.50 17.44
CA GLU A 673 -8.35 -25.77 16.74
C GLU A 673 -7.28 -26.77 17.16
N PHE A 674 -6.03 -26.32 17.24
CA PHE A 674 -4.95 -27.24 17.61
C PHE A 674 -5.06 -27.66 19.07
N ILE A 675 -5.37 -26.73 19.96
CA ILE A 675 -5.47 -27.06 21.37
C ILE A 675 -6.59 -28.06 21.61
N ARG A 676 -7.70 -27.90 20.90
CA ARG A 676 -8.87 -28.75 21.15
C ARG A 676 -8.65 -30.20 20.77
N ILE A 677 -7.73 -30.49 19.84
CA ILE A 677 -7.48 -31.86 19.43
C ILE A 677 -6.34 -32.45 20.26
N LYS A 678 -6.01 -31.76 21.36
CA LYS A 678 -5.04 -32.24 22.35
C LYS A 678 -3.63 -32.32 21.76
N VAL A 679 -3.18 -31.23 21.15
CA VAL A 679 -1.78 -31.03 20.83
C VAL A 679 -1.39 -29.61 21.28
N ASP A 680 -0.36 -29.53 22.09
CA ASP A 680 0.09 -28.23 22.59
C ASP A 680 0.70 -27.41 21.48
N VAL A 681 0.64 -26.09 21.64
CA VAL A 681 1.17 -25.15 20.66
C VAL A 681 2.00 -24.11 21.39
N TYR A 682 3.18 -23.80 20.84
CA TYR A 682 4.09 -22.85 21.45
C TYR A 682 4.53 -21.82 20.42
N ILE A 683 4.60 -20.57 20.84
CA ILE A 683 5.04 -19.46 20.00
C ILE A 683 6.39 -18.99 20.51
N VAL A 684 7.34 -18.82 19.59
CA VAL A 684 8.75 -18.66 19.96
C VAL A 684 9.35 -17.52 19.17
N GLY A 685 10.22 -16.73 19.83
CA GLY A 685 11.05 -15.76 19.18
C GLY A 685 10.60 -14.32 19.31
N THR A 686 9.37 -14.09 19.73
CA THR A 686 8.86 -12.74 19.83
C THR A 686 9.44 -12.02 21.04
N ASP A 687 9.64 -10.71 20.89
CA ASP A 687 10.15 -9.89 21.97
C ASP A 687 9.03 -9.52 22.93
N ASP A 688 9.36 -8.68 23.92
CA ASP A 688 8.36 -8.26 24.90
C ASP A 688 7.30 -7.35 24.27
N ASP A 689 7.71 -6.53 23.30
CA ASP A 689 6.75 -5.61 22.67
C ASP A 689 5.65 -6.37 21.97
N PHE A 690 5.99 -7.47 21.29
CA PHE A 690 4.98 -8.21 20.53
C PHE A 690 3.95 -8.86 21.45
N ILE A 691 4.40 -9.50 22.53
CA ILE A 691 3.45 -10.12 23.44
C ILE A 691 2.62 -9.06 24.14
N GLU A 692 3.24 -7.91 24.47
CA GLU A 692 2.47 -6.81 25.04
C GLU A 692 1.37 -6.35 24.10
N LYS A 693 1.69 -6.21 22.81
CA LYS A 693 0.69 -5.80 21.83
C LYS A 693 -0.40 -6.85 21.69
N LEU A 694 -0.02 -8.14 21.63
CA LEU A 694 -0.99 -9.21 21.49
C LEU A 694 -1.89 -9.33 22.71
N ASN A 695 -1.43 -8.88 23.88
CA ASN A 695 -2.27 -8.93 25.06
C ASN A 695 -3.52 -8.07 24.92
N ARG A 696 -3.48 -7.04 24.08
CA ARG A 696 -4.63 -6.16 23.91
C ARG A 696 -5.73 -6.78 23.05
N TYR A 697 -5.38 -7.66 22.11
CA TYR A 697 -6.33 -8.19 21.15
C TYR A 697 -7.25 -9.24 21.75
N GLU A 698 -7.31 -9.36 23.08
CA GLU A 698 -8.09 -10.40 23.74
C GLU A 698 -7.66 -11.79 23.27
N PHE A 699 -6.39 -11.91 22.88
CA PHE A 699 -5.88 -13.18 22.38
C PHE A 699 -5.92 -14.26 23.46
N PHE A 700 -5.53 -13.91 24.68
CA PHE A 700 -5.48 -14.88 25.76
C PHE A 700 -6.84 -15.02 26.43
N ASP A 701 -7.16 -16.25 26.82
CA ASP A 701 -8.39 -16.54 27.55
C ASP A 701 -8.17 -17.84 28.31
N GLY A 702 -9.26 -18.47 28.76
CA GLY A 702 -9.16 -19.71 29.49
C GLY A 702 -8.54 -20.85 28.68
N GLU A 703 -8.60 -20.77 27.35
CA GLU A 703 -8.07 -21.83 26.50
C GLU A 703 -6.62 -21.58 26.11
N VAL A 704 -6.35 -20.45 25.47
CA VAL A 704 -5.01 -20.11 25.01
C VAL A 704 -4.38 -19.23 26.09
N LYS A 705 -3.70 -19.88 27.04
CA LYS A 705 -3.08 -19.17 28.14
C LYS A 705 -1.86 -18.41 27.66
N SER A 706 -1.24 -17.67 28.59
CA SER A 706 -0.04 -16.90 28.29
C SER A 706 1.24 -17.70 28.47
N SER A 707 1.14 -18.98 28.82
CA SER A 707 2.31 -19.84 28.98
C SER A 707 2.76 -20.47 27.67
N ILE A 708 2.08 -20.18 26.56
CA ILE A 708 2.48 -20.74 25.27
C ILE A 708 3.61 -19.96 24.61
N PHE A 709 3.97 -18.79 25.13
CA PHE A 709 5.05 -18.01 24.57
C PHE A 709 6.38 -18.42 25.19
N PHE A 710 7.40 -18.54 24.36
CA PHE A 710 8.72 -18.94 24.83
C PHE A 710 9.80 -17.99 24.32
N LEU A 711 11.06 -18.34 24.52
CA LEU A 711 12.17 -17.48 24.17
C LEU A 711 12.88 -17.90 22.89
N THR A 712 13.30 -19.17 22.82
CA THR A 712 14.01 -19.67 21.65
C THR A 712 13.46 -21.04 21.30
N ILE A 713 13.66 -21.43 20.03
CA ILE A 713 13.15 -22.71 19.55
C ILE A 713 13.70 -23.84 20.41
N HIS A 714 15.00 -23.78 20.72
CA HIS A 714 15.60 -24.82 21.54
C HIS A 714 14.95 -24.87 22.92
N ASP A 715 14.60 -23.70 23.47
CA ASP A 715 13.89 -23.69 24.75
C ASP A 715 12.56 -24.42 24.62
N ALA A 716 11.83 -24.18 23.53
CA ALA A 716 10.54 -24.82 23.36
C ALA A 716 10.69 -26.35 23.27
N VAL A 717 11.63 -26.82 22.46
CA VAL A 717 11.76 -28.26 22.30
C VAL A 717 12.27 -28.91 23.58
N LEU A 718 13.16 -28.22 24.31
CA LEU A 718 13.62 -28.76 25.58
C LEU A 718 12.48 -28.84 26.58
N HIS A 719 11.61 -27.83 26.62
CA HIS A 719 10.44 -27.89 27.49
C HIS A 719 9.53 -29.05 27.10
N ILE A 720 9.35 -29.25 25.79
CA ILE A 720 8.51 -30.34 25.31
C ILE A 720 9.08 -31.69 25.76
N LEU A 721 10.40 -31.86 25.60
CA LEU A 721 11.04 -33.11 26.00
C LEU A 721 10.93 -33.32 27.51
N MET A 722 11.12 -32.26 28.29
CA MET A 722 10.98 -32.37 29.74
C MET A 722 9.57 -32.78 30.13
N LYS A 723 8.56 -32.16 29.50
CA LYS A 723 7.18 -32.49 29.84
C LYS A 723 6.83 -33.92 29.45
N LYS A 724 7.25 -34.35 28.26
CA LYS A 724 6.91 -35.68 27.80
C LYS A 724 7.58 -36.76 28.64
N ASP A 725 8.85 -36.56 29.01
CA ASP A 725 9.58 -37.53 29.81
C ASP A 725 10.72 -36.87 30.56
N GLN B 8 17.74 -28.80 31.61
CA GLN B 8 18.38 -27.49 31.58
C GLN B 8 18.98 -27.20 30.21
N TYR B 9 18.98 -25.94 29.83
CA TYR B 9 19.56 -25.50 28.56
C TYR B 9 21.07 -25.69 28.61
N ILE B 10 21.57 -26.68 27.88
CA ILE B 10 22.99 -26.99 27.83
C ILE B 10 23.39 -27.09 26.37
N VAL B 11 24.38 -26.29 25.97
CA VAL B 11 24.89 -26.28 24.60
C VAL B 11 26.41 -26.12 24.64
N ALA B 12 27.11 -26.92 23.84
CA ALA B 12 28.56 -26.82 23.68
C ALA B 12 28.86 -26.95 22.19
N ARG B 13 29.00 -25.82 21.51
CA ARG B 13 29.19 -25.77 20.07
C ARG B 13 30.25 -24.73 19.74
N PRO B 14 30.90 -24.85 18.59
CA PRO B 14 31.82 -23.80 18.15
C PRO B 14 31.08 -22.56 17.69
N VAL B 15 31.78 -21.43 17.73
CA VAL B 15 31.20 -20.17 17.27
C VAL B 15 31.10 -20.17 15.76
N TYR B 16 29.91 -19.93 15.25
CA TYR B 16 29.63 -19.99 13.82
C TYR B 16 29.35 -18.61 13.27
N SER B 17 29.59 -18.46 11.97
CA SER B 17 29.40 -17.18 11.29
C SER B 17 28.80 -17.37 9.90
N THR B 18 27.95 -18.38 9.73
CA THR B 18 27.19 -18.66 8.51
C THR B 18 28.09 -18.78 7.28
N ASN B 19 29.40 -18.76 7.50
CA ASN B 19 30.39 -19.06 6.47
C ASN B 19 31.21 -20.28 6.83
N ALA B 20 31.78 -20.32 8.03
CA ALA B 20 32.32 -21.57 8.54
C ALA B 20 31.21 -22.60 8.73
N PHE B 21 30.01 -22.15 9.08
CA PHE B 21 28.88 -23.07 9.22
C PHE B 21 28.53 -23.70 7.89
N GLU B 22 28.54 -22.93 6.80
CA GLU B 22 28.25 -23.49 5.49
C GLU B 22 29.29 -24.53 5.10
N GLU B 23 30.57 -24.25 5.37
CA GLU B 23 31.61 -25.22 5.05
C GLU B 23 31.47 -26.49 5.89
N ASN B 24 31.17 -26.33 7.19
CA ASN B 24 31.09 -27.50 8.06
C ASN B 24 29.89 -28.38 7.72
N HIS B 25 28.76 -27.77 7.39
CA HIS B 25 27.53 -28.49 7.09
C HIS B 25 27.17 -28.27 5.64
N LYS B 26 27.35 -29.31 4.82
CA LYS B 26 27.08 -29.21 3.39
C LYS B 26 25.58 -29.09 3.13
N LYS B 27 25.25 -28.46 2.02
CA LYS B 27 23.87 -28.19 1.65
C LYS B 27 23.39 -29.20 0.61
N THR B 28 22.06 -29.33 0.52
CA THR B 28 21.47 -30.28 -0.42
C THR B 28 21.63 -29.83 -1.87
N GLY B 29 21.90 -28.54 -2.11
CA GLY B 29 22.08 -28.05 -3.46
C GLY B 29 20.84 -28.16 -4.31
N ARG B 30 19.69 -27.78 -3.77
CA ARG B 30 18.44 -27.86 -4.52
C ARG B 30 18.46 -26.86 -5.68
N HIS B 31 17.90 -27.29 -6.81
CA HIS B 31 17.85 -26.46 -8.01
C HIS B 31 16.56 -25.64 -8.00
N HIS B 32 16.71 -24.32 -7.93
CA HIS B 32 15.54 -23.44 -7.96
C HIS B 32 14.87 -23.51 -9.32
N LYS B 33 13.54 -23.45 -9.31
CA LYS B 33 12.77 -23.54 -10.55
C LYS B 33 13.08 -22.35 -11.46
N THR B 34 13.33 -22.64 -12.73
CA THR B 34 13.64 -21.63 -13.71
C THR B 34 12.36 -21.15 -14.40
N PHE B 35 12.50 -20.42 -15.51
CA PHE B 35 11.34 -20.01 -16.29
C PHE B 35 10.99 -21.02 -17.38
N LEU B 36 11.97 -21.75 -17.89
CA LEU B 36 11.69 -22.71 -18.97
C LEU B 36 10.92 -23.92 -18.44
N ASP B 37 11.32 -24.45 -17.28
CA ASP B 37 10.67 -25.65 -16.75
C ASP B 37 9.23 -25.37 -16.35
N HIS B 38 8.95 -24.18 -15.82
CA HIS B 38 7.57 -23.83 -15.47
C HIS B 38 6.66 -23.89 -16.70
N LEU B 39 7.09 -23.25 -17.79
CA LEU B 39 6.30 -23.28 -19.02
C LEU B 39 6.20 -24.70 -19.57
N LYS B 40 7.30 -25.46 -19.49
CA LYS B 40 7.28 -26.84 -19.95
C LYS B 40 6.24 -27.66 -19.21
N VAL B 41 6.15 -27.49 -17.89
CA VAL B 41 5.25 -28.33 -17.10
C VAL B 41 3.81 -27.86 -17.21
N CYS B 42 3.55 -26.56 -17.39
CA CYS B 42 2.15 -26.17 -17.58
C CYS B 42 1.66 -26.51 -18.98
N CYS B 43 2.56 -26.50 -19.97
CA CYS B 43 2.18 -26.82 -21.34
C CYS B 43 2.25 -28.31 -21.65
N SER B 44 2.76 -29.12 -20.73
CA SER B 44 2.87 -30.57 -20.93
C SER B 44 1.49 -31.18 -20.75
N CYS B 45 0.73 -31.26 -21.84
CA CYS B 45 -0.61 -31.81 -21.79
C CYS B 45 -0.55 -33.31 -21.51
N SER B 46 -1.52 -33.80 -20.73
CA SER B 46 -1.62 -35.20 -20.39
C SER B 46 -3.09 -35.56 -20.28
N PRO B 47 -3.46 -36.81 -20.63
CA PRO B 47 -4.88 -37.19 -20.52
C PRO B 47 -5.46 -37.05 -19.13
N GLN B 48 -4.70 -37.40 -18.09
CA GLN B 48 -5.20 -37.20 -16.73
C GLN B 48 -5.30 -35.72 -16.41
N LYS B 49 -4.33 -34.91 -16.83
CA LYS B 49 -4.40 -33.48 -16.61
C LYS B 49 -5.58 -32.87 -17.37
N ALA B 50 -5.80 -33.31 -18.61
CA ALA B 50 -6.94 -32.82 -19.37
C ALA B 50 -8.25 -33.19 -18.70
N LYS B 51 -8.37 -34.43 -18.21
CA LYS B 51 -9.58 -34.83 -17.52
C LYS B 51 -9.82 -34.01 -16.26
N ARG B 52 -8.75 -33.77 -15.50
CA ARG B 52 -8.88 -32.98 -14.27
C ARG B 52 -9.30 -31.55 -14.59
N ILE B 53 -8.68 -30.94 -15.60
CA ILE B 53 -9.03 -29.56 -15.94
C ILE B 53 -10.45 -29.48 -16.47
N VAL B 54 -10.91 -30.49 -17.21
CA VAL B 54 -12.28 -30.48 -17.71
C VAL B 54 -13.27 -30.63 -16.57
N LEU B 55 -12.98 -31.54 -15.63
CA LEU B 55 -13.85 -31.70 -14.47
C LEU B 55 -13.88 -30.44 -13.62
N SER B 56 -12.75 -29.75 -13.52
CA SER B 56 -12.72 -28.47 -12.82
C SER B 56 -13.58 -27.43 -13.53
N LEU B 57 -13.48 -27.38 -14.86
CA LEU B 57 -14.27 -26.41 -15.62
C LEU B 57 -15.75 -26.78 -15.66
N PHE B 58 -16.09 -28.03 -15.37
CA PHE B 58 -17.48 -28.47 -15.28
C PHE B 58 -17.66 -29.18 -13.95
N PRO B 59 -17.73 -28.43 -12.85
CA PRO B 59 -17.81 -29.07 -11.53
C PRO B 59 -19.07 -29.89 -11.33
N ILE B 60 -20.12 -29.67 -12.13
CA ILE B 60 -21.38 -30.38 -11.94
C ILE B 60 -21.16 -31.88 -12.06
N ALA B 61 -20.46 -32.31 -13.10
CA ALA B 61 -20.19 -33.74 -13.29
C ALA B 61 -19.41 -34.33 -12.14
N SER B 62 -18.74 -33.49 -11.35
CA SER B 62 -18.04 -33.99 -10.17
C SER B 62 -19.01 -34.55 -9.14
N TRP B 63 -20.16 -33.90 -8.94
CA TRP B 63 -21.02 -34.23 -7.82
C TRP B 63 -22.39 -34.78 -8.19
N LEU B 64 -22.87 -34.56 -9.42
CA LEU B 64 -24.17 -35.12 -9.79
C LEU B 64 -24.21 -36.64 -9.73
N PRO B 65 -23.24 -37.38 -10.29
CA PRO B 65 -23.28 -38.84 -10.11
C PRO B 65 -23.11 -39.27 -8.66
N ALA B 66 -22.49 -38.45 -7.83
CA ALA B 66 -22.29 -38.77 -6.42
C ALA B 66 -23.49 -38.39 -5.56
N TYR B 67 -24.53 -37.80 -6.15
CA TYR B 67 -25.73 -37.44 -5.40
C TYR B 67 -26.34 -38.69 -4.77
N ARG B 68 -26.68 -38.59 -3.49
CA ARG B 68 -27.30 -39.68 -2.76
C ARG B 68 -28.81 -39.46 -2.75
N LEU B 69 -29.54 -40.43 -3.30
CA LEU B 69 -30.96 -40.29 -3.61
C LEU B 69 -31.87 -40.68 -2.45
N LYS B 70 -31.36 -40.72 -1.22
CA LYS B 70 -32.15 -41.19 -0.09
C LYS B 70 -32.33 -40.15 1.00
N GLU B 71 -31.26 -39.43 1.38
CA GLU B 71 -31.32 -38.50 2.50
C GLU B 71 -31.25 -37.04 2.05
N TRP B 72 -31.38 -36.79 0.75
CA TRP B 72 -31.17 -35.44 0.25
C TRP B 72 -32.40 -34.87 -0.47
N LEU B 73 -33.16 -35.73 -1.15
CA LEU B 73 -34.21 -35.24 -2.03
C LEU B 73 -35.26 -34.43 -1.29
N LEU B 74 -35.74 -34.93 -0.15
CA LEU B 74 -36.79 -34.22 0.58
C LEU B 74 -36.29 -32.86 1.07
N SER B 75 -35.13 -32.85 1.74
CA SER B 75 -34.56 -31.60 2.21
C SER B 75 -34.23 -30.68 1.04
N ASP B 76 -33.67 -31.23 -0.04
CA ASP B 76 -33.32 -30.40 -1.18
C ASP B 76 -34.55 -29.75 -1.80
N ILE B 77 -35.65 -30.50 -1.96
CA ILE B 77 -36.83 -29.94 -2.59
C ILE B 77 -37.50 -28.92 -1.68
N VAL B 78 -37.52 -29.18 -0.37
CA VAL B 78 -38.12 -28.20 0.55
C VAL B 78 -37.33 -26.90 0.53
N SER B 79 -36.00 -27.01 0.61
CA SER B 79 -35.16 -25.83 0.57
C SER B 79 -35.30 -25.10 -0.77
N GLY B 80 -35.40 -25.86 -1.86
CA GLY B 80 -35.56 -25.23 -3.16
C GLY B 80 -36.85 -24.44 -3.26
N ILE B 81 -37.95 -25.01 -2.76
CA ILE B 81 -39.23 -24.29 -2.80
C ILE B 81 -39.15 -23.03 -1.97
N SER B 82 -38.63 -23.15 -0.74
CA SER B 82 -38.56 -21.97 0.13
C SER B 82 -37.66 -20.89 -0.46
N THR B 83 -36.50 -21.29 -0.97
CA THR B 83 -35.57 -20.31 -1.54
C THR B 83 -36.11 -19.74 -2.83
N GLY B 84 -36.91 -20.49 -3.59
CA GLY B 84 -37.53 -19.93 -4.77
C GLY B 84 -38.54 -18.86 -4.44
N ILE B 85 -39.37 -19.10 -3.43
CA ILE B 85 -40.34 -18.09 -3.02
C ILE B 85 -39.61 -16.85 -2.52
N VAL B 86 -38.63 -17.04 -1.64
CA VAL B 86 -37.90 -15.88 -1.13
C VAL B 86 -37.13 -15.20 -2.26
N ALA B 87 -36.74 -15.95 -3.29
CA ALA B 87 -35.98 -15.36 -4.38
C ALA B 87 -36.87 -14.52 -5.28
N VAL B 88 -38.08 -14.98 -5.58
CA VAL B 88 -38.97 -14.15 -6.39
C VAL B 88 -39.35 -12.88 -5.62
N LEU B 89 -39.61 -13.02 -4.31
CA LEU B 89 -39.90 -11.82 -3.52
C LEU B 89 -38.72 -10.86 -3.51
N GLN B 90 -37.52 -11.39 -3.31
CA GLN B 90 -36.33 -10.53 -3.27
C GLN B 90 -36.06 -9.89 -4.63
N GLY B 91 -36.29 -10.62 -5.71
CA GLY B 91 -36.10 -10.04 -7.03
C GLY B 91 -37.07 -8.92 -7.30
N LEU B 92 -38.35 -9.11 -6.93
CA LEU B 92 -39.32 -8.03 -7.06
C LEU B 92 -38.89 -6.82 -6.26
N ALA B 93 -38.40 -7.03 -5.04
CA ALA B 93 -37.97 -5.91 -4.21
C ALA B 93 -36.76 -5.20 -4.82
N PHE B 94 -35.77 -5.97 -5.27
CA PHE B 94 -34.49 -5.40 -5.67
C PHE B 94 -34.55 -4.75 -7.04
N ALA B 95 -35.40 -5.23 -7.94
CA ALA B 95 -35.51 -4.61 -9.26
C ALA B 95 -35.94 -3.15 -9.17
N LEU B 96 -36.63 -2.77 -8.09
CA LEU B 96 -37.03 -1.38 -7.93
C LEU B 96 -35.87 -0.47 -7.60
N LEU B 97 -34.78 -1.01 -7.03
CA LEU B 97 -33.62 -0.19 -6.72
C LEU B 97 -32.93 0.35 -7.97
N VAL B 98 -33.21 -0.24 -9.13
CA VAL B 98 -32.62 0.21 -10.38
C VAL B 98 -33.54 1.12 -11.18
N ASP B 99 -34.74 1.40 -10.65
CA ASP B 99 -35.73 2.23 -11.33
C ASP B 99 -36.12 1.64 -12.69
N ILE B 100 -36.22 0.31 -12.73
CA ILE B 100 -36.63 -0.41 -13.92
C ILE B 100 -37.87 -1.21 -13.57
N PRO B 101 -38.67 -1.59 -14.57
CA PRO B 101 -39.86 -2.40 -14.30
C PRO B 101 -39.50 -3.68 -13.57
N PRO B 102 -40.33 -4.11 -12.61
CA PRO B 102 -39.94 -5.26 -11.77
C PRO B 102 -39.81 -6.57 -12.53
N VAL B 103 -40.33 -6.66 -13.75
CA VAL B 103 -40.29 -7.92 -14.50
C VAL B 103 -38.85 -8.42 -14.59
N TYR B 104 -37.95 -7.53 -15.01
CA TYR B 104 -36.55 -7.92 -15.21
C TYR B 104 -35.92 -8.47 -13.94
N GLY B 105 -36.45 -8.09 -12.78
CA GLY B 105 -35.94 -8.64 -11.54
C GLY B 105 -35.98 -10.15 -11.53
N LEU B 106 -37.10 -10.73 -12.01
CA LEU B 106 -37.19 -12.17 -12.07
C LEU B 106 -36.03 -12.76 -12.85
N TYR B 107 -35.65 -12.11 -13.95
CA TYR B 107 -34.53 -12.61 -14.75
C TYR B 107 -33.26 -12.65 -13.92
N ALA B 108 -33.00 -11.60 -13.13
CA ALA B 108 -31.81 -11.60 -12.30
C ALA B 108 -31.85 -12.69 -11.25
N SER B 109 -33.03 -13.19 -10.91
CA SER B 109 -33.15 -14.29 -9.97
C SER B 109 -33.23 -15.65 -10.66
N PHE B 110 -33.26 -15.68 -11.99
CA PHE B 110 -33.42 -16.94 -12.71
C PHE B 110 -32.21 -17.29 -13.57
N PHE B 111 -31.80 -16.40 -14.47
CA PHE B 111 -30.81 -16.78 -15.47
C PHE B 111 -29.45 -17.14 -14.89
N PRO B 112 -28.80 -16.32 -14.06
CA PRO B 112 -27.47 -16.70 -13.57
C PRO B 112 -27.48 -17.99 -12.77
N ALA B 113 -28.49 -18.19 -11.92
CA ALA B 113 -28.53 -19.37 -11.06
C ALA B 113 -28.44 -20.65 -11.89
N ILE B 114 -29.25 -20.74 -12.94
CA ILE B 114 -29.21 -21.91 -13.82
C ILE B 114 -27.80 -22.11 -14.34
N ILE B 115 -27.18 -21.04 -14.85
CA ILE B 115 -25.82 -21.13 -15.35
C ILE B 115 -24.89 -21.61 -14.23
N TYR B 116 -25.07 -21.03 -13.03
CA TYR B 116 -24.24 -21.43 -11.90
C TYR B 116 -24.34 -22.92 -11.63
N LEU B 117 -25.53 -23.49 -11.82
CA LEU B 117 -25.71 -24.92 -11.57
C LEU B 117 -24.74 -25.74 -12.40
N PHE B 118 -24.44 -25.31 -13.62
CA PHE B 118 -23.54 -26.05 -14.48
C PHE B 118 -22.11 -25.54 -14.42
N PHE B 119 -21.83 -24.52 -13.61
CA PHE B 119 -20.46 -24.04 -13.51
C PHE B 119 -20.01 -23.69 -12.10
N GLY B 120 -20.91 -23.57 -11.13
CA GLY B 120 -20.50 -23.21 -9.79
C GLY B 120 -19.95 -24.40 -9.02
N THR B 121 -19.05 -24.10 -8.09
CA THR B 121 -18.44 -25.13 -7.26
C THR B 121 -19.01 -25.20 -5.85
N SER B 122 -19.63 -24.12 -5.37
CA SER B 122 -20.21 -24.13 -4.04
C SER B 122 -21.45 -25.01 -4.01
N ARG B 123 -21.92 -25.30 -2.80
CA ARG B 123 -23.04 -26.21 -2.62
C ARG B 123 -24.17 -25.65 -1.77
N HIS B 124 -24.08 -24.41 -1.31
CA HIS B 124 -25.12 -23.91 -0.42
C HIS B 124 -25.67 -22.56 -0.84
N ILE B 125 -24.85 -21.73 -1.48
CA ILE B 125 -25.29 -20.37 -1.80
C ILE B 125 -26.40 -20.41 -2.85
N SER B 126 -27.16 -19.32 -2.92
CA SER B 126 -28.27 -19.17 -3.84
C SER B 126 -28.04 -17.95 -4.71
N VAL B 127 -27.68 -18.17 -5.97
CA VAL B 127 -27.30 -17.07 -6.85
C VAL B 127 -28.52 -16.22 -7.18
N GLY B 128 -28.30 -14.93 -7.37
CA GLY B 128 -29.34 -13.99 -7.71
C GLY B 128 -28.88 -12.56 -7.52
N PRO B 129 -29.81 -11.63 -7.38
CA PRO B 129 -29.43 -10.26 -7.07
C PRO B 129 -29.44 -10.00 -5.57
N PHE B 130 -28.46 -9.21 -5.12
CA PHE B 130 -28.51 -8.76 -3.74
C PHE B 130 -28.50 -7.24 -3.71
N PRO B 131 -29.14 -6.62 -2.72
CA PRO B 131 -29.57 -5.21 -2.88
C PRO B 131 -28.46 -4.24 -3.23
N ILE B 132 -27.27 -4.41 -2.65
CA ILE B 132 -26.22 -3.42 -2.86
C ILE B 132 -25.68 -3.50 -4.28
N LEU B 133 -25.58 -4.71 -4.83
CA LEU B 133 -25.20 -4.85 -6.23
C LEU B 133 -26.23 -4.19 -7.14
N SER B 134 -27.51 -4.34 -6.81
CA SER B 134 -28.55 -3.66 -7.57
C SER B 134 -28.39 -2.15 -7.48
N MET B 135 -28.00 -1.65 -6.30
CA MET B 135 -27.79 -0.22 -6.17
C MET B 135 -26.62 0.26 -7.03
N MET B 136 -25.54 -0.53 -7.09
CA MET B 136 -24.44 -0.13 -7.97
C MET B 136 -24.86 -0.19 -9.43
N VAL B 137 -25.68 -1.17 -9.80
CA VAL B 137 -26.22 -1.21 -11.16
C VAL B 137 -27.01 0.06 -11.45
N GLY B 138 -27.86 0.48 -10.50
CA GLY B 138 -28.65 1.68 -10.70
C GLY B 138 -27.79 2.92 -10.83
N LEU B 139 -26.76 3.04 -9.99
CA LEU B 139 -25.86 4.19 -10.07
C LEU B 139 -25.11 4.21 -11.41
N ALA B 140 -24.62 3.06 -11.85
CA ALA B 140 -23.92 3.00 -13.13
C ALA B 140 -24.85 3.35 -14.28
N VAL B 141 -26.10 2.89 -14.22
CA VAL B 141 -27.07 3.19 -15.27
C VAL B 141 -27.37 4.69 -15.29
N SER B 142 -27.58 5.28 -14.12
CA SER B 142 -27.85 6.71 -14.06
C SER B 142 -26.67 7.53 -14.56
N GLY B 143 -25.45 7.04 -14.33
CA GLY B 143 -24.30 7.69 -14.94
C GLY B 143 -24.26 7.52 -16.44
N ALA B 144 -24.63 6.33 -16.93
CA ALA B 144 -24.56 6.06 -18.36
C ALA B 144 -25.55 6.90 -19.15
N VAL B 145 -26.82 6.90 -18.74
CA VAL B 145 -27.83 7.60 -19.52
C VAL B 145 -27.60 9.11 -19.48
N SER B 146 -27.02 9.62 -18.40
CA SER B 146 -26.75 11.05 -18.30
C SER B 146 -25.50 11.47 -19.06
N LYS B 147 -24.71 10.51 -19.54
CA LYS B 147 -23.51 10.83 -20.31
C LYS B 147 -23.61 10.46 -21.78
N ALA B 148 -24.59 9.63 -22.17
CA ALA B 148 -24.74 9.26 -23.57
C ALA B 148 -25.20 10.45 -24.39
N VAL B 149 -24.52 10.69 -25.50
CA VAL B 149 -24.89 11.82 -26.37
C VAL B 149 -26.23 11.54 -27.03
N PRO B 150 -27.17 12.47 -26.96
CA PRO B 150 -28.49 12.24 -27.58
C PRO B 150 -28.38 12.12 -29.09
N ASP B 151 -29.28 11.34 -29.67
CA ASP B 151 -29.31 11.14 -31.12
C ASP B 151 -29.72 12.42 -31.83
N SER B 167 -43.63 11.36 -22.08
CA SER B 167 -43.23 10.00 -22.44
C SER B 167 -42.21 9.45 -21.45
N LEU B 168 -42.57 8.35 -20.79
CA LEU B 168 -41.72 7.74 -19.78
C LEU B 168 -41.32 6.30 -20.12
N LEU B 169 -42.13 5.57 -20.88
CA LEU B 169 -41.79 4.19 -21.21
C LEU B 169 -40.50 4.12 -22.03
N ASP B 170 -40.25 5.14 -22.86
CA ASP B 170 -38.98 5.19 -23.59
C ASP B 170 -37.81 5.32 -22.61
N ASP B 171 -37.96 6.15 -21.58
CA ASP B 171 -36.92 6.28 -20.58
C ASP B 171 -36.71 4.96 -19.83
N GLU B 172 -37.81 4.27 -19.51
CA GLU B 172 -37.66 2.98 -18.84
C GLU B 172 -36.95 1.98 -19.73
N ARG B 173 -37.24 1.99 -21.03
CA ARG B 173 -36.60 1.04 -21.94
C ARG B 173 -35.12 1.36 -22.11
N VAL B 174 -34.75 2.65 -22.15
CA VAL B 174 -33.33 2.95 -22.28
C VAL B 174 -32.61 2.63 -20.98
N ARG B 175 -33.27 2.81 -19.83
CA ARG B 175 -32.67 2.40 -18.57
C ARG B 175 -32.44 0.90 -18.52
N VAL B 176 -33.41 0.11 -18.97
CA VAL B 176 -33.22 -1.34 -18.95
C VAL B 176 -32.14 -1.76 -19.94
N ALA B 177 -32.04 -1.07 -21.08
CA ALA B 177 -30.97 -1.37 -22.01
C ALA B 177 -29.61 -1.08 -21.39
N ALA B 178 -29.50 0.05 -20.68
CA ALA B 178 -28.25 0.38 -20.00
C ALA B 178 -27.93 -0.65 -18.93
N ALA B 179 -28.93 -1.11 -18.20
CA ALA B 179 -28.70 -2.14 -17.18
C ALA B 179 -28.18 -3.42 -17.81
N ALA B 180 -28.80 -3.85 -18.91
CA ALA B 180 -28.35 -5.06 -19.59
C ALA B 180 -26.91 -4.90 -20.07
N SER B 181 -26.59 -3.75 -20.66
CA SER B 181 -25.23 -3.55 -21.16
C SER B 181 -24.22 -3.56 -20.03
N VAL B 182 -24.52 -2.87 -18.94
CA VAL B 182 -23.55 -2.79 -17.84
C VAL B 182 -23.36 -4.15 -17.20
N THR B 183 -24.43 -4.96 -17.13
CA THR B 183 -24.29 -6.29 -16.55
C THR B 183 -23.51 -7.22 -17.48
N VAL B 184 -23.72 -7.09 -18.79
CA VAL B 184 -22.93 -7.90 -19.73
C VAL B 184 -21.46 -7.56 -19.61
N LEU B 185 -21.12 -6.26 -19.51
CA LEU B 185 -19.72 -5.89 -19.39
C LEU B 185 -19.14 -6.38 -18.07
N SER B 186 -19.92 -6.29 -16.99
CA SER B 186 -19.45 -6.80 -15.70
C SER B 186 -19.17 -8.30 -15.79
N GLY B 187 -20.07 -9.05 -16.44
CA GLY B 187 -19.84 -10.47 -16.59
C GLY B 187 -18.64 -10.78 -17.45
N ILE B 188 -18.41 -9.99 -18.49
CA ILE B 188 -17.22 -10.16 -19.32
C ILE B 188 -15.97 -9.94 -18.48
N ILE B 189 -15.97 -8.90 -17.64
CA ILE B 189 -14.82 -8.63 -16.79
C ILE B 189 -14.59 -9.78 -15.82
N GLN B 190 -15.66 -10.29 -15.22
CA GLN B 190 -15.52 -11.41 -14.29
C GLN B 190 -14.97 -12.64 -15.00
N LEU B 191 -15.46 -12.92 -16.21
CA LEU B 191 -14.96 -14.08 -16.95
C LEU B 191 -13.49 -13.91 -17.31
N ALA B 192 -13.10 -12.68 -17.69
CA ALA B 192 -11.70 -12.43 -18.01
C ALA B 192 -10.82 -12.63 -16.77
N PHE B 193 -11.28 -12.15 -15.62
CA PHE B 193 -10.51 -12.36 -14.39
C PHE B 193 -10.40 -13.83 -14.04
N GLY B 194 -11.49 -14.58 -14.22
CA GLY B 194 -11.46 -16.00 -13.92
C GLY B 194 -10.54 -16.77 -14.84
N ILE B 195 -10.54 -16.41 -16.13
CA ILE B 195 -9.66 -17.10 -17.08
C ILE B 195 -8.21 -16.86 -16.74
N LEU B 196 -7.85 -15.63 -16.37
CA LEU B 196 -6.47 -15.30 -16.06
C LEU B 196 -6.00 -15.90 -14.74
N ARG B 197 -6.90 -16.53 -13.98
CA ARG B 197 -6.55 -17.20 -12.72
C ARG B 197 -5.98 -16.21 -11.70
N ILE B 198 -6.65 -15.06 -11.56
CA ILE B 198 -6.25 -14.07 -10.58
C ILE B 198 -7.31 -13.98 -9.49
N GLY B 199 -7.97 -15.09 -9.21
CA GLY B 199 -8.96 -15.15 -8.15
C GLY B 199 -8.43 -14.89 -6.76
N PHE B 200 -7.13 -14.66 -6.60
CA PHE B 200 -6.54 -14.34 -5.30
C PHE B 200 -6.68 -12.86 -4.94
N VAL B 201 -7.32 -12.07 -5.79
CA VAL B 201 -7.47 -10.64 -5.50
C VAL B 201 -8.32 -10.43 -4.25
N VAL B 202 -9.25 -11.34 -3.98
CA VAL B 202 -10.17 -11.20 -2.86
C VAL B 202 -9.47 -11.09 -1.51
N ILE B 203 -8.17 -11.38 -1.45
CA ILE B 203 -7.46 -11.27 -0.17
C ILE B 203 -6.98 -9.86 0.12
N TYR B 204 -7.12 -8.93 -0.82
CA TYR B 204 -6.71 -7.56 -0.55
C TYR B 204 -7.72 -6.78 0.28
N LEU B 205 -8.89 -7.35 0.55
CA LEU B 205 -9.92 -6.70 1.34
C LEU B 205 -9.87 -7.25 2.76
N SER B 206 -9.41 -6.43 3.69
CA SER B 206 -9.27 -6.84 5.08
C SER B 206 -10.63 -7.11 5.71
N GLU B 207 -10.59 -7.57 6.96
CA GLU B 207 -11.84 -7.75 7.70
C GLU B 207 -12.40 -6.40 8.16
N SER B 208 -11.54 -5.48 8.56
CA SER B 208 -12.01 -4.17 9.00
C SER B 208 -12.60 -3.39 7.84
N LEU B 209 -11.97 -3.44 6.67
CA LEU B 209 -12.53 -2.78 5.50
C LEU B 209 -13.87 -3.39 5.12
N ILE B 210 -13.98 -4.71 5.22
CA ILE B 210 -15.26 -5.37 4.94
C ILE B 210 -16.33 -4.89 5.91
N SER B 211 -15.97 -4.78 7.20
CA SER B 211 -16.93 -4.31 8.19
C SER B 211 -17.39 -2.89 7.88
N GLY B 212 -16.44 -2.00 7.60
CA GLY B 212 -16.79 -0.63 7.29
C GLY B 212 -17.66 -0.53 6.04
N PHE B 213 -17.31 -1.29 5.01
CA PHE B 213 -18.10 -1.27 3.78
C PHE B 213 -19.50 -1.79 4.04
N THR B 214 -19.64 -2.85 4.84
CA THR B 214 -20.97 -3.37 5.14
C THR B 214 -21.81 -2.35 5.88
N THR B 215 -21.21 -1.64 6.83
CA THR B 215 -21.97 -0.62 7.55
C THR B 215 -22.40 0.52 6.63
N ALA B 216 -21.48 1.02 5.81
CA ALA B 216 -21.82 2.09 4.89
C ALA B 216 -22.86 1.64 3.89
N ALA B 217 -22.76 0.39 3.42
CA ALA B 217 -23.75 -0.16 2.51
C ALA B 217 -25.11 -0.27 3.17
N ALA B 218 -25.13 -0.64 4.44
CA ALA B 218 -26.38 -0.69 5.19
C ALA B 218 -27.04 0.67 5.22
N VAL B 219 -26.27 1.71 5.54
CA VAL B 219 -26.83 3.05 5.58
C VAL B 219 -27.30 3.47 4.19
N HIS B 220 -26.54 3.11 3.16
CA HIS B 220 -26.90 3.46 1.79
C HIS B 220 -28.24 2.82 1.39
N VAL B 221 -28.41 1.53 1.70
CA VAL B 221 -29.67 0.89 1.33
C VAL B 221 -30.83 1.44 2.16
N LEU B 222 -30.56 1.77 3.43
CA LEU B 222 -31.61 2.36 4.26
C LEU B 222 -32.07 3.70 3.69
N VAL B 223 -31.12 4.50 3.20
CA VAL B 223 -31.52 5.78 2.60
C VAL B 223 -32.21 5.56 1.26
N SER B 224 -31.74 4.59 0.47
CA SER B 224 -32.28 4.42 -0.87
C SER B 224 -33.66 3.78 -0.88
N GLN B 225 -34.02 3.07 0.18
CA GLN B 225 -35.37 2.50 0.24
C GLN B 225 -36.40 3.50 0.73
N LEU B 226 -35.97 4.70 1.15
CA LEU B 226 -36.90 5.69 1.68
C LEU B 226 -37.92 6.11 0.63
N LYS B 227 -37.47 6.32 -0.61
CA LYS B 227 -38.37 6.76 -1.66
C LYS B 227 -39.45 5.74 -1.97
N PHE B 228 -39.27 4.49 -1.53
CA PHE B 228 -40.32 3.49 -1.63
C PHE B 228 -41.13 3.34 -0.35
N ILE B 229 -40.51 3.57 0.81
CA ILE B 229 -41.28 3.55 2.05
C ILE B 229 -42.27 4.70 2.10
N PHE B 230 -41.89 5.87 1.57
CA PHE B 230 -42.76 7.03 1.60
C PHE B 230 -43.55 7.24 0.31
N GLN B 231 -43.19 6.54 -0.77
CA GLN B 231 -43.88 6.67 -2.06
C GLN B 231 -43.83 8.10 -2.57
N LEU B 232 -42.62 8.56 -2.82
CA LEU B 232 -42.38 9.87 -3.44
C LEU B 232 -41.68 9.67 -4.78
N THR B 233 -41.24 10.77 -5.37
CA THR B 233 -40.51 10.75 -6.63
C THR B 233 -39.19 11.47 -6.42
N VAL B 234 -38.09 10.80 -6.75
CA VAL B 234 -36.76 11.38 -6.60
C VAL B 234 -35.99 11.25 -7.92
N PRO B 235 -35.33 12.31 -8.38
CA PRO B 235 -34.46 12.17 -9.55
C PRO B 235 -33.31 11.22 -9.25
N SER B 236 -32.92 10.45 -10.25
CA SER B 236 -31.81 9.53 -10.12
C SER B 236 -30.51 10.31 -9.97
N HIS B 237 -29.93 10.29 -8.77
CA HIS B 237 -28.72 11.06 -8.50
C HIS B 237 -27.51 10.33 -9.06
N THR B 238 -26.32 10.88 -8.79
CA THR B 238 -25.11 10.40 -9.43
C THR B 238 -24.03 10.01 -8.42
N ASP B 239 -22.81 9.79 -8.92
CA ASP B 239 -21.74 9.24 -8.07
C ASP B 239 -21.26 10.21 -7.01
N PRO B 240 -20.78 11.45 -7.36
CA PRO B 240 -19.95 12.24 -6.41
C PRO B 240 -20.41 12.22 -4.97
N VAL B 241 -21.65 12.62 -4.70
CA VAL B 241 -22.26 12.51 -3.39
C VAL B 241 -23.71 12.09 -3.62
N SER B 242 -24.03 10.84 -3.36
CA SER B 242 -25.33 10.28 -3.72
C SER B 242 -26.30 10.21 -2.55
N ILE B 243 -25.85 9.65 -1.42
CA ILE B 243 -26.75 9.45 -0.29
C ILE B 243 -27.29 10.77 0.21
N PHE B 244 -26.43 11.78 0.34
CA PHE B 244 -26.87 13.05 0.87
C PHE B 244 -27.84 13.75 -0.09
N LYS B 245 -27.59 13.63 -1.39
CA LYS B 245 -28.52 14.20 -2.37
C LYS B 245 -29.89 13.53 -2.27
N VAL B 246 -29.90 12.19 -2.16
CA VAL B 246 -31.17 11.49 -2.04
C VAL B 246 -31.88 11.90 -0.75
N LEU B 247 -31.13 12.01 0.35
CA LEU B 247 -31.73 12.45 1.62
C LEU B 247 -32.33 13.84 1.48
N TYR B 248 -31.61 14.76 0.84
CA TYR B 248 -32.12 16.12 0.71
C TYR B 248 -33.40 16.15 -0.11
N SER B 249 -33.39 15.48 -1.26
CA SER B 249 -34.56 15.50 -2.13
C SER B 249 -35.73 14.74 -1.55
N VAL B 250 -35.47 13.75 -0.68
CA VAL B 250 -36.57 13.02 -0.05
C VAL B 250 -37.09 13.72 1.20
N PHE B 251 -36.28 14.55 1.84
CA PHE B 251 -36.75 15.32 2.99
C PHE B 251 -37.36 16.64 2.60
N SER B 252 -37.10 17.12 1.37
CA SER B 252 -37.75 18.34 0.92
C SER B 252 -39.22 18.13 0.58
N GLN B 253 -39.71 16.90 0.54
CA GLN B 253 -41.08 16.60 0.13
C GLN B 253 -41.74 15.63 1.09
N ILE B 254 -41.59 15.87 2.40
CA ILE B 254 -42.31 15.07 3.37
C ILE B 254 -43.81 15.32 3.28
N GLU B 255 -44.21 16.55 2.98
CA GLU B 255 -45.63 16.87 2.92
C GLU B 255 -46.38 16.09 1.85
N LYS B 256 -45.67 15.56 0.85
CA LYS B 256 -46.28 14.79 -0.22
C LYS B 256 -46.19 13.29 0.02
N THR B 257 -46.20 12.86 1.28
CA THR B 257 -46.08 11.45 1.60
C THR B 257 -47.43 10.76 1.51
N ASN B 258 -47.42 9.44 1.69
CA ASN B 258 -48.63 8.63 1.76
C ASN B 258 -48.70 8.00 3.15
N ILE B 259 -49.66 8.44 3.94
CA ILE B 259 -49.74 7.98 5.33
C ILE B 259 -50.10 6.50 5.39
N ALA B 260 -50.97 6.04 4.49
CA ALA B 260 -51.34 4.63 4.48
C ALA B 260 -50.15 3.75 4.11
N ASP B 261 -49.41 4.15 3.07
CA ASP B 261 -48.24 3.38 2.67
C ASP B 261 -47.18 3.41 3.77
N LEU B 262 -46.98 4.57 4.40
CA LEU B 262 -46.03 4.67 5.49
C LEU B 262 -46.40 3.72 6.63
N VAL B 263 -47.67 3.73 7.04
CA VAL B 263 -48.06 2.93 8.20
C VAL B 263 -48.01 1.44 7.88
N THR B 264 -48.40 1.05 6.66
CA THR B 264 -48.34 -0.37 6.32
C THR B 264 -46.89 -0.84 6.23
N ALA B 265 -46.01 -0.01 5.68
CA ALA B 265 -44.59 -0.38 5.65
C ALA B 265 -44.03 -0.51 7.05
N LEU B 266 -44.37 0.42 7.94
CA LEU B 266 -43.87 0.35 9.31
C LEU B 266 -44.36 -0.90 10.02
N ILE B 267 -45.65 -1.22 9.89
CA ILE B 267 -46.18 -2.37 10.62
C ILE B 267 -45.57 -3.66 10.08
N VAL B 268 -45.49 -3.80 8.76
CA VAL B 268 -44.95 -5.04 8.20
C VAL B 268 -43.47 -5.18 8.55
N LEU B 269 -42.72 -4.06 8.51
CA LEU B 269 -41.31 -4.11 8.89
C LEU B 269 -41.14 -4.53 10.33
N LEU B 270 -41.94 -3.94 11.23
CA LEU B 270 -41.81 -4.24 12.65
C LEU B 270 -42.13 -5.71 12.93
N VAL B 271 -43.22 -6.22 12.36
CA VAL B 271 -43.58 -7.60 12.63
C VAL B 271 -42.59 -8.55 11.98
N VAL B 272 -42.04 -8.20 10.81
CA VAL B 272 -41.04 -9.05 10.18
C VAL B 272 -39.78 -9.11 11.04
N SER B 273 -39.35 -7.98 11.58
CA SER B 273 -38.20 -7.98 12.47
C SER B 273 -38.47 -8.81 13.73
N ILE B 274 -39.68 -8.68 14.28
CA ILE B 274 -40.02 -9.43 15.48
C ILE B 274 -39.97 -10.94 15.21
N VAL B 275 -40.58 -11.37 14.10
CA VAL B 275 -40.62 -12.79 13.80
C VAL B 275 -39.23 -13.29 13.43
N LYS B 276 -38.39 -12.45 12.83
CA LYS B 276 -37.00 -12.85 12.59
C LYS B 276 -36.26 -13.05 13.90
N GLU B 277 -36.49 -12.16 14.87
CA GLU B 277 -35.88 -12.34 16.19
C GLU B 277 -36.34 -13.64 16.83
N ILE B 278 -37.64 -13.94 16.73
CA ILE B 278 -38.15 -15.20 17.28
C ILE B 278 -37.52 -16.39 16.58
N ASN B 279 -37.38 -16.31 15.25
CA ASN B 279 -36.79 -17.41 14.49
C ASN B 279 -35.34 -17.66 14.90
N GLN B 280 -34.57 -16.58 15.07
CA GLN B 280 -33.19 -16.74 15.53
C GLN B 280 -33.14 -17.30 16.94
N ARG B 281 -33.99 -16.78 17.83
CA ARG B 281 -33.97 -17.23 19.23
C ARG B 281 -34.39 -18.69 19.35
N PHE B 282 -35.43 -19.10 18.62
CA PHE B 282 -35.97 -20.45 18.71
C PHE B 282 -35.57 -21.21 17.44
N LYS B 283 -34.63 -22.14 17.58
CA LYS B 283 -34.16 -22.95 16.47
C LYS B 283 -34.36 -24.44 16.69
N ASP B 284 -34.07 -24.95 17.89
CA ASP B 284 -34.23 -26.37 18.14
C ASP B 284 -35.71 -26.77 18.12
N LYS B 285 -36.55 -25.98 18.77
CA LYS B 285 -37.98 -26.30 18.84
C LYS B 285 -38.72 -25.98 17.56
N LEU B 286 -38.11 -25.26 16.63
CA LEU B 286 -38.77 -24.83 15.39
C LEU B 286 -37.91 -25.19 14.19
N PRO B 287 -37.96 -26.43 13.74
CA PRO B 287 -37.30 -26.80 12.48
C PRO B 287 -38.04 -26.18 11.30
N VAL B 288 -37.37 -26.20 10.15
CA VAL B 288 -37.84 -25.61 8.89
C VAL B 288 -38.45 -24.25 9.19
N PRO B 289 -37.63 -23.22 9.43
CA PRO B 289 -38.12 -21.96 10.01
C PRO B 289 -39.30 -21.38 9.25
N ILE B 290 -40.12 -20.62 9.96
CA ILE B 290 -41.37 -20.09 9.41
C ILE B 290 -41.06 -19.17 8.25
N PRO B 291 -41.63 -19.40 7.07
CA PRO B 291 -41.41 -18.49 5.92
C PRO B 291 -42.36 -17.31 6.00
N ILE B 292 -42.06 -16.39 6.91
CA ILE B 292 -42.92 -15.23 7.14
C ILE B 292 -43.04 -14.39 5.88
N GLU B 293 -41.99 -14.35 5.06
CA GLU B 293 -42.02 -13.52 3.87
C GLU B 293 -43.13 -13.94 2.92
N PHE B 294 -43.26 -15.25 2.67
CA PHE B 294 -44.30 -15.73 1.78
C PHE B 294 -45.69 -15.52 2.38
N ILE B 295 -45.89 -15.95 3.62
CA ILE B 295 -47.20 -15.84 4.26
C ILE B 295 -47.59 -14.41 4.54
N MET B 296 -46.67 -13.45 4.39
CA MET B 296 -46.98 -12.06 4.60
C MET B 296 -47.13 -11.29 3.30
N THR B 297 -46.34 -11.61 2.28
CA THR B 297 -46.64 -11.05 0.97
C THR B 297 -47.99 -11.56 0.47
N VAL B 298 -48.37 -12.79 0.80
CA VAL B 298 -49.70 -13.26 0.43
C VAL B 298 -50.77 -12.51 1.22
N ILE B 299 -50.49 -12.19 2.48
CA ILE B 299 -51.45 -11.43 3.28
C ILE B 299 -51.63 -10.04 2.70
N ALA B 300 -50.52 -9.38 2.35
CA ALA B 300 -50.61 -8.05 1.76
C ALA B 300 -51.35 -8.08 0.43
N ALA B 301 -51.05 -9.07 -0.41
CA ALA B 301 -51.73 -9.17 -1.70
C ALA B 301 -53.22 -9.41 -1.52
N GLY B 302 -53.60 -10.31 -0.61
CA GLY B 302 -55.02 -10.57 -0.38
C GLY B 302 -55.73 -9.38 0.21
N VAL B 303 -55.07 -8.65 1.10
CA VAL B 303 -55.68 -7.45 1.68
C VAL B 303 -55.87 -6.38 0.62
N SER B 304 -54.86 -6.18 -0.24
CA SER B 304 -54.98 -5.20 -1.31
C SER B 304 -56.09 -5.59 -2.28
N TYR B 305 -56.17 -6.86 -2.64
CA TYR B 305 -57.21 -7.33 -3.54
C TYR B 305 -58.57 -7.25 -2.86
N GLY B 306 -59.60 -6.93 -3.63
CA GLY B 306 -60.93 -6.81 -3.10
C GLY B 306 -61.15 -5.51 -2.34
N CYS B 307 -60.33 -5.27 -1.32
CA CYS B 307 -60.41 -4.02 -0.56
C CYS B 307 -59.88 -2.83 -1.34
N ASP B 308 -59.15 -3.06 -2.43
CA ASP B 308 -58.77 -2.02 -3.39
C ASP B 308 -57.95 -0.91 -2.73
N PHE B 309 -56.74 -1.28 -2.31
CA PHE B 309 -55.76 -0.26 -1.93
C PHE B 309 -55.07 0.28 -3.18
N LYS B 310 -55.86 0.61 -4.20
CA LYS B 310 -55.38 1.32 -5.38
C LYS B 310 -56.24 2.51 -5.76
N ASN B 311 -57.50 2.55 -5.34
CA ASN B 311 -58.38 3.68 -5.56
C ASN B 311 -58.93 4.27 -4.27
N ARG B 312 -59.17 3.45 -3.26
CA ARG B 312 -59.50 3.99 -1.94
C ARG B 312 -58.33 4.80 -1.39
N PHE B 313 -57.11 4.33 -1.60
CA PHE B 313 -55.90 5.06 -1.29
C PHE B 313 -55.09 5.25 -2.57
N LYS B 314 -54.05 6.08 -2.46
CA LYS B 314 -53.19 6.40 -3.59
C LYS B 314 -51.83 5.71 -3.47
N VAL B 315 -51.84 4.48 -2.95
CA VAL B 315 -50.62 3.72 -2.75
C VAL B 315 -50.11 3.21 -4.09
N ALA B 316 -48.82 3.41 -4.36
CA ALA B 316 -48.23 2.88 -5.57
C ALA B 316 -48.30 1.36 -5.58
N VAL B 317 -48.54 0.79 -6.76
CA VAL B 317 -48.78 -0.63 -6.92
C VAL B 317 -47.90 -1.16 -8.03
N VAL B 318 -47.39 -2.38 -7.86
CA VAL B 318 -46.63 -3.02 -8.91
C VAL B 318 -47.52 -3.19 -10.14
N GLY B 319 -47.00 -2.79 -11.30
CA GLY B 319 -47.78 -2.82 -12.51
C GLY B 319 -48.10 -4.24 -12.96
N ASP B 320 -48.97 -4.31 -13.97
CA ASP B 320 -49.39 -5.59 -14.52
C ASP B 320 -48.18 -6.29 -15.13
N MET B 321 -47.89 -7.49 -14.63
CA MET B 321 -46.71 -8.22 -15.08
C MET B 321 -46.96 -8.75 -16.49
N ASN B 322 -46.10 -8.40 -17.44
CA ASN B 322 -46.25 -8.96 -18.78
C ASN B 322 -45.64 -10.36 -18.79
N PRO B 323 -46.43 -11.40 -19.03
CA PRO B 323 -45.90 -12.76 -18.93
C PRO B 323 -44.96 -13.08 -20.09
N GLY B 324 -44.17 -14.13 -19.88
CA GLY B 324 -43.26 -14.62 -20.89
C GLY B 324 -41.89 -13.97 -20.79
N PHE B 325 -40.91 -14.63 -21.42
CA PHE B 325 -39.55 -14.14 -21.43
C PHE B 325 -39.43 -12.99 -22.43
N GLN B 326 -38.21 -12.52 -22.66
CA GLN B 326 -37.96 -11.43 -23.58
C GLN B 326 -36.85 -11.80 -24.55
N PRO B 327 -36.89 -11.26 -25.76
CA PRO B 327 -35.82 -11.57 -26.72
C PRO B 327 -34.52 -10.93 -26.28
N PRO B 328 -33.39 -11.58 -26.55
CA PRO B 328 -32.10 -10.98 -26.19
C PRO B 328 -31.80 -9.77 -27.04
N ILE B 329 -31.00 -8.86 -26.49
CA ILE B 329 -30.54 -7.67 -27.21
C ILE B 329 -29.03 -7.59 -27.08
N THR B 330 -28.37 -7.23 -28.19
CA THR B 330 -26.93 -7.05 -28.15
C THR B 330 -26.58 -5.88 -27.23
N PRO B 331 -25.53 -6.00 -26.43
CA PRO B 331 -25.15 -4.89 -25.55
C PRO B 331 -24.70 -3.69 -26.35
N ASP B 332 -24.92 -2.51 -25.76
CA ASP B 332 -24.58 -1.26 -26.42
C ASP B 332 -23.10 -0.95 -26.20
N VAL B 333 -22.40 -0.63 -27.29
CA VAL B 333 -20.98 -0.30 -27.21
C VAL B 333 -20.77 1.01 -26.46
N GLU B 334 -21.65 1.98 -26.69
CA GLU B 334 -21.50 3.27 -26.02
C GLU B 334 -21.62 3.13 -24.50
N THR B 335 -22.58 2.33 -24.04
CA THR B 335 -22.72 2.09 -22.60
C THR B 335 -21.53 1.31 -22.07
N PHE B 336 -20.93 0.44 -22.89
CA PHE B 336 -19.67 -0.18 -22.51
C PHE B 336 -18.59 0.88 -22.30
N GLN B 337 -18.51 1.84 -23.21
CA GLN B 337 -17.43 2.83 -23.16
C GLN B 337 -17.59 3.77 -21.98
N ASN B 338 -18.82 4.13 -21.65
CA ASN B 338 -19.04 5.15 -20.63
C ASN B 338 -19.07 4.61 -19.21
N THR B 339 -19.08 3.30 -19.02
CA THR B 339 -19.22 2.69 -17.70
C THR B 339 -18.18 1.59 -17.49
N VAL B 340 -16.91 1.89 -17.76
CA VAL B 340 -15.88 0.87 -17.58
C VAL B 340 -15.45 0.78 -16.12
N GLY B 341 -15.15 1.92 -15.50
CA GLY B 341 -14.68 1.89 -14.12
C GLY B 341 -15.73 1.36 -13.16
N ASP B 342 -16.97 1.83 -13.32
CA ASP B 342 -18.05 1.31 -12.49
C ASP B 342 -18.28 -0.17 -12.74
N CYS B 343 -18.03 -0.64 -13.96
CA CYS B 343 -18.13 -2.07 -14.24
C CYS B 343 -17.05 -2.85 -13.51
N PHE B 344 -15.82 -2.36 -13.51
CA PHE B 344 -14.77 -2.99 -12.73
C PHE B 344 -15.17 -3.07 -11.26
N GLY B 345 -15.67 -1.95 -10.73
CA GLY B 345 -16.06 -1.92 -9.33
C GLY B 345 -17.16 -2.89 -9.00
N ILE B 346 -18.20 -2.95 -9.85
CA ILE B 346 -19.32 -3.83 -9.56
C ILE B 346 -18.90 -5.29 -9.68
N ALA B 347 -18.06 -5.61 -10.66
CA ALA B 347 -17.59 -6.99 -10.80
C ALA B 347 -16.79 -7.41 -9.58
N MET B 348 -15.90 -6.53 -9.10
CA MET B 348 -15.10 -6.87 -7.92
C MET B 348 -15.97 -7.01 -6.68
N VAL B 349 -16.94 -6.13 -6.50
CA VAL B 349 -17.82 -6.23 -5.34
C VAL B 349 -18.61 -7.52 -5.39
N ALA B 350 -19.15 -7.86 -6.57
CA ALA B 350 -19.93 -9.09 -6.71
C ALA B 350 -19.09 -10.32 -6.39
N PHE B 351 -17.89 -10.39 -6.97
CA PHE B 351 -17.05 -11.55 -6.71
C PHE B 351 -16.66 -11.65 -5.24
N ALA B 352 -16.29 -10.52 -4.62
CA ALA B 352 -15.90 -10.54 -3.23
C ALA B 352 -17.06 -10.98 -2.34
N VAL B 353 -18.26 -10.47 -2.61
CA VAL B 353 -19.42 -10.84 -1.81
C VAL B 353 -19.70 -12.34 -1.96
N ALA B 354 -19.66 -12.84 -3.19
CA ALA B 354 -19.94 -14.26 -3.40
C ALA B 354 -18.91 -15.14 -2.70
N PHE B 355 -17.63 -14.79 -2.81
CA PHE B 355 -16.61 -15.60 -2.15
C PHE B 355 -16.75 -15.54 -0.63
N SER B 356 -17.03 -14.37 -0.07
CA SER B 356 -17.17 -14.26 1.38
C SER B 356 -18.38 -15.05 1.87
N VAL B 357 -19.48 -15.04 1.11
CA VAL B 357 -20.65 -15.79 1.51
C VAL B 357 -20.42 -17.29 1.40
N ALA B 358 -19.75 -17.73 0.33
CA ALA B 358 -19.55 -19.16 0.13
C ALA B 358 -18.48 -19.72 1.06
N SER B 359 -17.53 -18.89 1.48
CA SER B 359 -16.43 -19.38 2.30
C SER B 359 -16.92 -19.90 3.64
N VAL B 360 -17.88 -19.21 4.26
CA VAL B 360 -18.38 -19.64 5.56
C VAL B 360 -19.01 -21.01 5.46
N TYR B 361 -19.83 -21.24 4.44
CA TYR B 361 -20.49 -22.53 4.29
C TYR B 361 -19.48 -23.62 3.92
N SER B 362 -18.49 -23.29 3.10
CA SER B 362 -17.45 -24.27 2.77
C SER B 362 -16.68 -24.68 4.01
N LEU B 363 -16.37 -23.73 4.87
CA LEU B 363 -15.70 -24.04 6.13
C LEU B 363 -16.61 -24.88 7.03
N LYS B 364 -17.90 -24.57 7.05
CA LYS B 364 -18.84 -25.31 7.89
C LYS B 364 -18.96 -26.76 7.45
N TYR B 365 -19.03 -27.01 6.14
CA TYR B 365 -19.28 -28.35 5.63
C TYR B 365 -18.04 -29.03 5.08
N ASP B 366 -16.90 -28.33 5.04
CA ASP B 366 -15.61 -28.92 4.73
C ASP B 366 -15.60 -29.59 3.35
N TYR B 367 -15.76 -28.76 2.32
CA TYR B 367 -15.55 -29.20 0.96
C TYR B 367 -14.64 -28.22 0.25
N PRO B 368 -13.91 -28.67 -0.77
CA PRO B 368 -13.03 -27.74 -1.51
C PRO B 368 -13.82 -26.65 -2.19
N LEU B 369 -13.25 -25.44 -2.21
CA LEU B 369 -13.82 -24.30 -2.90
C LEU B 369 -12.78 -23.75 -3.86
N ASP B 370 -13.18 -23.58 -5.11
CA ASP B 370 -12.31 -23.03 -6.15
C ASP B 370 -12.75 -21.60 -6.43
N GLY B 371 -11.97 -20.63 -5.96
CA GLY B 371 -12.33 -19.23 -6.17
C GLY B 371 -12.35 -18.85 -7.64
N ASN B 372 -11.37 -19.35 -8.39
CA ASN B 372 -11.29 -19.01 -9.80
C ASN B 372 -12.48 -19.59 -10.57
N GLN B 373 -12.86 -20.82 -10.26
CA GLN B 373 -14.06 -21.38 -10.87
C GLN B 373 -15.30 -20.61 -10.44
N GLU B 374 -15.31 -20.09 -9.22
CA GLU B 374 -16.41 -19.23 -8.79
C GLU B 374 -16.48 -17.98 -9.65
N LEU B 375 -15.33 -17.38 -9.95
CA LEU B 375 -15.32 -16.21 -10.82
C LEU B 375 -15.83 -16.56 -12.21
N ILE B 376 -15.41 -17.71 -12.74
CA ILE B 376 -15.87 -18.12 -14.08
C ILE B 376 -17.38 -18.30 -14.09
N ALA B 377 -17.91 -18.99 -13.09
CA ALA B 377 -19.34 -19.24 -13.03
C ALA B 377 -20.12 -17.93 -12.90
N LEU B 378 -19.65 -17.02 -12.04
CA LEU B 378 -20.33 -15.74 -11.88
C LEU B 378 -20.29 -14.95 -13.18
N GLY B 379 -19.15 -14.96 -13.87
CA GLY B 379 -19.07 -14.23 -15.13
C GLY B 379 -20.02 -14.78 -16.18
N LEU B 380 -20.08 -16.11 -16.31
CA LEU B 380 -20.99 -16.71 -17.28
C LEU B 380 -22.43 -16.41 -16.92
N GLY B 381 -22.78 -16.51 -15.63
CA GLY B 381 -24.15 -16.20 -15.23
C GLY B 381 -24.51 -14.76 -15.49
N ASN B 382 -23.61 -13.83 -15.16
CA ASN B 382 -23.88 -12.43 -15.42
C ASN B 382 -24.03 -12.15 -16.91
N ILE B 383 -23.19 -12.76 -17.73
CA ILE B 383 -23.28 -12.54 -19.18
C ILE B 383 -24.61 -13.04 -19.70
N VAL B 384 -24.99 -14.26 -19.30
CA VAL B 384 -26.25 -14.83 -19.79
C VAL B 384 -27.43 -13.99 -19.34
N CYS B 385 -27.43 -13.56 -18.08
CA CYS B 385 -28.55 -12.77 -17.57
C CYS B 385 -28.62 -11.40 -18.26
N GLY B 386 -27.48 -10.74 -18.43
CA GLY B 386 -27.49 -9.43 -19.05
C GLY B 386 -27.91 -9.48 -20.51
N VAL B 387 -27.48 -10.52 -21.23
CA VAL B 387 -27.89 -10.67 -22.62
C VAL B 387 -29.40 -10.81 -22.73
N PHE B 388 -30.04 -11.38 -21.70
CA PHE B 388 -31.48 -11.58 -21.69
C PHE B 388 -32.22 -10.55 -20.84
N ARG B 389 -31.68 -9.33 -20.76
CA ARG B 389 -32.35 -8.19 -20.10
C ARG B 389 -32.61 -8.46 -18.62
N GLY B 390 -31.51 -8.62 -17.88
CA GLY B 390 -31.55 -8.71 -16.43
C GLY B 390 -30.61 -7.68 -15.84
N PHE B 391 -29.96 -8.05 -14.75
CA PHE B 391 -28.92 -7.21 -14.17
C PHE B 391 -27.98 -8.07 -13.35
N ALA B 392 -26.90 -7.44 -12.87
CA ALA B 392 -25.80 -8.17 -12.26
C ALA B 392 -26.27 -8.95 -11.03
N GLY B 393 -25.70 -10.13 -10.86
CA GLY B 393 -26.15 -11.02 -9.80
C GLY B 393 -24.99 -11.70 -9.10
N SER B 394 -25.29 -12.20 -7.90
CA SER B 394 -24.34 -12.90 -7.04
C SER B 394 -25.15 -13.76 -6.08
N THR B 395 -24.55 -14.17 -4.98
CA THR B 395 -25.32 -14.76 -3.90
C THR B 395 -25.60 -13.72 -2.84
N ALA B 396 -26.81 -13.76 -2.29
CA ALA B 396 -27.25 -12.83 -1.27
C ALA B 396 -27.15 -13.52 0.09
N LEU B 397 -26.62 -12.80 1.08
CA LEU B 397 -26.41 -13.41 2.40
C LEU B 397 -27.73 -13.85 3.00
N SER B 398 -28.76 -13.01 2.92
CA SER B 398 -30.05 -13.37 3.50
C SER B 398 -30.67 -14.57 2.80
N ARG B 399 -30.70 -14.55 1.47
CA ARG B 399 -31.29 -15.65 0.72
C ARG B 399 -30.50 -16.94 0.93
N SER B 400 -29.17 -16.85 0.89
CA SER B 400 -28.36 -18.04 1.10
C SER B 400 -28.55 -18.61 2.50
N ALA B 401 -28.64 -17.73 3.50
CA ALA B 401 -28.90 -18.19 4.86
C ALA B 401 -30.24 -18.88 4.96
N VAL B 402 -31.26 -18.32 4.31
CA VAL B 402 -32.59 -18.95 4.33
C VAL B 402 -32.51 -20.33 3.69
N GLN B 403 -31.85 -20.42 2.52
CA GLN B 403 -31.76 -21.70 1.82
C GLN B 403 -31.02 -22.74 2.64
N GLU B 404 -29.90 -22.34 3.27
CA GLU B 404 -29.12 -23.30 4.04
C GLU B 404 -29.86 -23.73 5.30
N SER B 405 -30.39 -22.76 6.06
CA SER B 405 -31.06 -23.08 7.32
C SER B 405 -32.32 -23.89 7.08
N THR B 406 -32.98 -23.70 5.94
CA THR B 406 -34.14 -24.52 5.63
C THR B 406 -33.75 -25.98 5.45
N GLY B 407 -32.50 -26.24 5.04
CA GLY B 407 -32.03 -27.59 4.88
C GLY B 407 -31.37 -27.87 3.54
N GLY B 408 -30.97 -26.81 2.84
CA GLY B 408 -30.30 -26.96 1.56
C GLY B 408 -29.03 -27.78 1.65
N LYS B 409 -28.87 -28.75 0.76
CA LYS B 409 -27.70 -29.62 0.75
C LYS B 409 -26.81 -29.41 -0.47
N THR B 410 -27.39 -29.37 -1.66
CA THR B 410 -26.62 -29.16 -2.88
C THR B 410 -27.20 -28.01 -3.69
N GLN B 411 -26.73 -27.84 -4.92
CA GLN B 411 -27.23 -26.78 -5.78
C GLN B 411 -28.58 -27.13 -6.41
N ILE B 412 -29.08 -28.34 -6.21
CA ILE B 412 -30.40 -28.70 -6.73
C ILE B 412 -31.47 -27.82 -6.11
N ALA B 413 -31.25 -27.35 -4.88
CA ALA B 413 -32.15 -26.36 -4.31
C ALA B 413 -32.18 -25.10 -5.17
N GLY B 414 -31.04 -24.72 -5.73
CA GLY B 414 -31.02 -23.62 -6.68
C GLY B 414 -31.84 -23.93 -7.92
N LEU B 415 -31.81 -25.19 -8.37
CA LEU B 415 -32.63 -25.59 -9.51
C LEU B 415 -34.11 -25.42 -9.19
N ILE B 416 -34.53 -25.87 -8.00
CA ILE B 416 -35.93 -25.76 -7.64
C ILE B 416 -36.33 -24.30 -7.47
N GLY B 417 -35.43 -23.47 -6.93
CA GLY B 417 -35.71 -22.05 -6.85
C GLY B 417 -35.87 -21.41 -8.21
N ALA B 418 -35.00 -21.75 -9.16
CA ALA B 418 -35.14 -21.26 -10.51
C ALA B 418 -36.44 -21.74 -11.15
N ILE B 419 -36.83 -22.98 -10.84
CA ILE B 419 -38.09 -23.52 -11.36
C ILE B 419 -39.27 -22.70 -10.82
N ILE B 420 -39.24 -22.39 -9.53
CA ILE B 420 -40.32 -21.59 -8.94
C ILE B 420 -40.35 -20.20 -9.57
N VAL B 421 -39.19 -19.59 -9.77
CA VAL B 421 -39.14 -18.27 -10.39
C VAL B 421 -39.67 -18.34 -11.82
N LEU B 422 -39.33 -19.40 -12.55
CA LEU B 422 -39.84 -19.56 -13.90
C LEU B 422 -41.36 -19.73 -13.90
N ILE B 423 -41.89 -20.49 -12.94
CA ILE B 423 -43.34 -20.66 -12.83
C ILE B 423 -44.00 -19.32 -12.58
N VAL B 424 -43.39 -18.49 -11.72
CA VAL B 424 -43.96 -17.17 -11.46
C VAL B 424 -43.91 -16.31 -12.72
N VAL B 425 -42.79 -16.31 -13.43
CA VAL B 425 -42.63 -15.41 -14.57
C VAL B 425 -43.44 -15.87 -15.77
N LEU B 426 -43.81 -17.15 -15.85
CA LEU B 426 -44.56 -17.66 -17.00
C LEU B 426 -46.05 -17.70 -16.74
N ALA B 427 -46.49 -18.47 -15.74
CA ALA B 427 -47.91 -18.69 -15.50
C ALA B 427 -48.45 -17.85 -14.36
N ILE B 428 -47.89 -17.98 -13.17
CA ILE B 428 -48.43 -17.30 -11.98
C ILE B 428 -47.75 -15.94 -11.94
N GLY B 429 -48.30 -15.03 -12.74
CA GLY B 429 -47.74 -13.69 -12.85
C GLY B 429 -48.74 -12.61 -12.52
N PHE B 430 -50.03 -12.94 -12.64
CA PHE B 430 -51.07 -11.99 -12.27
C PHE B 430 -51.25 -11.89 -10.77
N LEU B 431 -50.67 -12.80 -9.99
CA LEU B 431 -50.44 -12.50 -8.59
C LEU B 431 -49.25 -11.55 -8.47
N LEU B 432 -49.06 -11.01 -7.27
CA LEU B 432 -48.02 -10.03 -6.98
C LEU B 432 -48.26 -8.75 -7.76
N ALA B 433 -49.37 -8.70 -8.51
CA ALA B 433 -49.78 -7.52 -9.27
C ALA B 433 -50.46 -6.49 -8.36
N PRO B 434 -51.34 -6.90 -7.43
CA PRO B 434 -51.90 -5.90 -6.50
C PRO B 434 -50.96 -5.60 -5.33
N LEU B 435 -49.69 -5.99 -5.48
CA LEU B 435 -48.72 -5.81 -4.41
C LEU B 435 -48.56 -4.33 -4.07
N GLN B 436 -48.15 -4.07 -2.84
CA GLN B 436 -48.21 -2.72 -2.30
C GLN B 436 -47.00 -1.88 -2.69
N LYS B 437 -45.98 -2.49 -3.29
CA LYS B 437 -44.77 -1.80 -3.76
C LYS B 437 -44.01 -1.15 -2.60
N SER B 438 -44.49 -1.33 -1.39
CA SER B 438 -43.75 -0.96 -0.18
C SER B 438 -43.55 -2.15 0.75
N VAL B 439 -44.40 -3.17 0.67
CA VAL B 439 -44.11 -4.42 1.36
C VAL B 439 -42.80 -5.00 0.86
N LEU B 440 -42.55 -4.90 -0.44
CA LEU B 440 -41.27 -5.36 -0.98
C LEU B 440 -40.11 -4.54 -0.42
N ALA B 441 -40.26 -3.23 -0.31
CA ALA B 441 -39.21 -2.40 0.24
C ALA B 441 -38.94 -2.76 1.69
N ALA B 442 -40.00 -2.97 2.48
CA ALA B 442 -39.82 -3.36 3.88
C ALA B 442 -39.16 -4.71 3.99
N LEU B 443 -39.55 -5.66 3.11
CA LEU B 443 -38.93 -6.98 3.14
C LEU B 443 -37.44 -6.88 2.81
N ALA B 444 -37.09 -6.06 1.82
CA ALA B 444 -35.68 -5.89 1.48
C ALA B 444 -34.91 -5.25 2.62
N LEU B 445 -35.51 -4.28 3.31
CA LEU B 445 -34.80 -3.57 4.37
C LEU B 445 -34.81 -4.33 5.68
N GLY B 446 -35.65 -5.36 5.83
CA GLY B 446 -35.70 -6.11 7.07
C GLY B 446 -34.46 -6.95 7.34
N ASN B 447 -33.68 -7.24 6.31
CA ASN B 447 -32.43 -7.99 6.46
C ASN B 447 -31.27 -7.09 6.88
N LEU B 448 -31.57 -5.89 7.38
CA LEU B 448 -30.55 -4.91 7.75
C LEU B 448 -30.08 -5.05 9.18
N LYS B 449 -30.64 -5.99 9.95
CA LYS B 449 -30.31 -6.07 11.37
C LYS B 449 -28.82 -6.35 11.57
N GLY B 450 -28.28 -7.31 10.82
CA GLY B 450 -26.88 -7.68 11.01
C GLY B 450 -25.93 -6.56 10.66
N MET B 451 -26.09 -5.98 9.47
CA MET B 451 -25.14 -4.96 9.02
C MET B 451 -25.26 -3.68 9.84
N LEU B 452 -26.45 -3.32 10.29
CA LEU B 452 -26.59 -2.15 11.14
C LEU B 452 -26.04 -2.42 12.54
N MET B 453 -26.31 -3.60 13.09
CA MET B 453 -25.76 -3.96 14.39
C MET B 453 -24.24 -4.07 14.33
N GLN B 454 -23.68 -4.26 13.15
CA GLN B 454 -22.24 -4.24 12.98
C GLN B 454 -21.63 -2.88 13.28
N PHE B 455 -22.47 -1.84 13.39
CA PHE B 455 -21.97 -0.50 13.71
C PHE B 455 -21.20 -0.49 15.02
N ALA B 456 -21.49 -1.41 15.93
CA ALA B 456 -20.77 -1.46 17.20
C ALA B 456 -19.44 -2.18 17.03
N GLU B 457 -18.66 -1.74 16.02
CA GLU B 457 -17.32 -2.24 15.81
C GLU B 457 -16.25 -1.18 15.99
N ILE B 458 -16.62 0.09 16.03
CA ILE B 458 -15.65 1.14 16.32
C ILE B 458 -15.08 0.96 17.71
N GLY B 459 -15.93 0.67 18.69
CA GLY B 459 -15.45 0.52 20.05
C GLY B 459 -14.50 -0.65 20.20
N ARG B 460 -14.86 -1.80 19.64
CA ARG B 460 -14.02 -2.98 19.77
C ARG B 460 -12.66 -2.77 19.13
N LEU B 461 -12.64 -2.22 17.92
CA LEU B 461 -11.36 -1.97 17.25
C LEU B 461 -10.55 -0.92 18.01
N TRP B 462 -11.19 0.13 18.49
CA TRP B 462 -10.47 1.19 19.18
C TRP B 462 -9.84 0.69 20.47
N ARG B 463 -10.58 -0.10 21.25
CA ARG B 463 -10.03 -0.68 22.46
C ARG B 463 -9.05 -1.81 22.17
N LYS B 464 -9.12 -2.39 20.97
CA LYS B 464 -8.31 -3.55 20.63
C LYS B 464 -6.99 -3.15 19.97
N ASP B 465 -7.07 -2.41 18.88
CA ASP B 465 -5.93 -2.25 17.99
C ASP B 465 -5.66 -0.77 17.72
N LYS B 466 -6.69 0.08 17.87
CA LYS B 466 -6.57 1.53 17.71
C LYS B 466 -6.10 1.89 16.31
N TYR B 467 -5.96 0.90 15.44
CA TYR B 467 -5.33 1.11 14.15
C TYR B 467 -6.20 0.66 13.00
N ASP B 468 -6.74 -0.56 13.06
CA ASP B 468 -7.77 -0.97 12.14
C ASP B 468 -9.05 -0.19 12.34
N CYS B 469 -9.23 0.41 13.52
CA CYS B 469 -10.34 1.34 13.70
C CYS B 469 -10.22 2.52 12.76
N LEU B 470 -9.00 2.99 12.51
CA LEU B 470 -8.79 4.03 11.53
C LEU B 470 -9.22 3.58 10.15
N ILE B 471 -8.88 2.34 9.77
CA ILE B 471 -9.30 1.80 8.49
C ILE B 471 -10.82 1.75 8.41
N TRP B 472 -11.47 1.30 9.48
CA TRP B 472 -12.92 1.20 9.48
C TRP B 472 -13.58 2.56 9.32
N ILE B 473 -13.13 3.54 10.11
CA ILE B 473 -13.73 4.87 10.06
C ILE B 473 -13.48 5.52 8.70
N MET B 474 -12.26 5.40 8.18
CA MET B 474 -11.95 5.99 6.89
C MET B 474 -12.75 5.32 5.78
N THR B 475 -12.92 4.00 5.83
CA THR B 475 -13.72 3.32 4.84
C THR B 475 -15.18 3.77 4.90
N PHE B 476 -15.73 3.88 6.11
CA PHE B 476 -17.11 4.34 6.26
C PHE B 476 -17.27 5.73 5.68
N ILE B 477 -16.38 6.65 6.04
CA ILE B 477 -16.49 8.03 5.56
C ILE B 477 -16.32 8.09 4.05
N PHE B 478 -15.32 7.38 3.52
CA PHE B 478 -15.07 7.41 2.09
C PHE B 478 -16.25 6.87 1.31
N THR B 479 -16.82 5.74 1.76
CA THR B 479 -17.96 5.18 1.04
C THR B 479 -19.16 6.12 1.12
N ILE B 480 -19.45 6.64 2.31
CA ILE B 480 -20.60 7.53 2.47
C ILE B 480 -20.46 8.75 1.57
N VAL B 481 -19.28 9.35 1.52
CA VAL B 481 -19.08 10.55 0.72
C VAL B 481 -19.11 10.24 -0.76
N LEU B 482 -18.43 9.18 -1.18
CA LEU B 482 -18.10 8.98 -2.59
C LEU B 482 -19.03 8.03 -3.33
N GLY B 483 -19.94 7.34 -2.65
CA GLY B 483 -20.71 6.34 -3.36
C GLY B 483 -19.90 5.07 -3.55
N LEU B 484 -20.56 3.91 -3.49
CA LEU B 484 -19.83 2.64 -3.41
C LEU B 484 -18.97 2.36 -4.62
N GLY B 485 -19.20 3.06 -5.74
CA GLY B 485 -18.36 2.85 -6.91
C GLY B 485 -16.92 3.24 -6.68
N LEU B 486 -16.70 4.37 -5.99
CA LEU B 486 -15.36 4.86 -5.70
C LEU B 486 -14.95 4.63 -4.25
N GLY B 487 -15.91 4.44 -3.34
CA GLY B 487 -15.57 4.26 -1.94
C GLY B 487 -14.75 3.02 -1.71
N LEU B 488 -15.07 1.93 -2.39
CA LEU B 488 -14.29 0.71 -2.25
C LEU B 488 -12.85 0.92 -2.71
N ALA B 489 -12.65 1.61 -3.83
CA ALA B 489 -11.31 1.85 -4.33
C ALA B 489 -10.52 2.75 -3.39
N ALA B 490 -11.14 3.83 -2.92
CA ALA B 490 -10.44 4.71 -1.99
C ALA B 490 -10.11 3.99 -0.69
N SER B 491 -11.04 3.15 -0.21
CA SER B 491 -10.79 2.38 1.01
C SER B 491 -9.64 1.41 0.81
N VAL B 492 -9.58 0.76 -0.34
CA VAL B 492 -8.48 -0.18 -0.61
C VAL B 492 -7.16 0.57 -0.66
N ALA B 493 -7.14 1.74 -1.30
CA ALA B 493 -5.91 2.52 -1.34
C ALA B 493 -5.47 2.92 0.06
N PHE B 494 -6.39 3.37 0.89
CA PHE B 494 -6.03 3.75 2.26
C PHE B 494 -5.57 2.54 3.07
N GLN B 495 -6.22 1.39 2.88
CA GLN B 495 -5.82 0.20 3.60
C GLN B 495 -4.41 -0.22 3.21
N LEU B 496 -4.09 -0.17 1.92
CA LEU B 496 -2.73 -0.47 1.49
C LEU B 496 -1.74 0.53 2.07
N LEU B 497 -2.13 1.81 2.13
CA LEU B 497 -1.26 2.82 2.71
C LEU B 497 -1.01 2.55 4.18
N THR B 498 -2.00 2.00 4.90
CA THR B 498 -1.80 1.76 6.32
C THR B 498 -0.73 0.71 6.59
N ILE B 499 -0.41 -0.15 5.62
CA ILE B 499 0.70 -1.09 5.82
C ILE B 499 2.01 -0.33 5.97
N VAL B 500 2.26 0.62 5.07
CA VAL B 500 3.44 1.48 5.21
C VAL B 500 3.33 2.35 6.45
N PHE B 501 2.09 2.72 6.83
CA PHE B 501 1.90 3.51 8.04
C PHE B 501 2.35 2.75 9.28
N ARG B 502 2.06 1.44 9.34
CA ARG B 502 2.38 0.66 10.52
C ARG B 502 3.88 0.61 10.77
N THR B 503 4.65 0.34 9.71
CA THR B 503 6.10 0.18 9.81
C THR B 503 6.84 1.44 9.38
N GLN B 504 6.18 2.59 9.43
CA GLN B 504 6.83 3.84 9.05
C GLN B 504 7.85 4.25 10.09
N PHE B 505 7.54 4.04 11.36
CA PHE B 505 8.42 4.43 12.47
C PHE B 505 8.58 3.23 13.39
N PRO B 506 9.45 2.29 13.04
CA PRO B 506 9.66 1.13 13.90
C PRO B 506 10.27 1.53 15.24
N LYS B 507 9.88 0.81 16.28
CA LYS B 507 10.40 1.06 17.63
C LYS B 507 11.80 0.46 17.73
N CYS B 508 12.75 1.15 17.10
CA CYS B 508 14.13 0.70 17.12
C CYS B 508 14.67 0.70 18.54
N SER B 509 15.47 -0.31 18.86
CA SER B 509 15.90 -0.49 20.24
C SER B 509 17.37 -0.89 20.29
N THR B 510 17.94 -0.73 21.48
CA THR B 510 19.30 -1.17 21.78
C THR B 510 19.22 -2.41 22.67
N LEU B 511 19.95 -3.45 22.31
CA LEU B 511 19.92 -4.71 23.03
C LEU B 511 21.07 -4.79 24.03
N ALA B 512 20.87 -5.66 25.02
CA ALA B 512 21.89 -5.89 26.04
C ALA B 512 21.68 -7.27 26.64
N ASN B 513 22.75 -7.80 27.23
CA ASN B 513 22.74 -9.13 27.81
C ASN B 513 21.90 -9.16 29.08
N ILE B 514 21.37 -10.35 29.39
CA ILE B 514 20.57 -10.57 30.59
C ILE B 514 21.08 -11.84 31.28
N GLY B 515 21.44 -11.71 32.55
CA GLY B 515 21.84 -12.87 33.31
C GLY B 515 23.17 -13.48 32.91
N ARG B 516 24.01 -12.72 32.21
CA ARG B 516 25.32 -13.19 31.76
C ARG B 516 25.19 -14.50 30.99
N THR B 517 24.25 -14.52 30.05
CA THR B 517 23.91 -15.72 29.30
C THR B 517 23.71 -15.29 27.84
N ASN B 518 23.13 -16.18 27.03
CA ASN B 518 22.90 -15.89 25.61
C ASN B 518 21.52 -15.31 25.34
N ILE B 519 20.95 -14.60 26.31
CA ILE B 519 19.66 -13.93 26.16
C ILE B 519 19.92 -12.43 26.06
N TYR B 520 19.33 -11.79 25.06
CA TYR B 520 19.51 -10.36 24.84
C TYR B 520 18.15 -9.69 24.75
N LYS B 521 17.97 -8.61 25.51
CA LYS B 521 16.69 -7.93 25.59
C LYS B 521 16.90 -6.42 25.48
N ASN B 522 15.81 -5.67 25.61
CA ASN B 522 15.85 -4.23 25.44
C ASN B 522 16.69 -3.58 26.53
N LYS B 523 17.21 -2.39 26.22
CA LYS B 523 18.13 -1.71 27.11
C LYS B 523 17.44 -0.85 28.16
N LYS B 524 16.11 -0.83 28.19
CA LYS B 524 15.37 -0.08 29.20
C LYS B 524 14.27 -0.93 29.80
N ASP B 525 14.56 -2.20 30.06
CA ASP B 525 13.54 -3.13 30.53
C ASP B 525 13.97 -3.99 31.71
N TYR B 526 15.22 -3.94 32.14
CA TYR B 526 15.70 -4.82 33.21
C TYR B 526 16.74 -4.07 34.04
N TYR B 527 17.30 -4.78 35.02
CA TYR B 527 18.22 -4.17 35.99
C TYR B 527 19.61 -4.76 35.97
N ASP B 528 19.75 -6.08 35.86
CA ASP B 528 21.06 -6.73 35.95
C ASP B 528 21.71 -6.82 34.57
N MET B 529 21.42 -5.88 33.70
CA MET B 529 21.93 -5.87 32.34
C MET B 529 23.43 -5.60 32.32
N TYR B 530 24.08 -6.05 31.25
CA TYR B 530 25.51 -5.80 31.07
C TYR B 530 25.78 -5.73 29.57
N GLU B 531 25.93 -4.53 29.05
CA GLU B 531 26.41 -4.41 27.68
C GLU B 531 27.91 -4.68 27.62
N PRO B 532 28.39 -5.43 26.63
CA PRO B 532 29.83 -5.61 26.49
C PRO B 532 30.51 -4.28 26.19
N GLU B 533 31.76 -4.18 26.63
CA GLU B 533 32.50 -2.93 26.47
C GLU B 533 32.73 -2.64 24.99
N GLY B 534 32.53 -1.38 24.61
CA GLY B 534 32.75 -0.96 23.24
C GLY B 534 31.91 -1.69 22.21
N VAL B 535 30.77 -2.25 22.60
CA VAL B 535 29.90 -2.99 21.70
C VAL B 535 28.48 -2.49 21.89
N LYS B 536 27.85 -2.06 20.81
CA LYS B 536 26.45 -1.63 20.81
C LYS B 536 25.67 -2.52 19.86
N ILE B 537 24.57 -3.08 20.34
CA ILE B 537 23.73 -3.99 19.57
C ILE B 537 22.43 -3.28 19.24
N PHE B 538 22.09 -3.22 17.97
CA PHE B 538 20.91 -2.50 17.50
C PHE B 538 19.90 -3.46 16.91
N ARG B 539 18.62 -3.21 17.18
CA ARG B 539 17.54 -4.05 16.68
C ARG B 539 16.47 -3.18 16.05
N CYS B 540 16.09 -3.51 14.81
CA CYS B 540 15.04 -2.79 14.09
C CYS B 540 13.89 -3.76 13.81
N PRO B 541 12.85 -3.76 14.64
CA PRO B 541 11.82 -4.79 14.58
C PRO B 541 10.75 -4.55 13.50
N SER B 542 11.21 -4.23 12.29
CA SER B 542 10.30 -4.06 11.16
C SER B 542 11.13 -4.17 9.89
N PRO B 543 10.54 -4.63 8.78
CA PRO B 543 11.28 -4.67 7.52
C PRO B 543 11.66 -3.27 7.08
N ILE B 544 12.79 -3.18 6.40
CA ILE B 544 13.35 -1.90 5.97
C ILE B 544 13.15 -1.78 4.47
N TYR B 545 12.36 -0.79 4.05
CA TYR B 545 12.14 -0.50 2.65
C TYR B 545 12.23 1.01 2.47
N PHE B 546 11.76 1.50 1.32
CA PHE B 546 11.96 2.90 0.96
C PHE B 546 11.46 3.86 2.03
N ALA B 547 10.41 3.49 2.77
CA ALA B 547 9.83 4.36 3.76
C ALA B 547 10.47 4.23 5.14
N ASN B 548 11.49 3.40 5.27
CA ASN B 548 12.11 3.14 6.57
C ASN B 548 13.60 3.40 6.63
N ILE B 549 14.30 3.43 5.50
CA ILE B 549 15.75 3.46 5.54
C ILE B 549 16.25 4.76 6.17
N GLY B 550 15.58 5.87 5.89
CA GLY B 550 15.98 7.14 6.50
C GLY B 550 15.79 7.13 8.01
N PHE B 551 14.61 6.67 8.45
CA PHE B 551 14.34 6.61 9.88
C PHE B 551 15.26 5.61 10.58
N PHE B 552 15.48 4.46 9.95
CA PHE B 552 16.39 3.48 10.55
C PHE B 552 17.80 4.04 10.66
N ARG B 553 18.28 4.71 9.63
CA ARG B 553 19.62 5.29 9.68
C ARG B 553 19.73 6.34 10.77
N ARG B 554 18.72 7.22 10.85
CA ARG B 554 18.76 8.25 11.89
C ARG B 554 18.73 7.66 13.28
N LYS B 555 17.86 6.66 13.51
CA LYS B 555 17.77 6.04 14.82
C LYS B 555 19.06 5.32 15.18
N LEU B 556 19.66 4.62 14.22
CA LEU B 556 20.91 3.92 14.48
C LEU B 556 22.03 4.89 14.82
N ILE B 557 22.13 6.00 14.07
CA ILE B 557 23.18 6.98 14.35
C ILE B 557 22.96 7.61 15.72
N ASP B 558 21.71 7.93 16.06
CA ASP B 558 21.43 8.50 17.37
C ASP B 558 21.76 7.53 18.49
N ALA B 559 21.42 6.25 18.31
CA ALA B 559 21.71 5.25 19.33
C ALA B 559 23.21 5.06 19.51
N VAL B 560 23.96 5.04 18.41
CA VAL B 560 25.41 4.90 18.51
C VAL B 560 26.02 6.10 19.20
N GLY B 561 25.58 7.31 18.83
CA GLY B 561 26.01 8.53 19.48
C GLY B 561 26.82 9.47 18.61
N PHE B 562 27.16 9.09 17.38
CA PHE B 562 27.94 9.95 16.52
C PHE B 562 27.70 9.57 15.07
N SER B 563 27.67 10.55 14.19
CA SER B 563 27.55 10.29 12.77
C SER B 563 28.89 9.80 12.24
N PRO B 564 28.97 8.59 11.68
CA PRO B 564 30.27 8.09 11.19
C PRO B 564 30.89 8.97 10.11
N LEU B 565 30.07 9.61 9.26
CA LEU B 565 30.64 10.46 8.22
C LEU B 565 31.38 11.64 8.82
N ARG B 566 30.85 12.22 9.89
CA ARG B 566 31.54 13.33 10.54
C ARG B 566 32.89 12.89 11.08
N ILE B 567 32.94 11.73 11.71
CA ILE B 567 34.21 11.22 12.24
C ILE B 567 35.19 10.97 11.11
N LEU B 568 34.72 10.37 10.02
CA LEU B 568 35.60 10.10 8.89
C LEU B 568 36.14 11.39 8.29
N ARG B 569 35.30 12.39 8.13
CA ARG B 569 35.74 13.67 7.57
C ARG B 569 36.73 14.36 8.50
N LYS B 570 36.47 14.34 9.81
CA LYS B 570 37.41 14.95 10.74
C LYS B 570 38.75 14.23 10.72
N ARG B 571 38.73 12.90 10.65
CA ARG B 571 39.98 12.14 10.57
C ARG B 571 40.74 12.48 9.30
N ASN B 572 40.02 12.59 8.17
CA ASN B 572 40.68 12.94 6.92
C ASN B 572 41.28 14.33 6.98
N LYS B 573 40.57 15.28 7.57
CA LYS B 573 41.10 16.64 7.71
C LYS B 573 42.33 16.65 8.59
N ALA B 574 42.30 15.89 9.70
CA ALA B 574 43.47 15.80 10.56
C ALA B 574 44.65 15.18 9.84
N LEU B 575 44.39 14.14 9.04
CA LEU B 575 45.47 13.50 8.28
C LEU B 575 46.06 14.48 7.27
N ARG B 576 45.21 15.25 6.59
CA ARG B 576 45.71 16.23 5.64
C ARG B 576 46.55 17.31 6.32
N LYS B 577 46.10 17.76 7.51
CA LYS B 577 46.88 18.75 8.25
C LYS B 577 48.22 18.18 8.68
N ILE B 578 48.23 16.93 9.14
CA ILE B 578 49.48 16.29 9.55
C ILE B 578 50.42 16.16 8.37
N ARG B 579 49.90 15.75 7.21
CA ARG B 579 50.73 15.64 6.02
C ARG B 579 51.28 17.00 5.60
N LYS B 580 50.46 18.04 5.71
CA LYS B 580 50.94 19.38 5.38
C LYS B 580 52.07 19.81 6.31
N LEU B 581 51.91 19.56 7.62
CA LEU B 581 52.97 19.91 8.56
C LEU B 581 54.23 19.11 8.29
N GLN B 582 54.09 17.83 7.97
CA GLN B 582 55.27 17.02 7.64
C GLN B 582 55.96 17.54 6.39
N LYS B 583 55.18 17.94 5.38
CA LYS B 583 55.77 18.53 4.18
C LYS B 583 56.51 19.82 4.50
N GLN B 584 55.93 20.65 5.37
CA GLN B 584 56.61 21.86 5.81
C GLN B 584 57.79 21.59 6.72
N GLY B 585 57.94 20.36 7.20
CA GLY B 585 59.05 19.99 8.05
C GLY B 585 58.87 20.28 9.52
N LEU B 586 57.77 20.92 9.92
CA LEU B 586 57.54 21.21 11.34
C LEU B 586 57.36 19.95 12.16
N LEU B 587 56.96 18.84 11.54
CA LEU B 587 56.77 17.57 12.22
C LEU B 587 57.65 16.52 11.57
N GLN B 588 58.38 15.77 12.40
CA GLN B 588 59.28 14.72 11.93
C GLN B 588 58.65 13.37 12.22
N VAL B 589 58.58 12.53 11.19
CA VAL B 589 57.93 11.23 11.28
C VAL B 589 58.89 10.21 11.85
N THR B 590 58.48 9.55 12.92
CA THR B 590 59.23 8.49 13.57
C THR B 590 58.35 7.25 13.66
N PRO B 591 58.94 6.06 13.78
CA PRO B 591 58.10 4.85 13.90
C PRO B 591 57.16 4.89 15.08
N LYS B 592 57.57 5.50 16.20
CA LYS B 592 56.72 5.67 17.37
C LYS B 592 56.56 7.16 17.62
N GLY B 593 55.38 7.69 17.28
CA GLY B 593 55.13 9.10 17.50
C GLY B 593 55.88 9.98 16.52
N PHE B 594 55.88 11.28 16.85
CA PHE B 594 56.57 12.29 16.07
C PHE B 594 57.37 13.19 17.00
N ILE B 595 58.41 13.81 16.44
CA ILE B 595 59.25 14.69 17.23
C ILE B 595 58.50 15.95 17.62
N CYS B 596 57.72 16.51 16.69
CA CYS B 596 56.92 17.71 16.91
C CYS B 596 57.79 18.89 17.34
N THR B 597 58.66 19.30 16.40
CA THR B 597 59.61 20.38 16.65
C THR B 597 58.92 21.74 16.56
N VAL B 598 57.89 21.91 17.40
CA VAL B 598 57.17 23.17 17.48
C VAL B 598 56.44 23.24 18.83
N ASP B 599 56.60 24.37 19.52
CA ASP B 599 55.90 24.54 20.79
C ASP B 599 54.40 24.73 20.58
N THR B 600 54.03 25.59 19.63
CA THR B 600 52.63 25.89 19.35
C THR B 600 52.55 26.55 17.98
N ILE B 601 51.58 26.11 17.18
CA ILE B 601 51.38 26.65 15.84
C ILE B 601 50.31 27.71 15.91
N LYS B 602 50.22 28.52 14.85
CA LYS B 602 49.25 29.60 14.77
C LYS B 602 47.85 29.12 14.43
N ASP B 603 47.65 27.81 14.27
CA ASP B 603 46.36 27.23 13.91
C ASP B 603 45.86 27.83 12.59
N SER B 604 46.63 27.58 11.53
CA SER B 604 46.30 28.05 10.19
C SER B 604 45.40 27.01 9.50
N ASP B 605 44.21 26.85 10.08
CA ASP B 605 43.24 25.90 9.53
C ASP B 605 42.80 26.33 8.14
N GLU B 606 42.76 25.38 7.22
CA GLU B 606 42.40 25.63 5.84
C GLU B 606 40.95 25.27 5.59
N GLU B 607 40.25 26.12 4.85
CA GLU B 607 38.87 25.87 4.44
C GLU B 607 38.88 25.36 3.01
N LEU B 608 38.47 24.10 2.83
CA LEU B 608 38.47 23.49 1.51
C LEU B 608 37.28 24.00 0.71
N ASP B 609 37.53 24.42 -0.53
CA ASP B 609 36.48 24.95 -1.37
C ASP B 609 35.63 23.80 -1.94
N ASN B 610 34.64 24.16 -2.75
CA ASN B 610 33.79 23.15 -3.37
C ASN B 610 34.57 22.39 -4.44
N ASN B 611 33.97 21.30 -4.90
CA ASN B 611 34.57 20.36 -5.84
C ASN B 611 35.83 19.70 -5.28
N GLN B 612 36.13 19.90 -4.00
CA GLN B 612 37.25 19.26 -3.34
C GLN B 612 36.90 18.66 -1.99
N ILE B 613 35.73 18.98 -1.43
CA ILE B 613 35.33 18.41 -0.15
C ILE B 613 35.16 16.90 -0.25
N GLU B 614 34.77 16.41 -1.43
CA GLU B 614 34.61 14.98 -1.63
C GLU B 614 35.90 14.21 -1.36
N VAL B 615 37.06 14.86 -1.49
CA VAL B 615 38.32 14.20 -1.18
C VAL B 615 38.35 13.77 0.28
N LEU B 616 37.78 14.59 1.16
CA LEU B 616 37.70 14.22 2.56
C LEU B 616 36.85 12.97 2.79
N ASP B 617 35.97 12.64 1.86
CA ASP B 617 35.11 11.47 2.02
C ASP B 617 35.83 10.16 1.75
N GLN B 618 37.00 10.21 1.10
CA GLN B 618 37.70 8.98 0.74
C GLN B 618 38.23 8.29 1.99
N PRO B 619 38.36 6.96 1.95
CA PRO B 619 38.91 6.24 3.10
C PRO B 619 40.37 6.59 3.33
N ILE B 620 40.78 6.47 4.59
CA ILE B 620 42.12 6.83 5.02
C ILE B 620 43.01 5.60 4.98
N ASN B 621 44.19 5.74 4.40
CA ASN B 621 45.17 4.65 4.34
C ASN B 621 46.55 5.26 4.59
N THR B 622 47.04 5.12 5.81
CA THR B 622 48.36 5.65 6.19
C THR B 622 49.45 4.59 6.05
N THR B 623 49.52 3.97 4.86
CA THR B 623 50.59 3.01 4.62
C THR B 623 51.95 3.68 4.52
N ASP B 624 51.99 4.91 3.99
CA ASP B 624 53.24 5.63 3.89
C ASP B 624 53.83 5.93 5.26
N LEU B 625 52.99 6.34 6.21
CA LEU B 625 53.46 6.69 7.54
C LEU B 625 53.72 5.43 8.35
N PRO B 626 54.95 5.21 8.84
CA PRO B 626 55.19 4.01 9.67
C PRO B 626 54.37 3.99 10.94
N PHE B 627 54.09 5.15 11.53
CA PHE B 627 53.31 5.21 12.76
C PHE B 627 51.86 4.88 12.45
N HIS B 628 51.35 3.81 13.07
CA HIS B 628 49.94 3.46 12.97
C HIS B 628 49.18 4.34 13.97
N ILE B 629 48.51 5.36 13.46
CA ILE B 629 47.82 6.32 14.33
C ILE B 629 46.61 5.66 14.95
N ASP B 630 46.50 5.76 16.27
CA ASP B 630 45.40 5.12 16.99
C ASP B 630 44.08 5.86 16.82
N TRP B 631 44.12 7.16 16.51
CA TRP B 631 42.95 8.00 16.33
C TRP B 631 42.08 8.10 17.59
N ASN B 632 42.59 7.67 18.73
CA ASN B 632 41.79 7.69 19.95
C ASN B 632 42.51 8.20 21.19
N ASP B 633 43.83 8.33 21.19
CA ASP B 633 44.54 8.79 22.38
C ASP B 633 44.77 10.30 22.35
N ASP B 634 45.55 10.78 21.38
CA ASP B 634 45.85 12.19 21.23
C ASP B 634 46.70 12.37 19.98
N LEU B 635 46.70 13.61 19.46
CA LEU B 635 47.48 13.99 18.31
C LEU B 635 48.32 15.21 18.66
N PRO B 636 49.48 15.37 18.03
CA PRO B 636 50.30 16.55 18.27
C PRO B 636 49.61 17.81 17.80
N LEU B 637 49.99 18.93 18.42
CA LEU B 637 49.47 20.27 18.11
C LEU B 637 47.99 20.41 18.39
N ASN B 638 47.43 19.53 19.22
CA ASN B 638 46.05 19.61 19.70
C ASN B 638 45.06 19.64 18.54
N ILE B 639 45.05 18.55 17.77
CA ILE B 639 44.06 18.39 16.71
C ILE B 639 42.73 17.94 17.32
N GLU B 640 41.64 18.24 16.62
CA GLU B 640 40.31 17.92 17.12
C GLU B 640 40.14 16.41 17.31
N VAL B 641 40.17 15.66 16.22
CA VAL B 641 40.13 14.19 16.18
C VAL B 641 39.18 13.64 17.24
N PRO B 642 37.87 13.78 17.06
CA PRO B 642 36.93 13.28 18.06
C PRO B 642 37.10 11.79 18.31
N LYS B 643 37.01 11.40 19.57
CA LYS B 643 37.24 10.01 19.97
C LYS B 643 35.93 9.23 19.95
N ILE B 644 36.04 7.93 19.73
CA ILE B 644 34.90 7.03 19.73
C ILE B 644 35.20 5.86 20.65
N SER B 645 34.30 5.60 21.60
CA SER B 645 34.49 4.48 22.51
C SER B 645 34.04 3.16 21.88
N LEU B 646 33.01 3.21 21.05
CA LEU B 646 32.49 2.00 20.42
C LEU B 646 33.52 1.43 19.45
N HIS B 647 33.72 0.12 19.52
CA HIS B 647 34.69 -0.56 18.67
C HIS B 647 34.10 -1.74 17.92
N SER B 648 32.80 -2.00 18.04
CA SER B 648 32.15 -3.05 17.27
C SER B 648 30.64 -2.88 17.39
N LEU B 649 29.93 -3.12 16.30
CA LEU B 649 28.49 -2.92 16.24
C LEU B 649 27.84 -4.16 15.65
N ILE B 650 26.77 -4.63 16.28
CA ILE B 650 26.05 -5.83 15.86
C ILE B 650 24.62 -5.41 15.54
N LEU B 651 24.19 -5.64 14.31
CA LEU B 651 22.83 -5.34 13.89
C LEU B 651 21.98 -6.59 14.03
N ASP B 652 20.95 -6.51 14.87
CA ASP B 652 20.05 -7.64 15.09
C ASP B 652 19.00 -7.65 13.98
N PHE B 653 19.37 -8.22 12.85
CA PHE B 653 18.46 -8.38 11.72
C PHE B 653 17.62 -9.64 11.86
N SER B 654 17.00 -9.81 13.02
CA SER B 654 16.14 -10.96 13.25
C SER B 654 14.71 -10.73 12.81
N ALA B 655 14.27 -9.47 12.79
CA ALA B 655 12.93 -9.14 12.34
C ALA B 655 12.88 -8.56 10.93
N VAL B 656 14.04 -8.30 10.32
CA VAL B 656 14.06 -7.78 8.96
C VAL B 656 13.59 -8.87 8.01
N SER B 657 12.58 -8.54 7.19
CA SER B 657 11.98 -9.53 6.32
C SER B 657 12.31 -9.33 4.84
N PHE B 658 12.59 -8.11 4.40
CA PHE B 658 12.89 -7.88 3.00
C PHE B 658 13.48 -6.49 2.81
N LEU B 659 14.51 -6.41 1.97
CA LEU B 659 15.07 -5.16 1.49
C LEU B 659 15.09 -5.23 -0.03
N ASP B 660 14.77 -4.14 -0.71
CA ASP B 660 14.62 -4.20 -2.17
C ASP B 660 15.68 -3.41 -2.91
N VAL B 661 15.67 -2.07 -2.85
CA VAL B 661 16.74 -1.31 -3.49
C VAL B 661 17.21 -0.19 -2.57
N SER B 662 16.29 0.71 -2.20
CA SER B 662 16.68 1.91 -1.47
C SER B 662 17.25 1.57 -0.10
N SER B 663 16.60 0.64 0.60
CA SER B 663 17.14 0.20 1.89
C SER B 663 18.49 -0.47 1.71
N VAL B 664 18.68 -1.20 0.60
CA VAL B 664 19.97 -1.83 0.35
C VAL B 664 21.04 -0.77 0.12
N ARG B 665 20.72 0.28 -0.64
CA ARG B 665 21.69 1.35 -0.85
C ARG B 665 22.04 2.05 0.45
N GLY B 666 21.02 2.34 1.27
CA GLY B 666 21.29 2.96 2.55
C GLY B 666 22.11 2.08 3.47
N LEU B 667 21.80 0.79 3.50
CA LEU B 667 22.56 -0.15 4.33
C LEU B 667 24.00 -0.25 3.85
N LYS B 668 24.21 -0.29 2.54
CA LYS B 668 25.58 -0.33 2.01
C LYS B 668 26.34 0.94 2.39
N SER B 669 25.69 2.10 2.27
CA SER B 669 26.35 3.34 2.66
C SER B 669 26.71 3.34 4.14
N ILE B 670 25.78 2.89 4.99
CA ILE B 670 26.05 2.86 6.42
C ILE B 670 27.18 1.91 6.75
N LEU B 671 27.17 0.72 6.14
CA LEU B 671 28.23 -0.26 6.41
C LEU B 671 29.58 0.25 5.93
N GLN B 672 29.62 0.88 4.75
CA GLN B 672 30.89 1.44 4.28
C GLN B 672 31.38 2.53 5.22
N GLU B 673 30.47 3.40 5.67
CA GLU B 673 30.83 4.47 6.59
C GLU B 673 31.41 3.91 7.88
N PHE B 674 30.77 2.88 8.44
CA PHE B 674 31.26 2.31 9.69
C PHE B 674 32.59 1.59 9.48
N ILE B 675 32.71 0.82 8.41
CA ILE B 675 33.95 0.08 8.16
C ILE B 675 35.12 1.04 7.98
N ARG B 676 34.89 2.17 7.29
CA ARG B 676 35.98 3.06 6.96
C ARG B 676 36.57 3.76 8.18
N ILE B 677 35.80 3.90 9.27
CA ILE B 677 36.30 4.55 10.46
C ILE B 677 36.88 3.51 11.41
N LYS B 678 37.10 2.29 10.89
CA LYS B 678 37.78 1.21 11.59
C LYS B 678 36.97 0.72 12.80
N VAL B 679 35.69 0.42 12.56
CA VAL B 679 34.89 -0.35 13.50
C VAL B 679 34.18 -1.44 12.72
N ASP B 680 34.35 -2.69 13.15
CA ASP B 680 33.73 -3.82 12.46
C ASP B 680 32.22 -3.78 12.66
N VAL B 681 31.50 -4.36 11.71
CA VAL B 681 30.05 -4.43 11.74
C VAL B 681 29.62 -5.84 11.42
N TYR B 682 28.66 -6.36 12.20
CA TYR B 682 28.17 -7.72 12.03
C TYR B 682 26.66 -7.72 11.94
N ILE B 683 26.13 -8.54 11.04
CA ILE B 683 24.69 -8.70 10.85
C ILE B 683 24.31 -10.09 11.34
N VAL B 684 23.25 -10.17 12.15
CA VAL B 684 22.94 -11.36 12.92
C VAL B 684 21.46 -11.68 12.81
N GLY B 685 21.14 -12.96 12.71
CA GLY B 685 19.79 -13.46 12.83
C GLY B 685 19.13 -13.83 11.52
N THR B 686 19.68 -13.41 10.39
CA THR B 686 19.05 -13.69 9.11
C THR B 686 19.25 -15.15 8.72
N ASP B 687 18.25 -15.69 8.04
CA ASP B 687 18.31 -17.06 7.57
C ASP B 687 19.10 -17.13 6.27
N ASP B 688 19.15 -18.33 5.66
CA ASP B 688 19.88 -18.51 4.42
C ASP B 688 19.21 -17.78 3.26
N ASP B 689 17.88 -17.72 3.26
CA ASP B 689 17.17 -17.06 2.16
C ASP B 689 17.52 -15.58 2.09
N PHE B 690 17.65 -14.93 3.25
CA PHE B 690 17.93 -13.50 3.24
C PHE B 690 19.31 -13.19 2.69
N ILE B 691 20.33 -13.93 3.13
CA ILE B 691 21.67 -13.69 2.63
C ILE B 691 21.75 -14.04 1.15
N GLU B 692 21.04 -15.10 0.74
CA GLU B 692 20.99 -15.44 -0.69
C GLU B 692 20.40 -14.29 -1.50
N LYS B 693 19.30 -13.69 -1.01
CA LYS B 693 18.70 -12.57 -1.71
C LYS B 693 19.63 -11.36 -1.74
N LEU B 694 20.27 -11.07 -0.61
CA LEU B 694 21.18 -9.93 -0.55
C LEU B 694 22.40 -10.12 -1.43
N ASN B 695 22.78 -11.35 -1.73
CA ASN B 695 23.91 -11.60 -2.61
C ASN B 695 23.68 -11.05 -4.01
N ARG B 696 22.42 -10.93 -4.44
CA ARG B 696 22.12 -10.43 -5.77
C ARG B 696 22.28 -8.92 -5.89
N TYR B 697 22.05 -8.18 -4.81
CA TYR B 697 22.05 -6.72 -4.86
C TYR B 697 23.43 -6.13 -4.98
N GLU B 698 24.47 -6.91 -5.29
CA GLU B 698 25.85 -6.41 -5.32
C GLU B 698 26.26 -5.83 -3.97
N PHE B 699 25.64 -6.32 -2.90
CA PHE B 699 25.93 -5.82 -1.57
C PHE B 699 27.38 -6.07 -1.19
N PHE B 700 27.88 -7.27 -1.47
CA PHE B 700 29.24 -7.62 -1.09
C PHE B 700 30.24 -7.14 -2.14
N ASP B 701 31.41 -6.72 -1.66
CA ASP B 701 32.49 -6.29 -2.52
C ASP B 701 33.79 -6.43 -1.73
N GLY B 702 34.85 -5.77 -2.21
CA GLY B 702 36.12 -5.83 -1.51
C GLY B 702 36.08 -5.24 -0.11
N GLU B 703 35.12 -4.36 0.17
CA GLU B 703 35.03 -3.72 1.48
C GLU B 703 34.12 -4.47 2.43
N VAL B 704 32.86 -4.67 2.04
CA VAL B 704 31.89 -5.36 2.88
C VAL B 704 31.89 -6.83 2.45
N LYS B 705 32.73 -7.62 3.09
CA LYS B 705 32.85 -9.03 2.75
C LYS B 705 31.63 -9.80 3.23
N SER B 706 31.61 -11.10 2.93
CA SER B 706 30.52 -11.97 3.33
C SER B 706 30.74 -12.59 4.70
N SER B 707 31.82 -12.25 5.38
CA SER B 707 32.11 -12.76 6.71
C SER B 707 31.44 -11.93 7.81
N ILE B 708 30.70 -10.88 7.46
CA ILE B 708 30.04 -10.05 8.45
C ILE B 708 28.71 -10.65 8.91
N PHE B 709 28.21 -11.68 8.24
CA PHE B 709 26.97 -12.31 8.63
C PHE B 709 27.22 -13.40 9.66
N PHE B 710 26.38 -13.45 10.69
CA PHE B 710 26.53 -14.44 11.75
C PHE B 710 25.22 -15.15 12.01
N LEU B 711 25.16 -15.95 13.08
CA LEU B 711 23.98 -16.76 13.37
C LEU B 711 23.15 -16.21 14.52
N THR B 712 23.77 -15.95 15.66
CA THR B 712 23.06 -15.45 16.82
C THR B 712 23.86 -14.31 17.44
N ILE B 713 23.15 -13.44 18.18
CA ILE B 713 23.80 -12.29 18.79
C ILE B 713 24.93 -12.74 19.72
N HIS B 714 24.68 -13.80 20.50
CA HIS B 714 25.73 -14.31 21.37
C HIS B 714 26.91 -14.83 20.57
N ASP B 715 26.66 -15.43 19.41
CA ASP B 715 27.76 -15.85 18.55
C ASP B 715 28.60 -14.66 18.12
N ALA B 716 27.95 -13.57 17.73
CA ALA B 716 28.68 -12.38 17.29
C ALA B 716 29.52 -11.81 18.43
N VAL B 717 28.93 -11.69 19.63
CA VAL B 717 29.68 -11.09 20.73
C VAL B 717 30.82 -12.00 21.16
N LEU B 718 30.63 -13.32 21.11
CA LEU B 718 31.71 -14.23 21.45
C LEU B 718 32.83 -14.15 20.44
N HIS B 719 32.50 -14.02 19.15
CA HIS B 719 33.53 -13.82 18.13
C HIS B 719 34.27 -12.53 18.37
N ILE B 720 33.55 -11.46 18.74
CA ILE B 720 34.20 -10.18 19.00
C ILE B 720 35.17 -10.31 20.18
N LEU B 721 34.73 -10.95 21.26
CA LEU B 721 35.59 -11.12 22.42
C LEU B 721 36.81 -11.97 22.10
N MET B 722 36.61 -13.03 21.32
CA MET B 722 37.75 -13.88 20.93
C MET B 722 38.75 -13.10 20.09
N LYS B 723 38.26 -12.31 19.13
CA LYS B 723 39.17 -11.58 18.25
C LYS B 723 39.91 -10.48 19.00
N LYS B 724 39.21 -9.75 19.88
CA LYS B 724 39.84 -8.64 20.58
C LYS B 724 40.91 -9.14 21.55
N ASP B 725 40.65 -10.22 22.25
CA ASP B 725 41.62 -10.77 23.20
C ASP B 725 41.39 -12.26 23.42
#